data_1GQL
#
_entry.id   1GQL
#
_cell.length_a   69.256
_cell.length_b   74.323
_cell.length_c   87.273
_cell.angle_alpha   115.15
_cell.angle_beta   92.94
_cell.angle_gamma   109.24
#
_symmetry.space_group_name_H-M   'P 1'
#
loop_
_entity.id
_entity.type
_entity.pdbx_description
1 polymer ALPHA-D-GLUCURONIDASE
2 branched beta-D-xylopyranose-(1-1)-beta-D-xylopyranose
3 non-polymer 'beta-D-glucopyranuronic acid'
4 non-polymer 1,2-ETHANEDIOL
5 non-polymer 'COBALT (II) ION'
6 water water
#
_entity_poly.entity_id   1
_entity_poly.type   'polypeptide(L)'
_entity_poly.pdbx_seq_one_letter_code
;EDGYDMWLRYQPIADQTLLKTYQKQIRHLHVAGDSPTINAAAAELQRGLSGLLNKPIVARDEKLKDYSLVIGTPDNSPLI
ASLNLGERLQALGAEGYLLEQTRINKRHVVIVAANSDVGVLYGSFHLLRLIQTQHALEKLSLSSAPRLQHRVVNHWDNLN
RVVERGYAGLSLWDWGSLPNYLAPRYTDYARINASLGINGTVINNVNADPRVLSDQFLQKIAALADAFRPYGIKMYLSIN
FNSPRAFGDVDTADPLDPRVQQWWKTRAQKIYSYIPDFGGFLVKADSEGQPGPQGYGRDHAEGANMLAAALKPFGGVVFW
RAFVYHPDIEDRFRGAYDEFMPLDGKFADNVILQIKNGPIDFQPREPFSALFAGMSRTNMMMEFQITQEYFGFATHLAYQ
GPLFEESLKTETHARGEGSTIGNILEGKVFKTRHTGMAGVINPGTDRNWTGHPFVQSSWYAFGRMAWDHQISAATAADEW
LRMTFSNQPAFIEPVKQMMLVSREAGVNYRSPLGLTHLYSQGDHYGPAPWTDDLPRADWTAVYYHRASKTGIGFNRTKTG
SNALAQYPEPIAKAWGDLNSVPEDLILWFHHLSWDHRMQSGRNLWQELVHKYYQGVEQVRAMQRTWDQQEAYVDAARFAQ
VKALLQVQEREAVRWRNSCVLYFQSVAGRPIPANYEQPEHDLEYYKMLARTTYVPEPWHPASSSRVLK
;
_entity_poly.pdbx_strand_id   A,B
#
# COMPACT_ATOMS: atom_id res chain seq x y z
N GLU A 1 11.23 15.84 2.95
CA GLU A 1 11.69 14.57 3.39
C GLU A 1 10.44 13.73 3.61
N ASP A 2 10.28 12.80 2.69
CA ASP A 2 9.21 11.82 2.81
C ASP A 2 9.76 10.46 3.15
N GLY A 3 11.06 10.38 3.44
CA GLY A 3 11.67 9.13 3.84
C GLY A 3 11.97 8.10 2.78
N TYR A 4 11.67 8.39 1.52
CA TYR A 4 11.91 7.40 0.48
C TYR A 4 13.41 7.07 0.31
N ASP A 5 14.28 8.04 0.53
CA ASP A 5 15.71 7.77 0.43
C ASP A 5 16.28 7.06 1.65
N MET A 6 15.51 6.96 2.73
CA MET A 6 15.99 6.31 3.96
C MET A 6 17.29 6.99 4.40
N TRP A 7 18.36 6.21 4.57
CA TRP A 7 19.64 6.77 5.05
C TRP A 7 20.59 7.17 3.94
N LEU A 8 20.17 7.08 2.68
CA LEU A 8 21.03 7.45 1.55
C LEU A 8 20.54 8.81 1.05
N ARG A 9 20.66 9.78 1.94
CA ARG A 9 20.28 11.17 1.69
C ARG A 9 21.53 11.93 1.29
N TYR A 10 21.67 12.14 0.01
CA TYR A 10 22.86 12.80 -0.50
C TYR A 10 22.63 14.31 -0.67
N GLN A 11 22.59 14.98 0.46
CA GLN A 11 22.38 16.41 0.55
C GLN A 11 23.69 17.08 0.89
N PRO A 12 23.89 18.32 0.45
CA PRO A 12 25.15 19.01 0.72
C PRO A 12 25.55 19.04 2.18
N ILE A 13 26.80 18.69 2.46
CA ILE A 13 27.37 18.72 3.81
C ILE A 13 27.16 20.12 4.38
N ALA A 14 26.48 20.17 5.54
CA ALA A 14 26.06 21.43 6.17
C ALA A 14 27.21 22.20 6.82
N ASP A 15 28.22 21.48 7.31
CA ASP A 15 29.40 22.12 7.88
C ASP A 15 30.23 22.65 6.71
N GLN A 16 30.25 23.96 6.52
CA GLN A 16 30.95 24.57 5.38
C GLN A 16 32.47 24.37 5.36
N THR A 17 33.12 24.37 6.52
CA THR A 17 34.56 24.12 6.58
C THR A 17 34.87 22.69 6.17
N LEU A 18 34.08 21.77 6.70
CA LEU A 18 34.22 20.39 6.34
C LEU A 18 33.89 20.16 4.86
N LEU A 19 32.81 20.75 4.36
CA LEU A 19 32.46 20.61 2.93
C LEU A 19 33.64 20.98 2.04
N LYS A 20 34.30 22.10 2.36
CA LYS A 20 35.46 22.54 1.57
C LYS A 20 36.60 21.55 1.59
N THR A 21 36.81 20.90 2.74
CA THR A 21 37.84 19.88 2.82
C THR A 21 37.50 18.70 1.91
N TYR A 22 36.25 18.24 1.94
CA TYR A 22 35.85 17.15 1.04
C TYR A 22 36.00 17.54 -0.45
N GLN A 23 35.63 18.76 -0.76
CA GLN A 23 35.73 19.30 -2.13
C GLN A 23 37.17 19.37 -2.63
N LYS A 24 38.09 19.62 -1.72
CA LYS A 24 39.51 19.65 -2.05
C LYS A 24 40.03 18.25 -2.26
N GLN A 25 39.58 17.31 -1.44
CA GLN A 25 40.03 15.92 -1.49
C GLN A 25 39.51 15.12 -2.68
N ILE A 26 38.22 15.28 -2.99
CA ILE A 26 37.58 14.52 -4.04
C ILE A 26 37.07 15.42 -5.14
N ARG A 27 37.91 15.61 -6.15
CA ARG A 27 37.60 16.46 -7.28
C ARG A 27 37.19 15.69 -8.52
N HIS A 28 37.59 14.41 -8.59
CA HIS A 28 37.24 13.53 -9.69
C HIS A 28 36.97 12.13 -9.19
N LEU A 29 36.28 11.39 -10.04
CA LEU A 29 35.91 10.00 -9.79
C LEU A 29 36.40 9.15 -10.93
N HIS A 30 37.36 8.30 -10.62
CA HIS A 30 38.01 7.43 -11.59
C HIS A 30 37.61 5.97 -11.45
N VAL A 31 36.96 5.44 -12.49
CA VAL A 31 36.47 4.05 -12.51
C VAL A 31 36.83 3.42 -13.86
N ALA A 32 37.77 2.48 -13.82
CA ALA A 32 38.23 1.77 -15.01
C ALA A 32 37.32 0.60 -15.36
N GLY A 33 36.78 -0.06 -14.33
CA GLY A 33 35.91 -1.22 -14.55
C GLY A 33 34.56 -0.90 -15.14
N ASP A 34 33.91 -1.92 -15.71
CA ASP A 34 32.60 -1.75 -16.31
C ASP A 34 31.61 -2.92 -16.21
N SER A 35 31.87 -3.84 -15.29
CA SER A 35 30.92 -4.89 -14.95
C SER A 35 29.67 -4.23 -14.37
N PRO A 36 28.55 -4.94 -14.37
CA PRO A 36 27.34 -4.38 -13.76
C PRO A 36 27.53 -3.91 -12.32
N THR A 37 28.29 -4.65 -11.53
CA THR A 37 28.50 -4.31 -10.13
C THR A 37 29.37 -3.07 -10.02
N ILE A 38 30.43 -3.00 -10.82
CA ILE A 38 31.25 -1.79 -10.79
C ILE A 38 30.44 -0.58 -11.27
N ASN A 39 29.63 -0.76 -12.32
CA ASN A 39 28.76 0.30 -12.82
C ASN A 39 27.77 0.80 -11.74
N ALA A 40 27.25 -0.12 -10.93
CA ALA A 40 26.36 0.24 -9.84
C ALA A 40 27.13 1.05 -8.78
N ALA A 41 28.37 0.68 -8.50
CA ALA A 41 29.21 1.38 -7.51
C ALA A 41 29.49 2.81 -8.05
N ALA A 42 29.85 2.87 -9.33
CA ALA A 42 30.14 4.14 -9.96
C ALA A 42 28.94 5.07 -9.96
N ALA A 43 27.76 4.52 -10.24
CA ALA A 43 26.52 5.34 -10.27
C ALA A 43 26.17 5.84 -8.90
N GLU A 44 26.43 5.02 -7.89
CA GLU A 44 26.17 5.40 -6.51
C GLU A 44 27.10 6.56 -6.06
N LEU A 45 28.39 6.40 -6.35
CA LEU A 45 29.39 7.42 -6.05
C LEU A 45 29.12 8.70 -6.82
N GLN A 46 28.72 8.58 -8.07
CA GLN A 46 28.40 9.77 -8.86
C GLN A 46 27.23 10.56 -8.25
N ARG A 47 26.12 9.89 -7.96
CA ARG A 47 25.00 10.57 -7.34
C ARG A 47 25.30 11.01 -5.90
N GLY A 48 26.00 10.18 -5.15
CA GLY A 48 26.32 10.46 -3.75
C GLY A 48 27.31 11.59 -3.56
N LEU A 49 28.44 11.49 -4.23
CA LEU A 49 29.45 12.58 -4.18
C LEU A 49 28.91 13.88 -4.75
N SER A 50 28.16 13.80 -5.85
CA SER A 50 27.59 15.01 -6.42
C SER A 50 26.64 15.72 -5.46
N GLY A 51 25.81 14.95 -4.76
CA GLY A 51 24.89 15.52 -3.81
C GLY A 51 25.56 16.05 -2.56
N LEU A 52 26.41 15.24 -1.93
CA LEU A 52 27.09 15.59 -0.70
C LEU A 52 28.07 16.77 -0.86
N LEU A 53 28.75 16.80 -2.00
CA LEU A 53 29.76 17.84 -2.26
C LEU A 53 29.19 19.04 -3.04
N ASN A 54 27.94 18.95 -3.46
CA ASN A 54 27.22 20.04 -4.14
C ASN A 54 27.94 20.51 -5.41
N LYS A 55 28.39 19.55 -6.20
CA LYS A 55 29.02 19.83 -7.48
C LYS A 55 29.02 18.58 -8.32
N PRO A 56 29.05 18.72 -9.65
CA PRO A 56 29.00 17.54 -10.50
C PRO A 56 30.28 16.74 -10.46
N ILE A 57 30.17 15.49 -10.01
CA ILE A 57 31.29 14.58 -9.96
C ILE A 57 30.84 13.44 -10.84
N VAL A 58 31.44 13.27 -12.01
CA VAL A 58 31.04 12.26 -12.97
C VAL A 58 32.08 11.13 -13.03
N ALA A 59 31.64 9.88 -13.02
CA ALA A 59 32.54 8.76 -13.09
C ALA A 59 33.14 8.72 -14.48
N ARG A 60 34.46 8.61 -14.54
CA ARG A 60 35.19 8.58 -15.82
C ARG A 60 36.35 7.64 -15.82
N ASP A 61 36.68 7.14 -17.01
CA ASP A 61 37.82 6.31 -17.22
C ASP A 61 38.74 7.13 -18.10
N GLU A 62 39.56 7.95 -17.47
CA GLU A 62 40.48 8.88 -18.15
C GLU A 62 41.81 8.84 -17.44
N LYS A 63 42.80 9.52 -18.00
CA LYS A 63 44.11 9.60 -17.37
C LYS A 63 43.92 10.22 -15.99
N LEU A 64 44.54 9.61 -15.00
CA LEU A 64 44.36 9.97 -13.59
C LEU A 64 44.65 11.44 -13.31
N LYS A 65 43.68 12.09 -12.68
CA LYS A 65 43.87 13.47 -12.25
C LYS A 65 44.19 13.53 -10.77
N ASP A 66 44.87 14.60 -10.38
CA ASP A 66 45.15 14.87 -8.97
C ASP A 66 43.82 15.04 -8.19
N TYR A 67 43.78 14.47 -6.99
CA TYR A 67 42.63 14.53 -6.08
C TYR A 67 41.43 13.79 -6.63
N SER A 68 41.68 12.50 -6.87
CA SER A 68 40.67 11.61 -7.42
C SER A 68 40.27 10.55 -6.42
N LEU A 69 39.01 10.10 -6.50
CA LEU A 69 38.60 8.87 -5.81
C LEU A 69 38.76 7.79 -6.88
N VAL A 70 39.54 6.75 -6.59
CA VAL A 70 39.83 5.71 -7.56
C VAL A 70 39.28 4.40 -7.00
N ILE A 71 38.41 3.73 -7.77
CA ILE A 71 37.83 2.48 -7.29
C ILE A 71 38.16 1.29 -8.20
N GLY A 72 38.22 0.13 -7.56
CA GLY A 72 38.44 -1.10 -8.29
C GLY A 72 39.10 -2.23 -7.56
N THR A 73 39.32 -3.31 -8.31
CA THR A 73 40.10 -4.44 -7.86
C THR A 73 41.38 -4.42 -8.68
N PRO A 74 42.41 -5.12 -8.23
CA PRO A 74 43.65 -5.29 -9.04
C PRO A 74 43.36 -5.88 -10.42
N ASP A 75 42.32 -6.69 -10.51
CA ASP A 75 41.88 -7.27 -11.77
C ASP A 75 41.30 -6.27 -12.78
N ASN A 76 40.57 -5.23 -12.33
CA ASN A 76 39.91 -4.28 -13.25
C ASN A 76 40.43 -2.83 -13.21
N SER A 77 41.39 -2.57 -12.32
CA SER A 77 41.96 -1.22 -12.17
C SER A 77 43.46 -1.30 -12.18
N PRO A 78 44.10 -1.05 -13.31
CA PRO A 78 45.58 -1.05 -13.33
C PRO A 78 46.22 -0.08 -12.29
N LEU A 79 45.55 1.03 -11.98
CA LEU A 79 46.07 1.97 -10.98
C LEU A 79 46.14 1.32 -9.62
N ILE A 80 45.07 0.61 -9.23
CA ILE A 80 45.08 -0.09 -7.94
C ILE A 80 46.07 -1.26 -7.91
N ALA A 81 46.10 -2.02 -8.99
CA ALA A 81 47.06 -3.10 -9.15
C ALA A 81 48.51 -2.59 -8.98
N SER A 82 48.80 -1.40 -9.50
CA SER A 82 50.15 -0.81 -9.43
C SER A 82 50.65 -0.52 -8.00
N LEU A 83 49.72 -0.35 -7.05
CA LEU A 83 50.07 -0.16 -5.65
C LEU A 83 50.63 -1.41 -4.96
N ASN A 84 50.47 -2.58 -5.58
CA ASN A 84 50.95 -3.86 -5.04
C ASN A 84 50.58 -4.02 -3.60
N LEU A 85 49.26 -3.95 -3.35
CA LEU A 85 48.76 -3.95 -1.98
C LEU A 85 48.98 -5.29 -1.29
N GLY A 86 49.04 -6.36 -2.09
CA GLY A 86 49.39 -7.69 -1.61
C GLY A 86 48.50 -8.28 -0.52
N GLU A 87 49.15 -8.84 0.52
CA GLU A 87 48.48 -9.53 1.64
C GLU A 87 47.45 -8.69 2.40
N ARG A 88 47.76 -7.41 2.55
CA ARG A 88 46.90 -6.49 3.28
C ARG A 88 45.53 -6.41 2.66
N LEU A 89 45.48 -6.42 1.34
CA LEU A 89 44.23 -6.41 0.58
C LEU A 89 43.65 -7.81 0.49
N GLN A 90 44.49 -8.77 0.16
CA GLN A 90 44.05 -10.15 0.02
C GLN A 90 43.39 -10.75 1.26
N ALA A 91 43.90 -10.40 2.43
CA ALA A 91 43.35 -10.84 3.70
C ALA A 91 41.88 -10.48 3.91
N LEU A 92 41.38 -9.50 3.15
CA LEU A 92 39.99 -9.02 3.26
C LEU A 92 38.96 -9.90 2.51
N GLY A 93 39.44 -10.90 1.78
CA GLY A 93 38.56 -11.90 1.23
C GLY A 93 37.65 -11.45 0.12
N ALA A 94 36.58 -12.22 -0.09
CA ALA A 94 35.71 -12.04 -1.22
C ALA A 94 34.71 -10.89 -1.15
N GLU A 95 34.52 -10.29 0.02
CA GLU A 95 33.59 -9.18 0.20
C GLU A 95 34.15 -7.97 0.91
N GLY A 96 35.43 -8.02 1.33
CA GLY A 96 36.04 -6.93 2.06
C GLY A 96 36.68 -5.89 1.19
N TYR A 97 37.09 -4.80 1.81
CA TYR A 97 37.63 -3.67 1.07
C TYR A 97 38.55 -2.85 1.93
N LEU A 98 39.35 -2.02 1.26
CA LEU A 98 40.29 -1.10 1.88
C LEU A 98 39.96 0.32 1.38
N LEU A 99 39.83 1.26 2.31
CA LEU A 99 39.65 2.68 2.00
C LEU A 99 40.90 3.39 2.47
N GLU A 100 41.59 4.08 1.56
CA GLU A 100 42.86 4.67 1.92
C GLU A 100 43.26 5.89 1.10
N GLN A 101 43.69 6.93 1.81
CA GLN A 101 44.27 8.12 1.22
C GLN A 101 45.73 7.76 0.93
N THR A 102 46.11 7.90 -0.32
CA THR A 102 47.44 7.51 -0.75
C THR A 102 47.85 8.27 -2.00
N ARG A 103 48.88 7.78 -2.68
CA ARG A 103 49.38 8.39 -3.89
C ARG A 103 49.54 7.35 -4.95
N ILE A 104 49.19 7.72 -6.18
CA ILE A 104 49.41 6.86 -7.36
C ILE A 104 50.01 7.76 -8.44
N ASN A 105 51.21 7.40 -8.90
CA ASN A 105 51.93 8.16 -9.92
C ASN A 105 52.03 9.65 -9.54
N LYS A 106 52.32 9.89 -8.26
CA LYS A 106 52.38 11.24 -7.66
C LYS A 106 51.04 12.02 -7.56
N ARG A 107 49.94 11.43 -8.01
CA ARG A 107 48.63 12.08 -7.87
C ARG A 107 48.10 11.74 -6.46
N HIS A 108 47.44 12.71 -5.85
CA HIS A 108 46.79 12.50 -4.57
C HIS A 108 45.49 11.73 -4.86
N VAL A 109 45.29 10.61 -4.18
CA VAL A 109 44.09 9.82 -4.37
C VAL A 109 43.54 9.28 -3.09
N VAL A 110 42.26 8.92 -3.15
CA VAL A 110 41.68 8.07 -2.11
C VAL A 110 41.24 6.82 -2.89
N ILE A 111 41.63 5.65 -2.40
CA ILE A 111 41.24 4.39 -3.05
C ILE A 111 40.12 3.68 -2.32
N VAL A 112 39.26 3.07 -3.11
CA VAL A 112 38.30 2.08 -2.65
C VAL A 112 38.75 0.81 -3.40
N ALA A 113 39.48 -0.02 -2.70
CA ALA A 113 40.10 -1.24 -3.22
C ALA A 113 39.51 -2.49 -2.65
N ALA A 114 39.37 -3.52 -3.48
CA ALA A 114 38.86 -4.80 -3.02
C ALA A 114 39.34 -5.92 -3.92
N ASN A 115 39.12 -7.14 -3.46
CA ASN A 115 39.41 -8.32 -4.29
C ASN A 115 38.30 -8.61 -5.30
N SER A 116 37.04 -8.25 -5.01
CA SER A 116 35.93 -8.50 -5.90
C SER A 116 35.17 -7.23 -6.18
N ASP A 117 34.34 -7.27 -7.21
CA ASP A 117 33.53 -6.10 -7.56
C ASP A 117 32.50 -5.77 -6.48
N VAL A 118 31.94 -6.80 -5.86
CA VAL A 118 31.00 -6.52 -4.76
C VAL A 118 31.72 -5.88 -3.53
N GLY A 119 32.98 -6.25 -3.30
CA GLY A 119 33.78 -5.59 -2.26
C GLY A 119 33.97 -4.11 -2.59
N VAL A 120 34.13 -3.80 -3.86
CA VAL A 120 34.21 -2.40 -4.29
C VAL A 120 32.89 -1.68 -4.01
N LEU A 121 31.76 -2.36 -4.26
CA LEU A 121 30.46 -1.75 -4.06
C LEU A 121 30.30 -1.46 -2.56
N TYR A 122 30.58 -2.46 -1.74
CA TYR A 122 30.46 -2.27 -0.27
C TYR A 122 31.37 -1.13 0.26
N GLY A 123 32.61 -1.10 -0.25
CA GLY A 123 33.55 -0.07 0.14
C GLY A 123 33.10 1.29 -0.33
N SER A 124 32.47 1.36 -1.51
CA SER A 124 31.96 2.62 -2.04
C SER A 124 30.87 3.17 -1.09
N PHE A 125 29.98 2.27 -0.65
CA PHE A 125 28.96 2.69 0.30
C PHE A 125 29.57 3.18 1.63
N HIS A 126 30.63 2.51 2.09
CA HIS A 126 31.29 2.95 3.33
C HIS A 126 31.94 4.30 3.10
N LEU A 127 32.57 4.49 1.92
CA LEU A 127 33.15 5.80 1.61
C LEU A 127 32.11 6.90 1.70
N LEU A 128 30.93 6.68 1.11
CA LEU A 128 29.88 7.65 1.16
C LEU A 128 29.44 7.86 2.60
N ARG A 129 29.29 6.76 3.34
CA ARG A 129 28.90 6.84 4.77
C ARG A 129 29.89 7.69 5.59
N LEU A 130 31.20 7.58 5.31
CA LEU A 130 32.16 8.44 6.04
C LEU A 130 31.84 9.93 5.84
N ILE A 131 31.50 10.30 4.59
CA ILE A 131 31.14 11.69 4.26
C ILE A 131 29.81 12.07 4.87
N GLN A 132 28.80 11.20 4.69
CA GLN A 132 27.47 11.45 5.25
C GLN A 132 27.48 11.66 6.76
N THR A 133 28.39 10.99 7.45
CA THR A 133 28.55 11.11 8.91
C THR A 133 29.66 12.07 9.32
N GLN A 134 30.13 12.87 8.38
CA GLN A 134 31.09 13.95 8.67
C GLN A 134 32.43 13.45 9.29
N HIS A 135 32.94 12.34 8.78
CA HIS A 135 34.25 11.81 9.19
C HIS A 135 35.32 12.33 8.25
N ALA A 136 36.48 12.63 8.81
CA ALA A 136 37.56 13.20 8.01
C ALA A 136 38.21 12.18 7.09
N LEU A 137 38.59 12.58 5.88
CA LEU A 137 39.29 11.68 4.95
C LEU A 137 40.81 11.81 5.08
N GLU A 138 41.28 12.88 5.73
CA GLU A 138 42.74 13.02 5.86
C GLU A 138 43.32 11.83 6.66
N LYS A 139 44.35 11.25 6.08
CA LYS A 139 45.08 10.10 6.59
C LYS A 139 44.20 8.83 6.67
N LEU A 140 43.10 8.80 5.91
CA LEU A 140 42.19 7.65 5.97
C LEU A 140 42.95 6.38 5.60
N SER A 141 42.82 5.37 6.45
CA SER A 141 43.35 4.05 6.18
C SER A 141 42.56 3.03 7.00
N LEU A 142 41.55 2.46 6.37
CA LEU A 142 40.71 1.51 7.08
C LEU A 142 40.31 0.38 6.18
N SER A 143 40.18 -0.80 6.78
CA SER A 143 39.73 -1.94 6.03
C SER A 143 38.64 -2.61 6.80
N SER A 144 37.82 -3.34 6.07
CA SER A 144 36.76 -4.10 6.71
C SER A 144 36.36 -5.29 5.87
N ALA A 145 35.91 -6.34 6.54
CA ALA A 145 35.37 -7.51 5.89
C ALA A 145 34.21 -8.00 6.74
N PRO A 146 33.17 -8.56 6.12
CA PRO A 146 32.03 -9.01 6.93
C PRO A 146 32.37 -10.23 7.76
N ARG A 147 31.75 -10.33 8.92
CA ARG A 147 32.00 -11.41 9.86
C ARG A 147 31.06 -12.59 9.69
N LEU A 148 30.03 -12.45 8.85
CA LEU A 148 29.05 -13.50 8.56
C LEU A 148 28.90 -13.64 7.08
N GLN A 149 28.68 -14.87 6.63
CA GLN A 149 28.63 -15.15 5.20
C GLN A 149 27.31 -14.74 4.53
N HIS A 150 26.22 -15.15 5.14
CA HIS A 150 24.86 -14.90 4.60
C HIS A 150 24.23 -13.81 5.46
N ARG A 151 24.02 -12.65 4.86
CA ARG A 151 23.53 -11.48 5.57
C ARG A 151 22.27 -11.16 4.82
N VAL A 152 21.16 -11.66 5.36
CA VAL A 152 19.94 -11.74 4.58
C VAL A 152 18.76 -11.03 5.24
N VAL A 153 17.88 -10.52 4.39
CA VAL A 153 16.60 -10.01 4.85
C VAL A 153 15.51 -11.01 4.51
N ASN A 154 14.46 -11.04 5.33
CA ASN A 154 13.29 -11.91 5.11
C ASN A 154 12.03 -11.03 5.04
N HIS A 155 11.15 -11.39 4.10
CA HIS A 155 9.89 -10.71 3.87
C HIS A 155 8.76 -11.73 3.99
N TRP A 156 7.83 -11.54 4.92
CA TRP A 156 6.75 -12.46 5.10
C TRP A 156 5.59 -12.03 4.19
N ASP A 157 5.88 -12.03 2.89
CA ASP A 157 4.94 -11.49 1.89
C ASP A 157 4.12 -12.56 1.21
N ASN A 158 2.81 -12.36 1.20
CA ASN A 158 1.88 -13.23 0.47
C ASN A 158 1.78 -12.74 -0.96
N LEU A 159 1.45 -13.65 -1.88
CA LEU A 159 1.40 -13.32 -3.30
C LEU A 159 0.28 -12.35 -3.68
N ASN A 160 -0.75 -12.26 -2.85
CA ASN A 160 -1.77 -11.23 -3.00
C ASN A 160 -1.25 -9.83 -2.61
N ARG A 161 -0.01 -9.77 -2.11
CA ARG A 161 0.71 -8.57 -1.73
C ARG A 161 0.39 -8.07 -0.31
N VAL A 162 -0.39 -8.83 0.42
CA VAL A 162 -0.61 -8.54 1.84
C VAL A 162 0.60 -9.16 2.57
N VAL A 163 1.16 -8.40 3.51
CA VAL A 163 2.31 -8.83 4.28
C VAL A 163 1.89 -9.30 5.69
N GLU A 164 2.27 -10.52 6.04
CA GLU A 164 1.99 -11.09 7.36
C GLU A 164 2.94 -10.44 8.37
N ARG A 165 2.36 -9.78 9.37
CA ARG A 165 3.13 -8.96 10.35
C ARG A 165 3.85 -7.84 9.60
N GLY A 166 3.08 -7.21 8.70
CA GLY A 166 3.53 -6.13 7.84
C GLY A 166 2.76 -4.86 8.17
N TYR A 167 3.49 -3.82 8.56
CA TYR A 167 2.86 -2.60 9.06
C TYR A 167 3.29 -1.43 8.23
N ALA A 168 3.84 -1.69 7.03
CA ALA A 168 4.45 -0.69 6.20
C ALA A 168 3.94 -0.69 4.77
N GLY A 169 2.77 -1.27 4.54
CA GLY A 169 2.13 -1.24 3.24
C GLY A 169 2.09 -2.62 2.60
N LEU A 170 1.66 -2.62 1.35
CA LEU A 170 1.65 -3.86 0.55
C LEU A 170 3.06 -4.27 0.20
N SER A 171 3.16 -5.53 -0.15
CA SER A 171 4.40 -6.11 -0.65
C SER A 171 4.96 -5.27 -1.80
N LEU A 172 6.25 -5.03 -1.76
CA LEU A 172 6.93 -4.31 -2.84
C LEU A 172 6.84 -4.95 -4.22
N TRP A 173 6.64 -6.27 -4.26
CA TRP A 173 6.70 -7.04 -5.50
C TRP A 173 5.37 -6.94 -6.23
N ASP A 174 5.38 -6.29 -7.37
CA ASP A 174 4.13 -6.05 -8.10
C ASP A 174 3.94 -7.14 -9.14
N TRP A 175 3.44 -8.26 -8.66
CA TRP A 175 3.36 -9.50 -9.47
C TRP A 175 2.55 -9.31 -10.76
N GLY A 176 1.50 -8.48 -10.67
CA GLY A 176 0.69 -8.21 -11.84
C GLY A 176 1.38 -7.57 -13.03
N SER A 177 2.45 -6.84 -12.78
CA SER A 177 3.22 -6.19 -13.84
C SER A 177 4.58 -6.80 -14.06
N LEU A 178 4.93 -7.81 -13.27
CA LEU A 178 6.17 -8.55 -13.53
C LEU A 178 5.92 -9.66 -14.53
N PRO A 179 6.95 -10.06 -15.30
CA PRO A 179 8.31 -9.51 -15.32
C PRO A 179 8.52 -8.27 -16.16
N ASN A 180 7.49 -7.84 -16.90
CA ASN A 180 7.61 -6.78 -17.88
C ASN A 180 8.10 -5.46 -17.35
N TYR A 181 7.58 -5.07 -16.17
CA TYR A 181 7.91 -3.77 -15.60
C TYR A 181 8.97 -3.85 -14.52
N LEU A 182 10.15 -3.33 -14.86
CA LEU A 182 11.28 -3.26 -13.95
C LEU A 182 11.22 -1.92 -13.22
N ALA A 183 10.44 -1.88 -12.15
CA ALA A 183 10.19 -0.66 -11.41
C ALA A 183 11.47 -0.12 -10.81
N PRO A 184 11.68 1.18 -10.86
CA PRO A 184 12.85 1.77 -10.20
C PRO A 184 12.95 1.37 -8.74
N ARG A 185 11.83 1.21 -8.05
CA ARG A 185 11.89 0.87 -6.64
C ARG A 185 12.61 -0.45 -6.36
N TYR A 186 12.57 -1.39 -7.30
CA TYR A 186 13.33 -2.61 -7.11
C TYR A 186 14.82 -2.35 -7.01
N THR A 187 15.31 -1.43 -7.83
CA THR A 187 16.71 -1.03 -7.75
C THR A 187 17.02 -0.27 -6.47
N ASP A 188 16.12 0.61 -6.05
CA ASP A 188 16.28 1.37 -4.80
C ASP A 188 16.28 0.44 -3.58
N TYR A 189 15.47 -0.61 -3.64
CA TYR A 189 15.48 -1.66 -2.62
C TYR A 189 16.85 -2.35 -2.57
N ALA A 190 17.42 -2.63 -3.74
CA ALA A 190 18.75 -3.26 -3.81
C ALA A 190 19.85 -2.32 -3.30
N ARG A 191 19.72 -1.05 -3.63
CA ARG A 191 20.66 -0.02 -3.11
C ARG A 191 20.63 0.07 -1.57
N ILE A 192 19.43 0.15 -0.99
CA ILE A 192 19.24 0.20 0.47
C ILE A 192 19.96 -0.95 1.15
N ASN A 193 19.69 -2.16 0.67
CA ASN A 193 20.29 -3.35 1.28
C ASN A 193 21.80 -3.48 1.05
N ALA A 194 22.23 -3.22 -0.17
CA ALA A 194 23.68 -3.26 -0.51
C ALA A 194 24.42 -2.22 0.29
N SER A 195 23.78 -1.09 0.67
CA SER A 195 24.49 -0.08 1.45
C SER A 195 24.92 -0.57 2.83
N LEU A 196 24.25 -1.62 3.31
CA LEU A 196 24.57 -2.28 4.55
C LEU A 196 25.36 -3.58 4.37
N GLY A 197 25.64 -3.97 3.14
CA GLY A 197 26.31 -5.23 2.90
C GLY A 197 25.38 -6.43 2.91
N ILE A 198 24.07 -6.21 2.91
CA ILE A 198 23.10 -7.34 2.86
C ILE A 198 23.24 -8.00 1.49
N ASN A 199 23.44 -9.31 1.46
CA ASN A 199 23.72 -10.05 0.22
C ASN A 199 22.70 -11.12 -0.14
N GLY A 200 21.54 -11.08 0.51
CA GLY A 200 20.49 -12.00 0.16
C GLY A 200 19.15 -11.52 0.62
N THR A 201 18.13 -11.98 -0.08
CA THR A 201 16.77 -11.64 0.29
C THR A 201 15.87 -12.87 0.07
N VAL A 202 15.01 -13.14 1.07
CA VAL A 202 13.95 -14.15 0.95
C VAL A 202 12.67 -13.30 0.80
N ILE A 203 12.07 -13.33 -0.38
CA ILE A 203 11.04 -12.33 -0.74
C ILE A 203 9.62 -12.71 -0.36
N ASN A 204 9.40 -13.97 -0.03
CA ASN A 204 8.05 -14.50 0.20
C ASN A 204 7.87 -15.16 1.56
N ASN A 205 6.61 -15.21 1.97
CA ASN A 205 6.23 -15.68 3.30
C ASN A 205 6.72 -17.07 3.60
N VAL A 206 7.24 -17.21 4.82
CA VAL A 206 7.57 -18.53 5.40
C VAL A 206 6.35 -19.47 5.47
N ASN A 207 5.17 -18.91 5.64
CA ASN A 207 3.92 -19.64 5.50
C ASN A 207 3.72 -19.68 4.00
N ALA A 208 4.33 -20.70 3.41
CA ALA A 208 4.71 -20.64 2.03
C ALA A 208 3.67 -21.06 1.01
N ASP A 209 3.63 -20.29 -0.07
CA ASP A 209 2.70 -20.50 -1.18
C ASP A 209 3.42 -21.32 -2.27
N PRO A 210 2.91 -22.50 -2.61
CA PRO A 210 3.59 -23.32 -3.63
C PRO A 210 3.72 -22.66 -5.00
N ARG A 211 2.88 -21.68 -5.29
CA ARG A 211 2.91 -21.00 -6.57
C ARG A 211 4.23 -20.32 -6.92
N VAL A 212 5.04 -19.98 -5.92
CA VAL A 212 6.32 -19.32 -6.17
C VAL A 212 7.24 -20.16 -7.01
N LEU A 213 7.05 -21.48 -6.94
CA LEU A 213 7.83 -22.42 -7.72
C LEU A 213 7.30 -22.72 -9.15
N SER A 214 6.16 -22.15 -9.53
CA SER A 214 5.57 -22.37 -10.83
C SER A 214 6.37 -21.60 -11.83
N ASP A 215 6.34 -22.06 -13.06
CA ASP A 215 7.02 -21.38 -14.15
C ASP A 215 6.61 -19.89 -14.26
N GLN A 216 5.29 -19.64 -14.15
CA GLN A 216 4.68 -18.31 -14.17
C GLN A 216 5.41 -17.38 -13.19
N PHE A 217 5.53 -17.84 -11.95
CA PHE A 217 6.16 -17.01 -10.89
C PHE A 217 7.68 -16.97 -10.98
N LEU A 218 8.30 -18.08 -11.38
CA LEU A 218 9.75 -18.06 -11.54
C LEU A 218 10.20 -17.01 -12.56
N GLN A 219 9.42 -16.82 -13.61
CA GLN A 219 9.71 -15.79 -14.59
C GLN A 219 9.65 -14.40 -13.97
N LYS A 220 8.63 -14.18 -13.13
CA LYS A 220 8.46 -12.92 -12.41
C LYS A 220 9.61 -12.69 -11.46
N ILE A 221 9.91 -13.72 -10.70
CA ILE A 221 10.96 -13.66 -9.67
C ILE A 221 12.33 -13.41 -10.30
N ALA A 222 12.55 -13.98 -11.47
CA ALA A 222 13.79 -13.79 -12.19
C ALA A 222 14.05 -12.34 -12.55
N ALA A 223 13.01 -11.58 -12.89
CA ALA A 223 13.14 -10.14 -13.13
C ALA A 223 13.63 -9.42 -11.89
N LEU A 224 13.09 -9.80 -10.72
CA LEU A 224 13.56 -9.21 -9.47
C LEU A 224 15.01 -9.61 -9.23
N ALA A 225 15.32 -10.88 -9.45
CA ALA A 225 16.71 -11.35 -9.28
C ALA A 225 17.69 -10.54 -10.17
N ASP A 226 17.25 -10.26 -11.39
CA ASP A 226 18.04 -9.46 -12.34
C ASP A 226 18.32 -8.07 -11.83
N ALA A 227 17.30 -7.45 -11.24
CA ALA A 227 17.43 -6.11 -10.64
C ALA A 227 18.40 -6.13 -9.43
N PHE A 228 18.39 -7.21 -8.67
CA PHE A 228 19.17 -7.30 -7.43
C PHE A 228 20.63 -7.69 -7.65
N ARG A 229 20.86 -8.44 -8.72
CA ARG A 229 22.16 -9.03 -9.05
C ARG A 229 23.33 -8.05 -9.09
N PRO A 230 23.24 -6.90 -9.77
CA PRO A 230 24.39 -5.96 -9.77
C PRO A 230 24.75 -5.45 -8.40
N TYR A 231 23.81 -5.52 -7.45
CA TYR A 231 24.01 -5.09 -6.09
C TYR A 231 24.49 -6.18 -5.14
N GLY A 232 24.80 -7.37 -5.68
CA GLY A 232 25.36 -8.45 -4.91
C GLY A 232 24.34 -9.25 -4.08
N ILE A 233 23.04 -9.04 -4.33
CA ILE A 233 21.97 -9.64 -3.54
C ILE A 233 21.37 -10.87 -4.27
N LYS A 234 21.60 -12.03 -3.69
CA LYS A 234 21.07 -13.28 -4.21
C LYS A 234 19.63 -13.46 -3.78
N MET A 235 18.88 -14.15 -4.64
CA MET A 235 17.47 -14.41 -4.43
C MET A 235 17.29 -15.72 -3.70
N TYR A 236 16.39 -15.72 -2.70
CA TYR A 236 16.00 -16.95 -2.02
C TYR A 236 14.52 -16.99 -1.93
N LEU A 237 13.96 -18.21 -1.82
CA LEU A 237 12.52 -18.37 -1.65
C LEU A 237 12.15 -19.25 -0.49
N SER A 238 11.08 -18.88 0.20
CA SER A 238 10.48 -19.75 1.18
C SER A 238 9.74 -20.82 0.40
N ILE A 239 9.86 -22.07 0.82
CA ILE A 239 9.16 -23.16 0.13
C ILE A 239 8.15 -23.83 1.01
N ASN A 240 7.15 -24.40 0.34
CA ASN A 240 6.12 -25.23 0.96
C ASN A 240 6.57 -26.67 0.73
N PHE A 241 6.75 -27.41 1.84
CA PHE A 241 7.28 -28.76 1.79
C PHE A 241 6.37 -29.70 0.99
N ASN A 242 5.05 -29.43 1.00
CA ASN A 242 4.10 -30.20 0.17
C ASN A 242 3.97 -29.82 -1.31
N SER A 243 4.90 -29.03 -1.82
CA SER A 243 4.84 -28.61 -3.21
C SER A 243 4.65 -29.73 -4.25
N PRO A 244 5.32 -30.87 -4.14
CA PRO A 244 5.08 -31.93 -5.13
C PRO A 244 3.61 -32.34 -5.22
N ARG A 245 2.92 -32.35 -4.08
CA ARG A 245 1.48 -32.63 -4.01
C ARG A 245 0.64 -31.49 -4.55
N ALA A 246 0.99 -30.27 -4.16
CA ALA A 246 0.21 -29.09 -4.55
C ALA A 246 0.21 -28.91 -6.05
N PHE A 247 1.31 -29.27 -6.70
CA PHE A 247 1.44 -29.21 -8.16
C PHE A 247 0.75 -30.39 -8.87
N GLY A 248 0.29 -31.36 -8.12
CA GLY A 248 -0.44 -32.51 -8.63
C GLY A 248 0.47 -33.52 -9.28
N ASP A 249 1.76 -33.45 -8.98
CA ASP A 249 2.78 -34.31 -9.61
C ASP A 249 3.11 -35.58 -8.86
N VAL A 250 2.98 -35.54 -7.54
CA VAL A 250 3.29 -36.69 -6.69
C VAL A 250 2.21 -36.79 -5.65
N ASP A 251 1.79 -38.01 -5.31
CA ASP A 251 0.78 -38.19 -4.29
C ASP A 251 1.29 -38.18 -2.84
N THR A 252 2.53 -37.78 -2.64
CA THR A 252 3.13 -37.68 -1.32
C THR A 252 4.24 -36.65 -1.41
N ALA A 253 4.69 -36.16 -0.27
CA ALA A 253 5.87 -35.26 -0.17
C ALA A 253 6.98 -35.87 0.73
N ASP A 254 6.82 -37.15 1.05
CA ASP A 254 7.76 -37.90 1.87
C ASP A 254 9.16 -37.77 1.26
N PRO A 255 10.10 -37.19 2.01
CA PRO A 255 11.43 -36.94 1.46
C PRO A 255 12.22 -38.21 1.13
N LEU A 256 11.82 -39.35 1.65
CA LEU A 256 12.52 -40.61 1.32
C LEU A 256 11.96 -41.27 0.05
N ASP A 257 10.87 -40.74 -0.52
CA ASP A 257 10.30 -41.29 -1.74
C ASP A 257 11.11 -40.77 -2.94
N PRO A 258 11.65 -41.67 -3.78
CA PRO A 258 12.45 -41.22 -4.91
C PRO A 258 11.74 -40.28 -5.88
N ARG A 259 10.42 -40.40 -6.01
CA ARG A 259 9.66 -39.50 -6.88
C ARG A 259 9.70 -38.05 -6.33
N VAL A 260 9.71 -37.93 -4.99
CA VAL A 260 9.76 -36.63 -4.31
C VAL A 260 11.15 -36.06 -4.47
N GLN A 261 12.15 -36.91 -4.25
CA GLN A 261 13.53 -36.48 -4.43
C GLN A 261 13.73 -35.95 -5.84
N GLN A 262 13.18 -36.68 -6.82
CA GLN A 262 13.28 -36.28 -8.23
C GLN A 262 12.52 -34.99 -8.56
N TRP A 263 11.35 -34.81 -7.96
CA TRP A 263 10.54 -33.61 -8.18
C TRP A 263 11.35 -32.36 -7.82
N TRP A 264 11.99 -32.40 -6.66
CA TRP A 264 12.77 -31.24 -6.18
C TRP A 264 14.02 -31.02 -7.01
N LYS A 265 14.64 -32.10 -7.44
CA LYS A 265 15.80 -32.02 -8.35
C LYS A 265 15.41 -31.34 -9.65
N THR A 266 14.31 -31.74 -10.23
CA THR A 266 13.82 -31.15 -11.46
C THR A 266 13.43 -29.70 -11.23
N ARG A 267 12.80 -29.46 -10.08
CA ARG A 267 12.37 -28.08 -9.76
C ARG A 267 13.58 -27.17 -9.62
N ALA A 268 14.63 -27.64 -8.95
CA ALA A 268 15.88 -26.89 -8.79
C ALA A 268 16.49 -26.60 -10.14
N GLN A 269 16.48 -27.57 -11.04
CA GLN A 269 16.98 -27.33 -12.40
C GLN A 269 16.18 -26.20 -13.10
N LYS A 270 14.86 -26.18 -12.90
CA LYS A 270 14.01 -25.15 -13.50
C LYS A 270 14.34 -23.79 -12.91
N ILE A 271 14.46 -23.73 -11.59
CA ILE A 271 14.84 -22.47 -10.92
C ILE A 271 16.16 -21.91 -11.46
N TYR A 272 17.17 -22.78 -11.53
CA TYR A 272 18.50 -22.31 -11.90
C TYR A 272 18.57 -21.95 -13.39
N SER A 273 17.67 -22.49 -14.20
CA SER A 273 17.59 -22.08 -15.61
C SER A 273 17.13 -20.60 -15.75
N TYR A 274 16.30 -20.14 -14.81
CA TYR A 274 15.84 -18.76 -14.76
C TYR A 274 16.78 -17.83 -14.00
N ILE A 275 17.36 -18.36 -12.92
CA ILE A 275 18.13 -17.57 -11.95
C ILE A 275 19.38 -18.38 -11.68
N PRO A 276 20.41 -18.22 -12.53
CA PRO A 276 21.60 -19.09 -12.46
C PRO A 276 22.42 -19.04 -11.19
N ASP A 277 22.26 -17.95 -10.43
CA ASP A 277 22.94 -17.74 -9.16
C ASP A 277 21.99 -17.76 -7.94
N PHE A 278 20.86 -18.41 -8.10
CA PHE A 278 19.84 -18.50 -7.03
C PHE A 278 20.48 -18.97 -5.77
N GLY A 279 20.11 -18.32 -4.68
CA GLY A 279 20.73 -18.63 -3.40
C GLY A 279 20.27 -19.90 -2.71
N GLY A 280 18.98 -20.21 -2.82
CA GLY A 280 18.41 -21.37 -2.15
C GLY A 280 17.05 -21.11 -1.48
N PHE A 281 16.74 -21.94 -0.48
CA PHE A 281 15.43 -21.98 0.15
C PHE A 281 15.43 -21.65 1.63
N LEU A 282 14.35 -20.99 2.06
CA LEU A 282 14.06 -20.82 3.48
C LEU A 282 12.91 -21.77 3.74
N VAL A 283 12.93 -22.46 4.86
CA VAL A 283 11.90 -23.48 5.13
C VAL A 283 11.31 -23.41 6.52
N LYS A 284 10.01 -23.10 6.56
CA LYS A 284 9.20 -23.26 7.74
C LYS A 284 8.38 -24.54 7.54
N ALA A 285 8.71 -25.54 8.33
CA ALA A 285 8.14 -26.90 8.20
C ALA A 285 7.74 -27.48 9.55
N ASP A 286 6.62 -28.19 9.57
CA ASP A 286 6.09 -28.84 10.80
C ASP A 286 5.94 -27.86 11.96
N SER A 287 5.40 -26.68 11.63
CA SER A 287 5.24 -25.61 12.60
C SER A 287 4.00 -24.83 12.27
N GLU A 288 3.15 -24.64 13.26
CA GLU A 288 1.95 -23.83 13.09
C GLU A 288 1.05 -24.26 11.91
N GLY A 289 0.97 -25.56 11.65
CA GLY A 289 0.20 -26.11 10.55
C GLY A 289 0.86 -26.16 9.19
N GLN A 290 2.08 -25.68 9.09
CA GLN A 290 2.80 -25.76 7.83
C GLN A 290 3.28 -27.19 7.65
N PRO A 291 3.23 -27.71 6.44
CA PRO A 291 3.65 -29.09 6.17
C PRO A 291 5.14 -29.30 6.30
N GLY A 292 5.52 -30.54 6.45
CA GLY A 292 6.90 -30.85 6.66
C GLY A 292 7.17 -32.35 6.71
N PRO A 293 8.43 -32.72 6.87
CA PRO A 293 8.80 -34.13 6.94
C PRO A 293 8.07 -34.90 8.04
N GLN A 294 7.81 -34.29 9.20
CA GLN A 294 7.14 -35.00 10.28
C GLN A 294 5.74 -35.44 9.88
N GLY A 295 5.11 -34.72 8.94
CA GLY A 295 3.84 -35.19 8.37
C GLY A 295 3.88 -36.54 7.63
N TYR A 296 5.09 -36.98 7.28
CA TYR A 296 5.36 -38.25 6.61
C TYR A 296 6.16 -39.20 7.53
N GLY A 297 6.19 -38.90 8.81
CA GLY A 297 6.91 -39.67 9.80
C GLY A 297 8.41 -39.62 9.67
N ARG A 298 8.91 -38.56 9.03
CA ARG A 298 10.36 -38.37 8.83
C ARG A 298 10.87 -37.23 9.70
N ASP A 299 12.18 -37.13 9.85
CA ASP A 299 12.74 -36.10 10.71
C ASP A 299 13.23 -34.89 9.90
N HIS A 300 13.55 -33.84 10.63
CA HIS A 300 13.84 -32.61 9.91
C HIS A 300 15.20 -32.66 9.21
N ALA A 301 16.11 -33.54 9.58
CA ALA A 301 17.31 -33.73 8.77
C ALA A 301 16.97 -34.46 7.46
N GLU A 302 16.14 -35.47 7.51
CA GLU A 302 15.70 -36.15 6.29
C GLU A 302 15.03 -35.17 5.31
N GLY A 303 14.20 -34.25 5.85
CA GLY A 303 13.58 -33.26 5.01
C GLY A 303 14.56 -32.24 4.44
N ALA A 304 15.36 -31.66 5.31
CA ALA A 304 16.34 -30.67 4.92
C ALA A 304 17.37 -31.22 3.92
N ASN A 305 17.89 -32.39 4.22
CA ASN A 305 18.88 -32.99 3.34
C ASN A 305 18.36 -33.36 1.96
N MET A 306 17.08 -33.69 1.88
CA MET A 306 16.45 -33.96 0.58
C MET A 306 16.47 -32.70 -0.28
N LEU A 307 16.00 -31.59 0.29
CA LEU A 307 16.09 -30.31 -0.41
C LEU A 307 17.53 -29.89 -0.73
N ALA A 308 18.42 -30.06 0.24
CA ALA A 308 19.83 -29.70 0.10
C ALA A 308 20.49 -30.49 -1.04
N ALA A 309 20.08 -31.75 -1.21
CA ALA A 309 20.62 -32.55 -2.32
C ALA A 309 20.20 -32.03 -3.68
N ALA A 310 18.98 -31.49 -3.75
CA ALA A 310 18.45 -30.89 -4.98
C ALA A 310 19.25 -29.64 -5.36
N LEU A 311 19.61 -28.84 -4.36
CA LEU A 311 20.34 -27.59 -4.56
C LEU A 311 21.84 -27.70 -4.69
N LYS A 312 22.42 -28.77 -4.14
CA LYS A 312 23.87 -28.89 -4.06
C LYS A 312 24.59 -28.77 -5.40
N PRO A 313 24.13 -29.40 -6.48
CA PRO A 313 24.84 -29.28 -7.76
C PRO A 313 24.91 -27.86 -8.29
N PHE A 314 24.02 -26.99 -7.81
CA PHE A 314 23.95 -25.59 -8.24
C PHE A 314 24.51 -24.61 -7.24
N GLY A 315 25.02 -25.09 -6.09
CA GLY A 315 25.63 -24.26 -5.09
C GLY A 315 24.62 -23.53 -4.21
N GLY A 316 23.40 -24.07 -4.18
CA GLY A 316 22.35 -23.52 -3.35
C GLY A 316 22.39 -24.05 -1.93
N VAL A 317 21.80 -23.29 -1.02
CA VAL A 317 21.79 -23.65 0.41
C VAL A 317 20.34 -23.70 0.90
N VAL A 318 20.13 -24.44 1.98
CA VAL A 318 18.83 -24.55 2.65
C VAL A 318 18.95 -23.88 4.03
N PHE A 319 18.13 -22.85 4.25
CA PHE A 319 18.01 -22.21 5.53
C PHE A 319 16.79 -22.91 6.17
N TRP A 320 17.05 -23.88 7.06
CA TRP A 320 15.97 -24.66 7.65
C TRP A 320 15.64 -24.04 8.98
N ARG A 321 14.41 -23.55 9.18
CA ARG A 321 14.09 -22.87 10.43
C ARG A 321 13.85 -23.78 11.61
N ALA A 322 14.36 -23.35 12.77
CA ALA A 322 14.21 -24.07 14.03
C ALA A 322 12.96 -23.68 14.82
N PHE A 323 12.12 -22.82 14.24
CA PHE A 323 10.91 -22.37 14.90
C PHE A 323 9.81 -23.44 14.80
N VAL A 324 9.94 -24.42 15.68
CA VAL A 324 9.10 -25.59 15.73
C VAL A 324 8.75 -25.84 17.19
N TYR A 325 7.51 -26.23 17.45
CA TYR A 325 7.07 -26.48 18.83
C TYR A 325 5.73 -27.19 18.79
N HIS A 326 5.69 -28.41 19.32
CA HIS A 326 4.45 -29.20 19.37
C HIS A 326 3.61 -28.79 20.55
N PRO A 327 2.28 -28.87 20.38
CA PRO A 327 1.35 -28.43 21.43
C PRO A 327 1.31 -29.33 22.66
N ASP A 328 1.76 -30.56 22.52
CA ASP A 328 1.65 -31.53 23.63
C ASP A 328 2.86 -31.71 24.51
N ILE A 329 3.86 -30.84 24.40
CA ILE A 329 5.03 -30.91 25.28
C ILE A 329 4.76 -30.10 26.52
N GLU A 330 5.53 -30.36 27.56
CA GLU A 330 5.23 -29.70 28.82
C GLU A 330 5.63 -28.23 28.85
N ASP A 331 6.67 -27.86 28.13
CA ASP A 331 7.12 -26.45 28.19
C ASP A 331 7.59 -26.03 26.82
N ARG A 332 6.86 -25.11 26.18
CA ARG A 332 7.24 -24.59 24.86
C ARG A 332 8.68 -24.09 24.81
N PHE A 333 9.14 -23.49 25.90
CA PHE A 333 10.51 -22.99 26.02
C PHE A 333 11.53 -24.05 25.64
N ARG A 334 11.25 -25.31 25.98
CA ARG A 334 12.16 -26.41 25.67
C ARG A 334 12.11 -26.93 24.24
N GLY A 335 11.10 -26.54 23.48
CA GLY A 335 10.77 -27.17 22.23
C GLY A 335 11.82 -27.32 21.17
N ALA A 336 12.38 -26.19 20.73
CA ALA A 336 13.34 -26.20 19.63
C ALA A 336 14.57 -27.01 19.97
N TYR A 337 15.07 -26.84 21.19
CA TYR A 337 16.25 -27.57 21.62
C TYR A 337 15.97 -29.05 21.64
N ASP A 338 14.85 -29.45 22.23
CA ASP A 338 14.53 -30.89 22.27
C ASP A 338 14.28 -31.50 20.87
N GLU A 339 13.82 -30.70 19.93
CA GLU A 339 13.60 -31.15 18.54
C GLU A 339 14.88 -31.34 17.75
N PHE A 340 15.80 -30.38 17.88
CA PHE A 340 16.99 -30.33 17.02
C PHE A 340 18.28 -30.92 17.56
N MET A 341 18.47 -30.90 18.86
CA MET A 341 19.69 -31.48 19.43
C MET A 341 19.91 -32.93 19.02
N PRO A 342 18.90 -33.79 19.01
CA PRO A 342 19.13 -35.18 18.54
C PRO A 342 19.63 -35.27 17.10
N LEU A 343 19.43 -34.20 16.31
CA LEU A 343 19.80 -34.17 14.91
C LEU A 343 21.12 -33.46 14.64
N ASP A 344 21.78 -32.98 15.70
CA ASP A 344 23.04 -32.28 15.56
C ASP A 344 24.04 -33.25 14.89
N GLY A 345 24.60 -32.82 13.77
CA GLY A 345 25.51 -33.64 12.96
C GLY A 345 24.87 -34.38 11.78
N LYS A 346 23.54 -34.43 11.74
CA LYS A 346 22.83 -35.18 10.72
C LYS A 346 22.48 -34.34 9.49
N PHE A 347 22.70 -33.02 9.57
CA PHE A 347 22.36 -32.14 8.47
C PHE A 347 23.52 -32.05 7.50
N ALA A 348 23.16 -31.95 6.22
CA ALA A 348 24.12 -31.79 5.15
C ALA A 348 24.86 -30.47 5.29
N ASP A 349 26.04 -30.38 4.66
CA ASP A 349 26.88 -29.19 4.82
C ASP A 349 26.31 -27.89 4.19
N ASN A 350 25.38 -28.02 3.25
CA ASN A 350 24.66 -26.89 2.65
C ASN A 350 23.26 -26.64 3.30
N VAL A 351 23.09 -27.16 4.50
CA VAL A 351 21.95 -26.84 5.35
C VAL A 351 22.46 -25.96 6.49
N ILE A 352 21.72 -24.88 6.76
CA ILE A 352 22.02 -23.99 7.86
C ILE A 352 20.71 -23.88 8.66
N LEU A 353 20.79 -24.17 9.96
CA LEU A 353 19.65 -24.06 10.85
C LEU A 353 19.45 -22.62 11.27
N GLN A 354 18.31 -22.03 10.89
CA GLN A 354 17.99 -20.65 11.17
C GLN A 354 17.12 -20.57 12.43
N ILE A 355 17.70 -19.95 13.45
CA ILE A 355 17.20 -19.97 14.85
C ILE A 355 16.88 -18.57 15.30
N LYS A 356 15.66 -18.35 15.77
CA LYS A 356 15.31 -17.05 16.36
C LYS A 356 16.18 -16.74 17.56
N ASN A 357 16.30 -15.46 17.91
CA ASN A 357 17.17 -15.08 19.02
C ASN A 357 16.85 -15.81 20.35
N GLY A 358 15.57 -16.02 20.57
CA GLY A 358 15.05 -16.66 21.78
C GLY A 358 14.20 -17.87 21.45
N PRO A 359 13.92 -18.67 22.47
CA PRO A 359 13.19 -19.93 22.28
C PRO A 359 11.68 -19.81 22.16
N ILE A 360 11.10 -18.62 22.37
CA ILE A 360 9.65 -18.46 22.26
C ILE A 360 9.34 -17.84 20.90
N ASP A 361 9.27 -16.52 20.81
CA ASP A 361 8.78 -15.91 19.58
C ASP A 361 8.96 -14.40 19.56
N PHE A 362 10.19 -13.93 19.43
CA PHE A 362 10.45 -12.50 19.27
C PHE A 362 9.88 -11.57 20.35
N GLN A 363 9.70 -12.09 21.55
CA GLN A 363 9.10 -11.29 22.62
C GLN A 363 10.07 -10.16 23.05
N PRO A 364 9.55 -9.08 23.65
CA PRO A 364 10.43 -7.93 23.90
C PRO A 364 11.76 -8.19 24.60
N ARG A 365 11.79 -9.16 25.49
CA ARG A 365 13.04 -9.72 25.97
C ARG A 365 12.86 -11.23 26.12
N GLU A 366 13.81 -11.98 25.53
CA GLU A 366 13.92 -13.41 25.72
C GLU A 366 15.37 -13.76 26.04
N PRO A 367 15.57 -14.81 26.83
CA PRO A 367 16.92 -15.34 27.00
C PRO A 367 17.34 -15.97 25.68
N PHE A 368 18.63 -16.17 25.51
CA PHE A 368 19.13 -16.69 24.25
C PHE A 368 18.65 -18.12 23.99
N SER A 369 18.41 -18.45 22.72
CA SER A 369 18.03 -19.79 22.33
C SER A 369 19.17 -20.75 22.65
N ALA A 370 18.84 -21.76 23.44
CA ALA A 370 19.80 -22.75 23.91
C ALA A 370 20.42 -23.49 22.78
N LEU A 371 19.70 -23.62 21.64
CA LEU A 371 20.30 -24.25 20.47
C LEU A 371 21.63 -23.63 20.09
N PHE A 372 21.79 -22.32 20.25
CA PHE A 372 23.06 -21.68 19.82
C PHE A 372 24.26 -22.22 20.59
N ALA A 373 24.08 -22.57 21.85
CA ALA A 373 25.17 -23.08 22.71
C ALA A 373 25.28 -24.59 22.68
N GLY A 374 24.31 -25.26 22.06
CA GLY A 374 24.27 -26.72 22.03
C GLY A 374 24.66 -27.43 20.75
N MET A 375 24.30 -26.86 19.60
CA MET A 375 24.53 -27.50 18.30
C MET A 375 25.98 -27.24 17.91
N SER A 376 26.82 -28.26 18.07
CA SER A 376 28.23 -28.10 17.83
C SER A 376 28.72 -28.68 16.52
N ARG A 377 27.81 -29.32 15.79
CA ARG A 377 28.11 -30.00 14.55
C ARG A 377 27.19 -29.66 13.42
N THR A 378 26.52 -28.51 13.54
CA THR A 378 25.55 -28.09 12.55
C THR A 378 25.74 -26.60 12.29
N ASN A 379 25.64 -26.23 11.02
CA ASN A 379 25.71 -24.82 10.65
C ASN A 379 24.48 -24.12 11.23
N MET A 380 24.70 -22.96 11.80
CA MET A 380 23.62 -22.12 12.36
C MET A 380 23.65 -20.68 11.86
N MET A 381 22.48 -20.03 11.85
CA MET A 381 22.37 -18.61 11.60
C MET A 381 21.27 -18.06 12.49
N MET A 382 21.39 -16.77 12.80
CA MET A 382 20.45 -16.04 13.67
C MET A 382 19.28 -15.49 12.87
N GLU A 383 18.10 -15.47 13.51
CA GLU A 383 16.96 -14.80 12.92
C GLU A 383 16.46 -13.77 13.94
N PHE A 384 16.54 -12.50 13.56
CA PHE A 384 15.99 -11.40 14.34
C PHE A 384 14.77 -10.82 13.63
N GLN A 385 13.90 -10.23 14.42
CA GLN A 385 12.73 -9.49 13.94
C GLN A 385 12.93 -7.97 14.00
N ILE A 386 12.68 -7.31 12.86
CA ILE A 386 12.78 -5.85 12.71
C ILE A 386 11.36 -5.27 12.74
N THR A 387 10.48 -5.83 11.90
CA THR A 387 9.08 -5.43 11.88
C THR A 387 8.56 -5.55 13.31
N GLN A 388 7.72 -4.61 13.73
CA GLN A 388 7.34 -4.53 15.13
C GLN A 388 6.09 -5.29 15.48
N GLU A 389 6.14 -6.59 15.24
CA GLU A 389 5.02 -7.45 15.57
C GLU A 389 4.67 -7.32 17.05
N TYR A 390 5.70 -7.24 17.87
CA TYR A 390 5.54 -7.25 19.31
C TYR A 390 5.96 -5.92 19.96
N PHE A 391 6.31 -4.94 19.13
CA PHE A 391 6.81 -3.64 19.60
C PHE A 391 5.93 -2.49 19.10
N GLY A 392 4.72 -2.79 18.63
CA GLY A 392 3.77 -1.72 18.35
C GLY A 392 3.48 -1.33 16.93
N PHE A 393 3.69 -2.26 16.00
CA PHE A 393 3.29 -2.11 14.61
C PHE A 393 3.99 -0.88 14.04
N ALA A 394 3.26 0.04 13.39
CA ALA A 394 3.90 1.21 12.83
C ALA A 394 3.67 2.48 13.63
N THR A 395 3.14 2.35 14.85
CA THR A 395 2.84 3.55 15.63
C THR A 395 3.73 3.76 16.85
N HIS A 396 4.48 2.76 17.29
CA HIS A 396 5.40 2.91 18.41
C HIS A 396 6.87 3.06 17.93
N LEU A 397 7.60 3.93 18.60
CA LEU A 397 9.00 4.14 18.37
C LEU A 397 9.77 3.11 19.23
N ALA A 398 10.48 2.22 18.54
CA ALA A 398 11.17 1.12 19.20
C ALA A 398 12.40 0.68 18.39
N TYR A 399 13.50 1.43 18.52
CA TYR A 399 14.76 1.07 17.90
C TYR A 399 15.21 -0.28 18.46
N GLN A 400 15.48 -1.24 17.56
CA GLN A 400 15.79 -2.61 17.98
C GLN A 400 17.28 -2.93 18.12
N GLY A 401 18.13 -1.95 17.78
CA GLY A 401 19.57 -2.09 17.96
C GLY A 401 19.94 -2.69 19.31
N PRO A 402 19.37 -2.19 20.40
CA PRO A 402 19.72 -2.75 21.71
C PRO A 402 19.33 -4.17 21.92
N LEU A 403 18.23 -4.63 21.32
CA LEU A 403 17.83 -6.01 21.42
C LEU A 403 18.84 -6.90 20.71
N PHE A 404 19.23 -6.49 19.50
CA PHE A 404 20.22 -7.23 18.72
C PHE A 404 21.59 -7.24 19.42
N GLU A 405 22.05 -6.09 19.91
CA GLU A 405 23.34 -6.05 20.60
C GLU A 405 23.33 -6.93 21.88
N GLU A 406 22.23 -6.83 22.64
CA GLU A 406 22.06 -7.59 23.87
C GLU A 406 22.25 -9.09 23.55
N SER A 407 21.57 -9.53 22.51
CA SER A 407 21.70 -10.90 22.03
C SER A 407 23.13 -11.25 21.60
N LEU A 408 23.70 -10.48 20.68
CA LEU A 408 24.99 -10.79 20.07
C LEU A 408 26.14 -10.79 21.08
N LYS A 409 26.06 -9.96 22.11
CA LYS A 409 27.10 -9.90 23.15
C LYS A 409 26.84 -10.80 24.36
N THR A 410 25.75 -11.58 24.33
CA THR A 410 25.48 -12.47 25.45
C THR A 410 26.53 -13.58 25.51
N GLU A 411 27.15 -13.74 26.68
CA GLU A 411 28.10 -14.84 26.91
C GLU A 411 27.27 -16.09 27.20
N THR A 412 27.52 -17.15 26.43
CA THR A 412 26.78 -18.40 26.63
C THR A 412 27.55 -19.45 27.41
N HIS A 413 28.87 -19.25 27.52
CA HIS A 413 29.78 -20.23 28.12
C HIS A 413 29.80 -21.58 27.40
N ALA A 414 29.38 -21.66 26.11
CA ALA A 414 29.25 -22.94 25.39
C ALA A 414 30.53 -23.77 25.45
N ARG A 415 31.65 -23.08 25.23
CA ARG A 415 33.02 -23.66 25.30
C ARG A 415 33.86 -22.73 26.16
N GLY A 416 33.30 -22.38 27.31
CA GLY A 416 33.95 -21.49 28.24
C GLY A 416 33.80 -20.04 27.84
N GLU A 417 34.55 -19.18 28.50
CA GLU A 417 34.47 -17.75 28.24
C GLU A 417 34.80 -17.39 26.79
N GLY A 418 34.19 -16.32 26.30
CA GLY A 418 34.33 -15.92 24.92
C GLY A 418 33.33 -16.58 23.98
N SER A 419 32.40 -17.35 24.53
CA SER A 419 31.41 -18.03 23.71
C SER A 419 30.18 -17.14 23.57
N THR A 420 30.40 -15.93 23.11
CA THR A 420 29.25 -15.04 22.88
C THR A 420 28.45 -15.55 21.69
N ILE A 421 27.19 -15.12 21.64
CA ILE A 421 26.33 -15.48 20.54
C ILE A 421 26.97 -15.03 19.22
N GLY A 422 27.50 -13.81 19.22
CA GLY A 422 28.18 -13.30 18.03
C GLY A 422 29.36 -14.17 17.61
N ASN A 423 30.19 -14.57 18.57
CA ASN A 423 31.32 -15.45 18.25
C ASN A 423 30.88 -16.84 17.80
N ILE A 424 29.76 -17.33 18.35
CA ILE A 424 29.18 -18.59 17.88
C ILE A 424 28.76 -18.45 16.41
N LEU A 425 28.00 -17.39 16.14
CA LEU A 425 27.54 -17.12 14.76
C LEU A 425 28.70 -17.00 13.77
N GLU A 426 29.79 -16.38 14.18
CA GLU A 426 30.93 -16.16 13.30
C GLU A 426 31.64 -17.48 12.95
N GLY A 427 31.45 -18.50 13.78
CA GLY A 427 32.07 -19.77 13.58
C GLY A 427 33.32 -19.97 14.40
N LYS A 428 33.60 -19.04 15.30
CA LYS A 428 34.79 -19.09 16.16
C LYS A 428 34.69 -20.10 17.29
N VAL A 429 33.48 -20.48 17.72
CA VAL A 429 33.30 -21.36 18.89
C VAL A 429 33.34 -22.84 18.46
N PHE A 430 32.50 -23.18 17.50
CA PHE A 430 32.37 -24.54 16.99
C PHE A 430 33.09 -24.86 15.71
N LYS A 431 33.68 -23.87 15.05
CA LYS A 431 34.47 -24.10 13.83
C LYS A 431 33.65 -24.75 12.70
N THR A 432 32.73 -23.98 12.12
CA THR A 432 31.68 -24.45 11.20
C THR A 432 31.80 -23.95 9.73
N ARG A 433 30.91 -24.43 8.83
CA ARG A 433 31.03 -24.12 7.40
C ARG A 433 30.39 -22.81 6.89
N HIS A 434 29.15 -22.62 7.29
CA HIS A 434 28.33 -21.57 6.76
C HIS A 434 27.79 -20.77 7.93
N THR A 435 27.82 -19.44 7.83
CA THR A 435 27.37 -18.55 8.90
C THR A 435 26.41 -17.50 8.38
N GLY A 436 25.67 -16.88 9.28
CA GLY A 436 24.75 -15.87 8.81
C GLY A 436 23.80 -15.29 9.81
N MET A 437 23.04 -14.31 9.33
CA MET A 437 22.04 -13.65 10.13
C MET A 437 20.94 -13.19 9.17
N ALA A 438 19.70 -13.38 9.60
CA ALA A 438 18.52 -13.04 8.85
C ALA A 438 17.67 -12.10 9.65
N GLY A 439 17.06 -11.13 8.95
CA GLY A 439 16.27 -10.10 9.59
C GLY A 439 14.90 -9.97 8.96
N VAL A 440 13.87 -10.16 9.78
CA VAL A 440 12.50 -10.12 9.28
C VAL A 440 12.11 -8.63 9.26
N ILE A 441 12.20 -8.01 8.08
CA ILE A 441 12.01 -6.56 7.94
C ILE A 441 10.62 -6.12 7.55
N ASN A 442 9.94 -6.95 6.77
CA ASN A 442 8.56 -6.66 6.33
C ASN A 442 8.22 -5.22 5.94
N PRO A 443 9.04 -4.61 5.09
CA PRO A 443 8.71 -3.29 4.59
C PRO A 443 7.59 -3.41 3.57
N GLY A 444 7.10 -2.27 3.13
CA GLY A 444 6.08 -2.28 2.10
C GLY A 444 6.05 -1.03 1.27
N THR A 445 4.93 -0.81 0.60
CA THR A 445 4.81 0.27 -0.40
C THR A 445 4.68 1.67 0.19
N ASP A 446 4.50 1.81 1.49
CA ASP A 446 4.54 3.13 2.11
C ASP A 446 5.75 3.89 1.61
N ARG A 447 5.58 5.20 1.43
CA ARG A 447 6.62 6.02 0.82
C ARG A 447 7.95 5.93 1.53
N ASN A 448 7.91 5.79 2.86
CA ASN A 448 9.11 5.65 3.67
C ASN A 448 9.56 4.22 3.96
N TRP A 449 8.95 3.25 3.26
CA TRP A 449 9.26 1.83 3.32
C TRP A 449 8.85 1.07 4.60
N THR A 450 8.95 1.74 5.75
CA THR A 450 8.77 1.08 7.04
C THR A 450 7.58 1.57 7.89
N GLY A 451 6.83 2.56 7.42
CA GLY A 451 5.67 3.08 8.15
C GLY A 451 6.11 4.10 9.15
N HIS A 452 6.60 3.60 10.30
CA HIS A 452 7.19 4.45 11.31
C HIS A 452 8.61 4.77 10.83
N PRO A 453 9.00 6.04 10.77
CA PRO A 453 10.36 6.40 10.40
C PRO A 453 11.46 5.66 11.17
N PHE A 454 11.24 5.47 12.45
CA PHE A 454 12.24 4.83 13.30
C PHE A 454 12.44 3.34 13.07
N VAL A 455 11.50 2.67 12.39
CA VAL A 455 11.75 1.28 12.03
C VAL A 455 12.95 1.20 11.06
N GLN A 456 13.16 2.26 10.27
CA GLN A 456 14.34 2.33 9.40
C GLN A 456 15.64 2.13 10.21
N SER A 457 15.70 2.68 11.42
CA SER A 457 16.89 2.55 12.28
C SER A 457 17.14 1.12 12.69
N SER A 458 16.08 0.34 12.85
CA SER A 458 16.22 -1.08 13.19
C SER A 458 16.74 -1.88 12.03
N TRP A 459 16.21 -1.65 10.83
CA TRP A 459 16.73 -2.26 9.62
C TRP A 459 18.22 -1.91 9.45
N TYR A 460 18.54 -0.63 9.68
CA TYR A 460 19.90 -0.14 9.57
C TYR A 460 20.80 -0.91 10.53
N ALA A 461 20.42 -0.99 11.80
CA ALA A 461 21.27 -1.63 12.81
C ALA A 461 21.44 -3.11 12.48
N PHE A 462 20.36 -3.76 12.08
CA PHE A 462 20.41 -5.14 11.67
C PHE A 462 21.51 -5.35 10.62
N GLY A 463 21.50 -4.59 9.52
CA GLY A 463 22.47 -4.86 8.47
C GLY A 463 23.90 -4.55 8.91
N ARG A 464 24.08 -3.50 9.70
CA ARG A 464 25.39 -3.16 10.25
C ARG A 464 25.92 -4.30 11.12
N MET A 465 25.07 -4.84 12.00
CA MET A 465 25.46 -5.93 12.88
C MET A 465 25.64 -7.24 12.16
N ALA A 466 24.93 -7.45 11.06
CA ALA A 466 25.19 -8.63 10.23
C ALA A 466 26.59 -8.59 9.61
N TRP A 467 27.06 -7.38 9.34
CA TRP A 467 28.42 -7.17 8.79
C TRP A 467 29.45 -7.34 9.92
N ASP A 468 29.18 -6.73 11.06
CA ASP A 468 30.05 -6.80 12.23
C ASP A 468 29.21 -6.87 13.49
N HIS A 469 29.14 -8.08 14.06
CA HIS A 469 28.28 -8.36 15.20
C HIS A 469 28.68 -7.69 16.51
N GLN A 470 29.85 -7.06 16.56
CA GLN A 470 30.30 -6.30 17.72
C GLN A 470 29.95 -4.83 17.63
N ILE A 471 29.40 -4.39 16.50
CA ILE A 471 28.94 -2.99 16.43
C ILE A 471 27.81 -2.79 17.46
N SER A 472 27.89 -1.71 18.22
CA SER A 472 26.93 -1.42 19.27
C SER A 472 25.71 -0.73 18.69
N ALA A 473 24.63 -0.84 19.45
CA ALA A 473 23.37 -0.16 19.13
C ALA A 473 23.63 1.36 19.07
N ALA A 474 24.47 1.85 19.98
CA ALA A 474 24.82 3.27 20.01
C ALA A 474 25.54 3.71 18.74
N THR A 475 26.54 2.96 18.33
CA THR A 475 27.27 3.29 17.11
C THR A 475 26.36 3.31 15.89
N ALA A 476 25.51 2.27 15.75
CA ALA A 476 24.63 2.20 14.59
C ALA A 476 23.61 3.36 14.62
N ALA A 477 23.16 3.73 15.81
CA ALA A 477 22.22 4.85 15.94
C ALA A 477 22.89 6.18 15.59
N ASP A 478 24.14 6.36 15.99
CA ASP A 478 24.87 7.58 15.69
C ASP A 478 24.98 7.75 14.17
N GLU A 479 25.40 6.68 13.47
CA GLU A 479 25.49 6.73 12.02
C GLU A 479 24.12 7.03 11.39
N TRP A 480 23.11 6.27 11.80
CA TRP A 480 21.80 6.39 11.20
C TRP A 480 21.22 7.81 11.36
N LEU A 481 21.41 8.37 12.55
CA LEU A 481 20.86 9.70 12.83
C LEU A 481 21.50 10.76 11.97
N ARG A 482 22.81 10.65 11.85
CA ARG A 482 23.58 11.53 10.97
C ARG A 482 23.15 11.45 9.51
N MET A 483 22.95 10.22 9.03
CA MET A 483 22.59 10.00 7.64
C MET A 483 21.13 10.36 7.32
N THR A 484 20.25 10.18 8.30
CA THR A 484 18.82 10.33 8.12
C THR A 484 18.29 11.68 8.49
N PHE A 485 18.88 12.31 9.50
CA PHE A 485 18.31 13.57 10.04
C PHE A 485 19.26 14.77 10.13
N SER A 486 20.37 14.61 10.84
CA SER A 486 21.21 15.75 11.14
C SER A 486 22.52 15.33 11.74
N ASN A 487 23.57 16.11 11.44
CA ASN A 487 24.87 15.93 12.09
C ASN A 487 25.07 16.88 13.28
N GLN A 488 24.03 17.62 13.67
CA GLN A 488 24.17 18.54 14.79
C GLN A 488 24.37 17.78 16.10
N PRO A 489 25.48 17.98 16.84
CA PRO A 489 25.66 17.26 18.09
C PRO A 489 24.55 17.42 19.13
N ALA A 490 23.96 18.62 19.19
CA ALA A 490 22.87 18.87 20.15
C ALA A 490 21.63 18.03 19.83
N PHE A 491 21.52 17.59 18.59
CA PHE A 491 20.42 16.71 18.17
C PHE A 491 20.78 15.26 18.40
N ILE A 492 21.96 14.90 17.96
CA ILE A 492 22.38 13.50 17.97
C ILE A 492 22.32 12.92 19.37
N GLU A 493 22.90 13.61 20.33
CA GLU A 493 22.97 13.06 21.69
C GLU A 493 21.62 12.71 22.28
N PRO A 494 20.69 13.66 22.43
CA PRO A 494 19.43 13.32 23.07
C PRO A 494 18.60 12.31 22.24
N VAL A 495 18.64 12.42 20.93
CA VAL A 495 17.85 11.49 20.10
C VAL A 495 18.45 10.08 20.13
N LYS A 496 19.78 9.96 20.19
CA LYS A 496 20.42 8.67 20.32
C LYS A 496 19.98 7.99 21.63
N GLN A 497 20.02 8.74 22.71
CA GLN A 497 19.59 8.22 24.01
C GLN A 497 18.13 7.83 24.00
N MET A 498 17.28 8.66 23.38
CA MET A 498 15.84 8.34 23.21
C MET A 498 15.71 6.98 22.47
N MET A 499 16.46 6.82 21.41
CA MET A 499 16.44 5.56 20.64
C MET A 499 16.87 4.40 21.49
N LEU A 500 17.94 4.62 22.27
CA LEU A 500 18.47 3.54 23.10
C LEU A 500 17.56 3.11 24.23
N VAL A 501 16.70 3.99 24.73
CA VAL A 501 15.79 3.62 25.80
C VAL A 501 14.49 3.02 25.25
N SER A 502 14.20 3.31 23.98
CA SER A 502 12.91 2.96 23.42
C SER A 502 12.58 1.44 23.45
N ARG A 503 13.59 0.61 23.24
CA ARG A 503 13.38 -0.82 23.35
C ARG A 503 12.95 -1.16 24.77
N GLU A 504 13.70 -0.68 25.75
CA GLU A 504 13.37 -0.98 27.16
C GLU A 504 12.02 -0.47 27.59
N ALA A 505 11.64 0.69 27.09
CA ALA A 505 10.34 1.22 27.35
C ALA A 505 9.25 0.22 26.89
N GLY A 506 9.44 -0.36 25.69
CA GLY A 506 8.53 -1.33 25.11
C GLY A 506 8.45 -2.63 25.89
N VAL A 507 9.54 -2.97 26.54
CA VAL A 507 9.54 -4.10 27.48
C VAL A 507 8.71 -3.69 28.72
N ASN A 508 9.06 -2.54 29.28
CA ASN A 508 8.46 -2.09 30.57
C ASN A 508 6.95 -1.97 30.60
N TYR A 509 6.35 -1.38 29.56
CA TYR A 509 4.90 -1.22 29.56
C TYR A 509 4.12 -2.46 29.08
N ARG A 510 4.81 -3.51 28.66
CA ARG A 510 4.19 -4.73 28.19
C ARG A 510 4.39 -5.92 29.11
N SER A 511 5.64 -6.19 29.47
CA SER A 511 5.99 -7.46 30.11
C SER A 511 7.42 -7.42 30.66
N PRO A 512 7.62 -6.71 31.75
CA PRO A 512 8.93 -6.62 32.38
C PRO A 512 9.22 -7.84 33.26
N LEU A 513 10.45 -7.89 33.75
CA LEU A 513 10.91 -8.84 34.77
C LEU A 513 10.91 -10.29 34.35
N GLY A 514 10.89 -10.56 33.05
CA GLY A 514 10.80 -11.95 32.59
C GLY A 514 9.40 -12.40 32.20
N LEU A 515 8.39 -11.55 32.42
CA LEU A 515 7.09 -11.80 31.84
C LEU A 515 7.21 -11.76 30.33
N THR A 516 6.25 -12.40 29.70
CA THR A 516 6.25 -12.56 28.26
C THR A 516 4.92 -13.01 27.75
N HIS A 517 4.70 -12.81 26.47
CA HIS A 517 3.54 -13.36 25.77
C HIS A 517 2.19 -12.95 26.35
N LEU A 518 2.08 -11.65 26.64
CA LEU A 518 0.86 -11.07 27.23
C LEU A 518 -0.03 -10.38 26.20
N TYR A 519 0.25 -10.59 24.92
CA TYR A 519 -0.48 -9.92 23.85
C TYR A 519 -1.88 -10.47 23.53
N SER A 520 -2.68 -9.60 22.92
CA SER A 520 -3.92 -9.97 22.28
C SER A 520 -3.61 -11.04 21.25
N GLN A 521 -4.38 -12.11 21.24
CA GLN A 521 -4.17 -13.14 20.27
C GLN A 521 -5.22 -13.06 19.20
N GLY A 522 -4.92 -13.26 17.93
CA GLY A 522 -3.62 -13.59 17.34
C GLY A 522 -2.99 -12.39 16.64
N ASP A 523 -3.61 -11.23 16.75
CA ASP A 523 -3.14 -10.01 16.11
C ASP A 523 -1.93 -9.37 16.76
N HIS A 524 -1.76 -9.57 18.06
CA HIS A 524 -0.65 -9.02 18.82
C HIS A 524 -0.51 -7.50 18.96
N TYR A 525 -1.62 -6.79 18.80
N TYR A 525 -1.57 -6.69 18.65
CA TYR A 525 -1.58 -5.35 18.83
CA TYR A 525 -1.46 -5.20 18.82
C TYR A 525 -1.55 -4.80 20.27
C TYR A 525 -1.56 -4.77 20.25
N GLY A 526 -2.49 -5.29 21.04
CA GLY A 526 -2.67 -4.79 22.41
C GLY A 526 -2.50 -5.77 23.52
N PRO A 527 -2.74 -5.31 24.75
CA PRO A 527 -2.64 -6.21 25.91
C PRO A 527 -3.80 -7.20 26.03
N ALA A 528 -3.47 -8.42 26.39
CA ALA A 528 -4.44 -9.38 26.83
C ALA A 528 -3.82 -10.42 27.79
N PRO A 529 -3.33 -9.98 28.95
CA PRO A 529 -2.66 -10.92 29.89
C PRO A 529 -3.56 -11.98 30.56
N TRP A 530 -4.87 -11.79 30.43
CA TRP A 530 -5.89 -12.73 30.89
C TRP A 530 -6.13 -13.86 29.91
N THR A 531 -5.57 -13.79 28.69
CA THR A 531 -5.86 -14.75 27.64
C THR A 531 -5.66 -16.16 28.13
N ASP A 532 -6.73 -16.95 28.01
CA ASP A 532 -6.74 -18.31 28.43
C ASP A 532 -7.67 -19.05 27.43
N ASP A 533 -7.86 -20.34 27.60
CA ASP A 533 -8.80 -21.10 26.73
C ASP A 533 -8.69 -20.89 25.21
N LEU A 534 -7.52 -21.15 24.65
CA LEU A 534 -7.35 -21.17 23.19
C LEU A 534 -7.19 -22.66 22.83
N PRO A 535 -7.28 -23.02 21.55
CA PRO A 535 -7.06 -24.41 21.15
C PRO A 535 -5.70 -24.97 21.57
N ARG A 536 -4.69 -24.10 21.62
CA ARG A 536 -3.43 -24.55 22.20
C ARG A 536 -3.06 -23.63 23.37
N ALA A 537 -2.80 -24.27 24.52
CA ALA A 537 -2.44 -23.57 25.76
C ALA A 537 -1.20 -22.70 25.62
N ASP A 538 -0.24 -23.16 24.82
CA ASP A 538 1.01 -22.38 24.58
C ASP A 538 0.85 -21.13 23.71
N TRP A 539 -0.37 -20.84 23.26
CA TRP A 539 -0.69 -19.59 22.58
C TRP A 539 -1.39 -18.60 23.51
N THR A 540 -1.67 -19.03 24.74
CA THR A 540 -2.33 -18.17 25.74
C THR A 540 -1.34 -17.34 26.52
N ALA A 541 -1.83 -16.45 27.38
CA ALA A 541 -0.98 -15.63 28.25
C ALA A 541 -0.75 -16.31 29.59
N VAL A 542 -1.82 -16.89 30.14
CA VAL A 542 -1.71 -17.50 31.47
C VAL A 542 -0.72 -18.65 31.59
N TYR A 543 -0.54 -19.37 30.48
CA TYR A 543 0.44 -20.44 30.35
C TYR A 543 1.85 -19.95 30.74
N TYR A 544 2.17 -18.71 30.35
CA TYR A 544 3.53 -18.17 30.58
C TYR A 544 3.73 -17.55 31.97
N HIS A 545 2.75 -16.79 32.46
CA HIS A 545 2.92 -16.02 33.72
C HIS A 545 2.57 -16.81 34.97
N ARG A 546 1.58 -17.70 34.85
CA ARG A 546 1.15 -18.54 35.95
C ARG A 546 0.86 -17.76 37.23
N ALA A 547 0.30 -16.57 37.06
CA ALA A 547 0.01 -15.69 38.17
C ALA A 547 -1.09 -16.26 39.04
N SER A 548 -0.88 -16.14 40.35
CA SER A 548 -1.88 -16.57 41.33
C SER A 548 -1.89 -15.58 42.49
N LYS A 549 -2.75 -15.85 43.47
CA LYS A 549 -2.76 -15.07 44.69
C LYS A 549 -1.42 -15.03 45.45
N THR A 550 -0.59 -16.06 45.33
CA THR A 550 0.64 -16.15 46.07
C THR A 550 1.87 -15.72 45.31
N GLY A 551 1.83 -15.84 43.97
CA GLY A 551 3.02 -15.53 43.21
C GLY A 551 2.85 -15.48 41.71
N ILE A 552 3.99 -15.44 41.03
CA ILE A 552 4.00 -15.31 39.59
C ILE A 552 5.34 -15.83 39.05
N GLY A 553 5.34 -16.25 37.79
CA GLY A 553 6.55 -16.74 37.15
C GLY A 553 6.44 -18.19 36.78
N PHE A 554 7.38 -18.64 35.95
CA PHE A 554 7.37 -20.01 35.43
C PHE A 554 8.65 -20.74 35.88
N ASN A 555 8.49 -21.82 36.61
CA ASN A 555 9.62 -22.59 37.13
C ASN A 555 10.27 -23.46 36.06
N ARG A 556 11.45 -23.03 35.62
CA ARG A 556 12.24 -23.72 34.62
C ARG A 556 13.54 -24.26 35.19
N THR A 557 13.61 -24.29 36.52
CA THR A 557 14.77 -24.87 37.23
C THR A 557 14.62 -26.38 37.30
N LYS A 558 15.59 -27.03 37.94
CA LYS A 558 15.50 -28.48 38.19
C LYS A 558 14.22 -28.96 38.86
N THR A 559 13.58 -28.10 39.66
CA THR A 559 12.30 -28.44 40.33
C THR A 559 11.03 -28.20 39.49
N GLY A 560 11.23 -27.58 38.32
CA GLY A 560 10.17 -27.30 37.38
C GLY A 560 10.38 -28.02 36.07
N SER A 561 10.35 -27.28 34.95
CA SER A 561 10.50 -27.92 33.64
C SER A 561 11.96 -28.27 33.30
N ASN A 562 12.91 -27.76 34.10
CA ASN A 562 14.33 -27.96 33.96
C ASN A 562 14.86 -27.58 32.60
N ALA A 563 14.26 -26.56 32.02
CA ALA A 563 14.78 -26.01 30.77
C ALA A 563 16.17 -25.45 30.99
N LEU A 564 16.51 -25.00 32.19
CA LEU A 564 17.86 -24.54 32.45
C LEU A 564 18.97 -25.57 32.16
N ALA A 565 18.64 -26.86 32.28
CA ALA A 565 19.56 -27.94 31.94
C ALA A 565 19.89 -28.02 30.46
N GLN A 566 19.15 -27.31 29.60
CA GLN A 566 19.45 -27.21 28.16
C GLN A 566 20.57 -26.22 27.89
N TYR A 567 20.90 -25.43 28.89
CA TYR A 567 21.98 -24.42 28.81
C TYR A 567 23.30 -24.98 29.35
N PRO A 568 24.42 -24.39 28.95
CA PRO A 568 25.70 -24.76 29.56
C PRO A 568 25.65 -24.52 31.06
N GLU A 569 26.36 -25.37 31.80
CA GLU A 569 26.36 -25.30 33.24
C GLU A 569 26.52 -23.94 33.87
N PRO A 570 27.46 -23.09 33.45
CA PRO A 570 27.56 -21.77 34.08
C PRO A 570 26.30 -20.88 33.96
N ILE A 571 25.60 -21.04 32.85
CA ILE A 571 24.32 -20.35 32.66
C ILE A 571 23.23 -20.97 33.55
N ALA A 572 23.13 -22.30 33.53
CA ALA A 572 22.15 -22.98 34.40
C ALA A 572 22.34 -22.57 35.88
N LYS A 573 23.61 -22.50 36.29
CA LYS A 573 23.99 -22.08 37.64
C LYS A 573 23.60 -20.64 37.91
N ALA A 574 23.99 -19.73 37.03
CA ALA A 574 23.76 -18.29 37.24
C ALA A 574 22.29 -17.96 37.26
N TRP A 575 21.54 -18.57 36.36
CA TRP A 575 20.10 -18.28 36.24
C TRP A 575 19.23 -19.04 37.21
N GLY A 576 19.71 -20.17 37.69
CA GLY A 576 18.96 -20.99 38.61
C GLY A 576 19.09 -20.54 40.05
N ASP A 577 20.13 -19.75 40.36
CA ASP A 577 20.34 -19.20 41.70
C ASP A 577 19.69 -17.83 41.79
N LEU A 578 18.79 -17.63 42.74
CA LEU A 578 18.14 -16.31 42.91
C LEU A 578 19.07 -15.17 43.25
N ASN A 579 20.22 -15.53 43.78
CA ASN A 579 21.21 -14.57 44.11
C ASN A 579 21.95 -13.98 42.91
N SER A 580 21.95 -14.67 41.77
CA SER A 580 22.69 -14.23 40.56
C SER A 580 21.85 -14.04 39.29
N VAL A 581 20.65 -14.59 39.28
CA VAL A 581 19.79 -14.45 38.10
C VAL A 581 19.50 -12.98 37.83
N PRO A 582 19.63 -12.51 36.58
CA PRO A 582 19.29 -11.13 36.28
C PRO A 582 17.80 -10.89 36.47
N GLU A 583 17.47 -9.78 37.10
CA GLU A 583 16.09 -9.43 37.35
C GLU A 583 15.31 -9.24 36.08
N ASP A 584 15.98 -8.81 35.03
CA ASP A 584 15.26 -8.65 33.77
C ASP A 584 14.88 -9.98 33.06
N LEU A 585 15.33 -11.12 33.59
CA LEU A 585 14.92 -12.44 33.12
C LEU A 585 14.23 -13.31 34.19
N ILE A 586 14.03 -12.77 35.38
CA ILE A 586 13.78 -13.64 36.53
C ILE A 586 12.55 -14.53 36.38
N LEU A 587 11.44 -13.98 35.89
CA LEU A 587 10.20 -14.73 35.80
C LEU A 587 10.17 -15.74 34.67
N TRP A 588 11.19 -15.73 33.80
CA TRP A 588 11.33 -16.82 32.87
C TRP A 588 11.64 -18.15 33.54
N PHE A 589 12.31 -18.12 34.69
CA PHE A 589 12.85 -19.35 35.29
C PHE A 589 12.36 -19.65 36.70
N HIS A 590 11.82 -18.65 37.39
CA HIS A 590 11.39 -18.78 38.78
C HIS A 590 9.96 -18.37 38.98
N HIS A 591 9.23 -19.17 39.76
CA HIS A 591 7.91 -18.79 40.20
C HIS A 591 8.14 -18.23 41.58
N LEU A 592 7.88 -16.94 41.76
CA LEU A 592 8.23 -16.24 42.97
C LEU A 592 7.03 -15.70 43.69
N SER A 593 7.12 -15.74 45.02
CA SER A 593 6.16 -15.06 45.88
C SER A 593 6.07 -13.59 45.54
N TRP A 594 4.87 -13.02 45.61
CA TRP A 594 4.69 -11.57 45.48
C TRP A 594 5.52 -10.75 46.52
N ASP A 595 5.87 -11.38 47.65
CA ASP A 595 6.71 -10.72 48.66
C ASP A 595 8.20 -10.79 48.47
N HIS A 596 8.65 -11.49 47.42
CA HIS A 596 10.07 -11.57 47.15
C HIS A 596 10.62 -10.15 47.02
N ARG A 597 11.71 -9.86 47.72
CA ARG A 597 12.27 -8.50 47.65
C ARG A 597 13.29 -8.38 46.56
N MET A 598 13.10 -7.37 45.72
CA MET A 598 13.98 -7.10 44.62
C MET A 598 15.14 -6.19 45.04
N GLN A 599 16.11 -6.07 44.15
CA GLN A 599 17.31 -5.25 44.38
C GLN A 599 16.99 -3.81 44.78
N SER A 600 15.91 -3.27 44.19
CA SER A 600 15.44 -1.91 44.50
C SER A 600 14.85 -1.72 45.92
N GLY A 601 14.51 -2.82 46.60
CA GLY A 601 13.88 -2.75 47.91
C GLY A 601 12.38 -2.98 47.88
N ARG A 602 11.82 -2.88 46.69
CA ARG A 602 10.44 -3.16 46.49
C ARG A 602 10.22 -4.65 46.52
N ASN A 603 9.02 -5.04 46.93
CA ASN A 603 8.63 -6.44 46.73
C ASN A 603 8.33 -6.65 45.22
N LEU A 604 8.08 -7.89 44.82
CA LEU A 604 7.85 -8.22 43.44
C LEU A 604 6.60 -7.54 42.88
N TRP A 605 5.52 -7.50 43.66
CA TRP A 605 4.30 -6.82 43.22
C TRP A 605 4.58 -5.33 42.96
N GLN A 606 5.24 -4.70 43.90
CA GLN A 606 5.62 -3.30 43.81
C GLN A 606 6.55 -3.02 42.62
N GLU A 607 7.49 -3.92 42.36
CA GLU A 607 8.43 -3.78 41.27
C GLU A 607 7.73 -3.91 39.95
N LEU A 608 6.78 -4.87 39.87
CA LEU A 608 6.00 -5.05 38.65
C LEU A 608 5.25 -3.77 38.34
N VAL A 609 4.53 -3.27 39.32
CA VAL A 609 3.83 -2.00 39.11
C VAL A 609 4.79 -0.87 38.69
N HIS A 610 5.93 -0.76 39.37
CA HIS A 610 6.90 0.29 39.08
C HIS A 610 7.38 0.20 37.63
N LYS A 611 7.65 -1.02 37.16
CA LYS A 611 8.16 -1.21 35.79
C LYS A 611 7.11 -0.81 34.74
N TYR A 612 5.87 -1.21 34.92
CA TYR A 612 4.78 -0.88 34.00
C TYR A 612 4.59 0.63 33.94
N TYR A 613 4.61 1.27 35.10
CA TYR A 613 4.47 2.75 35.14
C TYR A 613 5.73 3.45 34.56
N GLN A 614 6.91 2.87 34.81
CA GLN A 614 8.15 3.40 34.22
C GLN A 614 8.11 3.42 32.71
N GLY A 615 7.62 2.35 32.09
CA GLY A 615 7.50 2.27 30.63
C GLY A 615 6.73 3.42 30.03
N VAL A 616 5.61 3.76 30.64
CA VAL A 616 4.80 4.90 30.23
C VAL A 616 5.54 6.22 30.43
N GLU A 617 6.22 6.36 31.55
CA GLU A 617 7.01 7.56 31.81
C GLU A 617 8.13 7.69 30.79
N GLN A 618 8.70 6.55 30.36
CA GLN A 618 9.76 6.56 29.40
C GLN A 618 9.22 7.07 28.06
N VAL A 619 8.02 6.66 27.69
CA VAL A 619 7.42 7.21 26.45
C VAL A 619 7.17 8.71 26.56
N ARG A 620 6.69 9.14 27.71
CA ARG A 620 6.42 10.56 27.93
C ARG A 620 7.71 11.38 27.83
N ALA A 621 8.79 10.85 28.36
CA ALA A 621 10.11 11.49 28.22
C ALA A 621 10.58 11.50 26.77
N MET A 622 10.30 10.43 26.02
CA MET A 622 10.61 10.42 24.58
C MET A 622 9.87 11.56 23.87
N GLN A 623 8.60 11.76 24.24
CA GLN A 623 7.81 12.86 23.68
C GLN A 623 8.50 14.20 23.93
N ARG A 624 8.91 14.42 25.17
CA ARG A 624 9.57 15.69 25.52
C ARG A 624 10.90 15.88 24.80
N THR A 625 11.70 14.83 24.72
CA THR A 625 12.93 14.87 23.95
C THR A 625 12.68 15.21 22.48
N TRP A 626 11.73 14.53 21.86
CA TRP A 626 11.44 14.81 20.44
C TRP A 626 10.99 16.24 20.21
N ASP A 627 10.13 16.76 21.07
CA ASP A 627 9.70 18.16 20.95
C ASP A 627 10.86 19.15 20.95
N GLN A 628 11.93 18.82 21.67
CA GLN A 628 13.11 19.69 21.75
C GLN A 628 13.97 19.70 20.47
N GLN A 629 13.61 18.87 19.47
CA GLN A 629 14.41 18.75 18.27
C GLN A 629 13.83 19.44 17.07
N GLU A 630 12.76 20.24 17.26
CA GLU A 630 12.08 20.85 16.13
C GLU A 630 12.95 21.64 15.21
N ALA A 631 13.96 22.31 15.75
CA ALA A 631 14.86 23.09 14.92
C ALA A 631 15.78 22.31 14.01
N TYR A 632 15.98 21.03 14.28
CA TYR A 632 16.95 20.20 13.55
C TYR A 632 16.38 19.26 12.52
N VAL A 633 15.08 19.08 12.51
CA VAL A 633 14.39 18.12 11.68
C VAL A 633 13.47 18.88 10.73
N ASP A 634 13.28 18.35 9.53
CA ASP A 634 12.29 18.93 8.60
C ASP A 634 10.90 18.85 9.23
N ALA A 635 10.06 19.81 8.87
CA ALA A 635 8.75 19.93 9.48
C ALA A 635 7.87 18.70 9.32
N ALA A 636 7.94 18.03 8.16
CA ALA A 636 7.04 16.90 7.88
C ALA A 636 7.35 15.69 8.74
N ARG A 637 8.61 15.25 8.74
CA ARG A 637 8.99 14.11 9.61
C ARG A 637 8.89 14.47 11.07
N PHE A 638 9.17 15.74 11.44
CA PHE A 638 9.01 16.16 12.81
C PHE A 638 7.56 15.93 13.28
N ALA A 639 6.63 16.43 12.48
CA ALA A 639 5.20 16.37 12.82
C ALA A 639 4.71 14.94 12.87
N GLN A 640 5.20 14.11 11.94
CA GLN A 640 4.81 12.72 11.88
C GLN A 640 5.24 11.98 13.13
N VAL A 641 6.51 12.10 13.45
CA VAL A 641 7.06 11.45 14.67
C VAL A 641 6.38 11.96 15.92
N LYS A 642 6.15 13.28 16.04
CA LYS A 642 5.44 13.83 17.18
C LYS A 642 4.06 13.17 17.34
N ALA A 643 3.31 13.06 16.26
CA ALA A 643 1.98 12.48 16.29
C ALA A 643 2.00 11.00 16.66
N LEU A 644 2.94 10.26 16.09
CA LEU A 644 3.04 8.83 16.37
C LEU A 644 3.41 8.60 17.84
N LEU A 645 4.25 9.46 18.39
CA LEU A 645 4.61 9.36 19.82
C LEU A 645 3.37 9.62 20.72
N GLN A 646 2.46 10.49 20.29
CA GLN A 646 1.20 10.66 21.00
C GLN A 646 0.40 9.37 20.96
N VAL A 647 0.31 8.74 19.79
CA VAL A 647 -0.43 7.46 19.68
C VAL A 647 0.20 6.42 20.62
N GLN A 648 1.53 6.35 20.56
CA GLN A 648 2.29 5.43 21.40
C GLN A 648 2.02 5.65 22.89
N GLU A 649 1.99 6.92 23.32
CA GLU A 649 1.78 7.21 24.76
C GLU A 649 0.37 6.72 25.17
N ARG A 650 -0.62 6.94 24.33
CA ARG A 650 -1.98 6.51 24.62
C ARG A 650 -2.09 4.98 24.70
N GLU A 651 -1.44 4.32 23.76
N GLU A 651 -1.45 4.32 23.75
CA GLU A 651 -1.42 2.86 23.77
CA GLU A 651 -1.43 2.84 23.73
C GLU A 651 -0.61 2.27 24.91
C GLU A 651 -0.62 2.26 24.90
N ALA A 652 0.48 2.95 25.28
CA ALA A 652 1.32 2.50 26.42
C ALA A 652 0.53 2.61 27.74
N VAL A 653 -0.24 3.68 27.87
CA VAL A 653 -1.16 3.79 29.03
C VAL A 653 -2.18 2.66 29.05
N ARG A 654 -2.75 2.34 27.89
N ARG A 654 -2.73 2.32 27.89
CA ARG A 654 -3.70 1.24 27.80
CA ARG A 654 -3.69 1.23 27.79
C ARG A 654 -3.04 -0.08 28.23
C ARG A 654 -3.04 -0.09 28.23
N TRP A 655 -1.83 -0.31 27.74
CA TRP A 655 -1.06 -1.49 28.10
C TRP A 655 -0.81 -1.55 29.63
N ARG A 656 -0.29 -0.46 30.15
CA ARG A 656 -0.01 -0.32 31.57
C ARG A 656 -1.25 -0.60 32.40
N ASN A 657 -2.32 0.12 32.11
CA ASN A 657 -3.53 -0.05 32.88
C ASN A 657 -4.11 -1.43 32.81
N SER A 658 -4.11 -2.02 31.61
CA SER A 658 -4.66 -3.35 31.39
C SER A 658 -3.90 -4.41 32.20
N CYS A 659 -2.58 -4.32 32.17
CA CYS A 659 -1.75 -5.34 32.78
C CYS A 659 -1.72 -5.16 34.28
N VAL A 660 -1.54 -3.93 34.75
CA VAL A 660 -1.50 -3.70 36.21
C VAL A 660 -2.83 -4.08 36.85
N LEU A 661 -3.93 -3.66 36.23
CA LEU A 661 -5.25 -4.04 36.78
C LEU A 661 -5.50 -5.52 36.72
N TYR A 662 -5.04 -6.18 35.65
CA TYR A 662 -5.19 -7.62 35.54
C TYR A 662 -4.41 -8.33 36.65
N PHE A 663 -3.12 -8.04 36.76
CA PHE A 663 -2.31 -8.68 37.77
C PHE A 663 -2.80 -8.33 39.19
N GLN A 664 -3.32 -7.12 39.37
CA GLN A 664 -3.93 -6.75 40.65
C GLN A 664 -5.11 -7.64 40.98
N SER A 665 -5.95 -7.92 39.97
CA SER A 665 -7.13 -8.75 40.20
C SER A 665 -6.73 -10.15 40.65
N VAL A 666 -5.56 -10.62 40.21
CA VAL A 666 -5.09 -11.93 40.59
C VAL A 666 -4.36 -11.90 41.95
N ALA A 667 -3.43 -10.98 42.14
CA ALA A 667 -2.65 -10.84 43.39
C ALA A 667 -3.45 -10.29 44.59
N GLY A 668 -4.46 -9.47 44.33
CA GLY A 668 -5.22 -8.82 45.38
C GLY A 668 -4.42 -7.82 46.20
N ARG A 669 -3.54 -7.08 45.55
CA ARG A 669 -2.71 -6.10 46.22
C ARG A 669 -2.98 -4.71 45.66
N PRO A 670 -2.78 -3.65 46.44
CA PRO A 670 -3.10 -2.31 45.96
C PRO A 670 -2.00 -1.73 45.11
N ILE A 671 -2.38 -0.85 44.20
CA ILE A 671 -1.41 -0.07 43.45
C ILE A 671 -0.93 1.00 44.44
N PRO A 672 0.36 1.09 44.76
CA PRO A 672 0.81 2.14 45.69
C PRO A 672 0.28 3.55 45.34
N ALA A 673 -0.07 4.34 46.36
CA ALA A 673 -0.71 5.66 46.16
C ALA A 673 0.09 6.71 45.35
N ASN A 674 1.41 6.59 45.31
CA ASN A 674 2.23 7.50 44.47
C ASN A 674 1.87 7.43 42.95
N TYR A 675 1.42 6.26 42.50
CA TYR A 675 1.07 6.05 41.09
C TYR A 675 -0.30 6.54 40.74
N GLU A 676 -0.42 7.11 39.55
CA GLU A 676 -1.72 7.55 39.05
C GLU A 676 -2.58 6.30 38.83
N GLN A 677 -3.77 6.31 39.44
CA GLN A 677 -4.67 5.17 39.39
C GLN A 677 -5.30 5.17 38.00
N PRO A 678 -5.40 4.00 37.36
CA PRO A 678 -5.99 3.93 36.02
C PRO A 678 -7.35 4.60 35.88
N GLU A 679 -7.48 5.32 34.75
CA GLU A 679 -8.71 6.01 34.33
C GLU A 679 -10.02 5.18 34.46
N HIS A 680 -9.94 3.85 34.24
CA HIS A 680 -11.09 2.90 34.32
C HIS A 680 -10.76 1.54 35.00
N ASP A 681 -11.73 0.61 35.11
CA ASP A 681 -11.52 -0.70 35.74
C ASP A 681 -11.12 -1.88 34.78
N LEU A 682 -10.82 -3.05 35.33
CA LEU A 682 -10.37 -4.21 34.52
C LEU A 682 -11.38 -4.62 33.43
N GLU A 683 -12.65 -4.73 33.78
CA GLU A 683 -13.67 -5.03 32.74
C GLU A 683 -13.68 -4.01 31.59
N TYR A 684 -13.43 -2.73 31.84
CA TYR A 684 -13.37 -1.73 30.80
C TYR A 684 -12.21 -2.03 29.84
N TYR A 685 -11.07 -2.44 30.39
CA TYR A 685 -9.90 -2.77 29.55
C TYR A 685 -10.05 -4.06 28.78
N LYS A 686 -10.76 -5.02 29.36
CA LYS A 686 -11.15 -6.20 28.62
C LYS A 686 -12.05 -5.81 27.43
N MET A 687 -12.87 -4.75 27.58
CA MET A 687 -13.63 -4.12 26.47
C MET A 687 -12.72 -3.34 25.52
N LEU A 688 -11.81 -2.49 25.97
CA LEU A 688 -10.91 -1.85 24.99
C LEU A 688 -10.11 -2.90 24.17
N ALA A 689 -9.82 -4.08 24.75
N ALA A 689 -9.83 -4.08 24.75
CA ALA A 689 -9.15 -5.18 24.04
CA ALA A 689 -9.15 -5.17 24.04
C ALA A 689 -10.02 -5.87 22.98
C ALA A 689 -9.99 -5.72 22.87
N ARG A 690 -11.31 -5.57 22.97
CA ARG A 690 -12.18 -6.08 21.90
C ARG A 690 -12.52 -4.99 20.91
N THR A 691 -12.44 -3.75 21.35
CA THR A 691 -12.89 -2.61 20.53
C THR A 691 -11.73 -1.85 19.84
N THR A 692 -10.49 -2.10 20.25
CA THR A 692 -9.43 -1.19 19.79
C THR A 692 -8.93 -1.55 18.38
N TYR A 693 -9.42 -0.79 17.35
CA TYR A 693 -8.97 -0.96 15.97
C TYR A 693 -7.52 -1.48 15.89
N VAL A 694 -7.49 -2.68 15.31
CA VAL A 694 -6.24 -3.36 15.11
C VAL A 694 -5.74 -2.80 13.77
N PRO A 695 -4.69 -1.97 13.79
CA PRO A 695 -4.14 -1.32 12.57
C PRO A 695 -3.14 -2.17 11.78
N GLU A 696 -3.71 -3.14 11.09
CA GLU A 696 -2.98 -3.98 10.16
C GLU A 696 -3.92 -4.51 9.07
N PRO A 697 -3.48 -4.50 7.82
CA PRO A 697 -4.27 -5.09 6.75
C PRO A 697 -4.40 -6.61 6.83
N TRP A 698 -3.30 -7.30 7.10
CA TRP A 698 -3.35 -8.75 7.26
C TRP A 698 -4.14 -9.16 8.51
N HIS A 699 -4.86 -10.26 8.46
CA HIS A 699 -5.46 -10.73 9.73
C HIS A 699 -5.18 -12.23 9.92
N PRO A 700 -5.09 -12.66 11.19
CA PRO A 700 -4.85 -14.06 11.50
C PRO A 700 -6.06 -14.91 11.08
N ALA A 701 -5.86 -16.21 10.89
CA ALA A 701 -6.94 -17.14 10.53
C ALA A 701 -8.03 -17.31 11.59
N GLU B 1 9.18 12.03 -12.51
CA GLU B 1 7.75 12.00 -12.54
C GLU B 1 7.39 10.63 -12.05
N ASP B 2 6.87 10.66 -10.86
CA ASP B 2 6.36 9.46 -10.23
C ASP B 2 4.86 9.53 -10.08
N GLY B 3 4.24 10.55 -10.69
CA GLY B 3 2.82 10.65 -10.70
C GLY B 3 2.13 11.16 -9.45
N TYR B 4 2.87 11.44 -8.38
CA TYR B 4 2.23 11.89 -7.13
C TYR B 4 1.45 13.21 -7.30
N ASP B 5 1.93 14.12 -8.16
CA ASP B 5 1.24 15.35 -8.42
C ASP B 5 0.02 15.20 -9.33
N MET B 6 -0.15 14.05 -9.97
CA MET B 6 -1.26 13.85 -10.89
C MET B 6 -1.24 14.95 -11.93
N TRP B 7 -2.34 15.71 -12.10
CA TRP B 7 -2.46 16.69 -13.19
C TRP B 7 -2.12 18.11 -12.68
N LEU B 8 -1.68 18.22 -11.42
CA LEU B 8 -1.29 19.51 -10.85
C LEU B 8 0.23 19.60 -10.85
N ARG B 9 0.79 19.57 -12.06
CA ARG B 9 2.22 19.63 -12.28
C ARG B 9 2.56 21.05 -12.62
N TYR B 10 3.14 21.77 -11.67
CA TYR B 10 3.42 23.18 -11.85
C TYR B 10 4.87 23.38 -12.28
N GLN B 11 5.12 22.95 -13.49
CA GLN B 11 6.43 23.06 -14.12
C GLN B 11 6.47 24.21 -15.10
N PRO B 12 7.65 24.85 -15.28
CA PRO B 12 7.73 26.00 -16.17
C PRO B 12 7.20 25.74 -17.58
N ILE B 13 6.38 26.66 -18.04
CA ILE B 13 5.78 26.59 -19.36
C ILE B 13 6.91 26.47 -20.37
N ALA B 14 6.77 25.45 -21.20
CA ALA B 14 7.85 25.07 -22.13
C ALA B 14 7.90 25.99 -23.34
N ASP B 15 6.75 26.49 -23.76
CA ASP B 15 6.71 27.43 -24.87
C ASP B 15 7.27 28.76 -24.35
N GLN B 16 8.49 29.10 -24.77
CA GLN B 16 9.15 30.31 -24.25
C GLN B 16 8.45 31.63 -24.58
N THR B 17 7.82 31.73 -25.75
CA THR B 17 7.11 32.95 -26.12
C THR B 17 5.85 33.10 -25.30
N LEU B 18 5.12 32.01 -25.16
CA LEU B 18 3.92 32.00 -24.35
C LEU B 18 4.25 32.28 -22.87
N LEU B 19 5.33 31.68 -22.38
CA LEU B 19 5.78 31.92 -21.02
C LEU B 19 5.99 33.43 -20.77
N LYS B 20 6.64 34.12 -21.72
CA LYS B 20 6.86 35.56 -21.57
C LYS B 20 5.58 36.32 -21.47
N THR B 21 4.58 35.92 -22.26
CA THR B 21 3.28 36.56 -22.22
C THR B 21 2.63 36.40 -20.84
N TYR B 22 2.68 35.20 -20.29
CA TYR B 22 2.14 34.99 -18.95
C TYR B 22 2.87 35.78 -17.87
N GLN B 23 4.20 35.83 -17.98
CA GLN B 23 5.06 36.58 -17.06
C GLN B 23 4.75 38.08 -17.07
N LYS B 24 4.42 38.61 -18.24
CA LYS B 24 4.01 40.00 -18.37
C LYS B 24 2.63 40.27 -17.75
N GLN B 25 1.69 39.35 -17.96
CA GLN B 25 0.30 39.48 -17.49
C GLN B 25 0.17 39.29 -15.98
N ILE B 26 0.91 38.35 -15.39
CA ILE B 26 0.78 38.04 -13.98
C ILE B 26 2.08 38.25 -13.27
N ARG B 27 2.24 39.46 -12.74
CA ARG B 27 3.45 39.82 -12.02
C ARG B 27 3.29 39.79 -10.53
N HIS B 28 2.04 39.87 -10.06
CA HIS B 28 1.70 39.88 -8.65
C HIS B 28 0.39 39.12 -8.42
N LEU B 29 0.24 38.70 -7.18
CA LEU B 29 -0.92 37.97 -6.67
C LEU B 29 -1.46 38.70 -5.48
N HIS B 30 -2.67 39.25 -5.66
CA HIS B 30 -3.35 40.06 -4.69
C HIS B 30 -4.51 39.31 -4.06
N VAL B 31 -4.44 39.08 -2.76
CA VAL B 31 -5.49 38.33 -2.04
C VAL B 31 -5.79 39.06 -0.74
N ALA B 32 -6.96 39.66 -0.66
CA ALA B 32 -7.38 40.39 0.56
C ALA B 32 -7.96 39.46 1.63
N GLY B 33 -8.69 38.42 1.20
CA GLY B 33 -9.30 37.48 2.14
C GLY B 33 -8.35 36.61 2.92
N ASP B 34 -8.83 36.07 4.03
CA ASP B 34 -8.03 35.21 4.92
C ASP B 34 -8.78 34.07 5.60
N SER B 35 -9.92 33.69 5.03
CA SER B 35 -10.63 32.51 5.48
C SER B 35 -9.78 31.29 5.10
N PRO B 36 -9.97 30.16 5.76
CA PRO B 36 -9.27 28.91 5.37
C PRO B 36 -9.39 28.61 3.85
N THR B 37 -10.55 28.81 3.26
CA THR B 37 -10.73 28.52 1.84
C THR B 37 -9.96 29.48 0.97
N ILE B 38 -10.02 30.78 1.28
CA ILE B 38 -9.26 31.72 0.48
C ILE B 38 -7.78 31.46 0.65
N ASN B 39 -7.35 31.14 1.88
CA ASN B 39 -5.95 30.81 2.15
C ASN B 39 -5.51 29.61 1.32
N ALA B 40 -6.38 28.62 1.17
CA ALA B 40 -6.07 27.45 0.31
C ALA B 40 -5.94 27.85 -1.17
N ALA B 41 -6.79 28.77 -1.61
CA ALA B 41 -6.76 29.24 -3.00
C ALA B 41 -5.46 30.03 -3.23
N ALA B 42 -5.14 30.90 -2.28
CA ALA B 42 -3.92 31.69 -2.35
C ALA B 42 -2.68 30.81 -2.37
N ALA B 43 -2.66 29.80 -1.51
CA ALA B 43 -1.55 28.85 -1.47
C ALA B 43 -1.38 28.09 -2.78
N GLU B 44 -2.50 27.69 -3.39
CA GLU B 44 -2.47 26.96 -4.66
C GLU B 44 -1.94 27.86 -5.78
N LEU B 45 -2.42 29.11 -5.85
CA LEU B 45 -1.96 30.05 -6.85
C LEU B 45 -0.52 30.43 -6.64
N GLN B 46 -0.09 30.53 -5.39
CA GLN B 46 1.31 30.89 -5.12
C GLN B 46 2.24 29.76 -5.62
N ARG B 47 1.92 28.52 -5.26
CA ARG B 47 2.76 27.40 -5.71
C ARG B 47 2.63 27.17 -7.23
N GLY B 48 1.42 27.30 -7.72
CA GLY B 48 1.09 27.12 -9.11
C GLY B 48 1.69 28.12 -10.06
N LEU B 49 1.43 29.38 -9.79
CA LEU B 49 2.00 30.46 -10.58
C LEU B 49 3.52 30.51 -10.47
N SER B 50 4.07 30.23 -9.29
CA SER B 50 5.52 30.25 -9.12
C SER B 50 6.16 29.18 -9.95
N GLY B 51 5.56 28.00 -9.97
CA GLY B 51 6.08 26.89 -10.75
C GLY B 51 5.96 27.05 -12.26
N LEU B 52 4.75 27.41 -12.69
CA LEU B 52 4.44 27.56 -14.13
C LEU B 52 5.16 28.76 -14.78
N LEU B 53 5.28 29.85 -14.02
CA LEU B 53 5.91 31.07 -14.55
C LEU B 53 7.39 31.17 -14.24
N ASN B 54 7.90 30.21 -13.47
CA ASN B 54 9.31 30.08 -13.13
C ASN B 54 9.89 31.33 -12.46
N LYS B 55 9.12 31.84 -11.51
CA LYS B 55 9.53 32.98 -10.70
C LYS B 55 8.69 33.08 -9.48
N PRO B 56 9.22 33.67 -8.41
CA PRO B 56 8.49 33.70 -7.14
C PRO B 56 7.30 34.67 -7.19
N ILE B 57 6.10 34.11 -7.05
CA ILE B 57 4.88 34.90 -7.05
C ILE B 57 4.31 34.61 -5.67
N VAL B 58 4.21 35.63 -4.82
CA VAL B 58 3.80 35.43 -3.44
C VAL B 58 2.50 36.16 -3.22
N ALA B 59 1.52 35.46 -2.61
CA ALA B 59 0.24 36.06 -2.28
C ALA B 59 0.43 37.18 -1.24
N ARG B 60 -0.10 38.34 -1.56
CA ARG B 60 0.01 39.53 -0.69
C ARG B 60 -1.27 40.32 -0.65
N ASP B 61 -1.48 41.01 0.46
CA ASP B 61 -2.57 41.95 0.63
C ASP B 61 -1.89 43.30 0.80
N GLU B 62 -1.71 44.00 -0.31
CA GLU B 62 -1.02 45.29 -0.35
C GLU B 62 -1.70 46.15 -1.39
N LYS B 63 -1.28 47.40 -1.52
CA LYS B 63 -1.87 48.28 -2.51
C LYS B 63 -1.72 47.66 -3.89
N LEU B 64 -2.78 47.70 -4.68
CA LEU B 64 -2.82 47.03 -5.98
C LEU B 64 -1.72 47.48 -6.92
N LYS B 65 -0.98 46.52 -7.45
CA LYS B 65 0.06 46.79 -8.45
C LYS B 65 -0.42 46.44 -9.84
N ASP B 66 0.15 47.11 -10.84
CA ASP B 66 -0.13 46.84 -12.25
C ASP B 66 0.25 45.38 -12.56
N TYR B 67 -0.60 44.70 -13.33
CA TYR B 67 -0.38 43.32 -13.80
C TYR B 67 -0.46 42.34 -12.64
N SER B 68 -1.61 42.39 -11.97
CA SER B 68 -1.88 41.53 -10.84
C SER B 68 -2.99 40.54 -11.15
N LEU B 69 -2.93 39.40 -10.48
CA LEU B 69 -4.07 38.46 -10.40
C LEU B 69 -4.72 38.82 -9.09
N VAL B 70 -6.01 39.14 -9.12
CA VAL B 70 -6.76 39.57 -7.96
C VAL B 70 -7.89 38.57 -7.76
N ILE B 71 -7.96 37.98 -6.56
CA ILE B 71 -9.00 37.01 -6.24
C ILE B 71 -9.84 37.43 -5.05
N GLY B 72 -11.11 37.04 -5.09
CA GLY B 72 -12.02 37.23 -3.98
C GLY B 72 -13.49 37.31 -4.35
N THR B 73 -14.27 37.58 -3.31
CA THR B 73 -15.68 37.84 -3.47
C THR B 73 -15.87 39.33 -3.14
N PRO B 74 -17.01 39.89 -3.54
CA PRO B 74 -17.35 41.26 -3.11
C PRO B 74 -17.31 41.45 -1.60
N ASP B 75 -17.66 40.43 -0.82
CA ASP B 75 -17.57 40.46 0.63
C ASP B 75 -16.16 40.50 1.22
N ASN B 76 -15.16 39.90 0.56
CA ASN B 76 -13.79 39.89 1.13
C ASN B 76 -12.72 40.63 0.32
N SER B 77 -13.11 41.20 -0.82
CA SER B 77 -12.17 41.90 -1.69
C SER B 77 -12.77 43.22 -2.17
N PRO B 78 -12.44 44.33 -1.52
CA PRO B 78 -12.94 45.63 -1.99
C PRO B 78 -12.67 45.94 -3.46
N LEU B 79 -11.53 45.45 -4.00
CA LEU B 79 -11.21 45.62 -5.41
C LEU B 79 -12.23 44.95 -6.31
N ILE B 80 -12.62 43.71 -5.98
CA ILE B 80 -13.65 43.01 -6.76
C ILE B 80 -15.00 43.72 -6.60
N ALA B 81 -15.32 44.10 -5.40
CA ALA B 81 -16.58 44.83 -5.09
C ALA B 81 -16.69 46.12 -5.95
N SER B 82 -15.59 46.86 -6.01
CA SER B 82 -15.48 48.11 -6.82
C SER B 82 -15.83 47.97 -8.30
N LEU B 83 -15.72 46.76 -8.85
CA LEU B 83 -16.12 46.49 -10.24
C LEU B 83 -17.64 46.42 -10.50
N ASN B 84 -18.44 46.35 -9.45
CA ASN B 84 -19.92 46.23 -9.56
C ASN B 84 -20.36 45.26 -10.61
N LEU B 85 -19.91 44.03 -10.49
CA LEU B 85 -20.22 43.02 -11.50
C LEU B 85 -21.72 42.66 -11.58
N GLY B 86 -22.45 42.81 -10.48
CA GLY B 86 -23.91 42.63 -10.45
C GLY B 86 -24.48 41.31 -10.96
N GLU B 87 -25.37 41.38 -11.96
CA GLU B 87 -26.01 40.22 -12.64
C GLU B 87 -25.07 39.14 -13.10
N ARG B 88 -23.91 39.57 -13.60
CA ARG B 88 -22.87 38.69 -14.08
C ARG B 88 -22.43 37.76 -12.97
N LEU B 89 -22.25 38.31 -11.77
CA LEU B 89 -21.91 37.51 -10.58
C LEU B 89 -23.12 36.74 -10.06
N GLN B 90 -24.31 37.30 -10.19
CA GLN B 90 -25.56 36.62 -9.76
C GLN B 90 -25.84 35.28 -10.41
N ALA B 91 -25.62 35.19 -11.71
CA ALA B 91 -25.76 33.96 -12.49
C ALA B 91 -24.81 32.82 -12.03
N LEU B 92 -23.80 33.17 -11.25
CA LEU B 92 -22.80 32.20 -10.80
C LEU B 92 -23.21 31.35 -9.62
N GLY B 93 -24.16 31.82 -8.81
CA GLY B 93 -24.62 31.05 -7.68
C GLY B 93 -23.58 30.81 -6.60
N ALA B 94 -23.77 29.71 -5.89
CA ALA B 94 -23.00 29.43 -4.70
C ALA B 94 -21.59 28.84 -4.94
N GLU B 95 -21.36 28.32 -6.14
CA GLU B 95 -20.10 27.66 -6.47
C GLU B 95 -19.41 28.13 -7.74
N GLY B 96 -20.03 29.06 -8.48
CA GLY B 96 -19.49 29.49 -9.75
C GLY B 96 -18.51 30.61 -9.60
N TYR B 97 -17.89 30.98 -10.71
CA TYR B 97 -16.86 32.00 -10.71
C TYR B 97 -16.78 32.67 -12.07
N LEU B 98 -16.09 33.82 -12.08
CA LEU B 98 -15.80 34.58 -13.30
C LEU B 98 -14.30 34.81 -13.33
N LEU B 99 -13.73 34.61 -14.51
CA LEU B 99 -12.33 34.87 -14.81
C LEU B 99 -12.31 35.92 -15.90
N GLU B 100 -11.65 37.03 -15.63
CA GLU B 100 -11.66 38.13 -16.59
C GLU B 100 -10.48 39.03 -16.51
N GLN B 101 -9.93 39.34 -17.68
CA GLN B 101 -8.88 40.35 -17.81
C GLN B 101 -9.61 41.67 -17.88
N THR B 102 -9.22 42.58 -17.02
CA THR B 102 -9.90 43.86 -16.95
C THR B 102 -9.01 44.91 -16.31
N ARG B 103 -9.61 45.99 -15.85
CA ARG B 103 -8.88 47.09 -15.20
C ARG B 103 -9.53 47.48 -13.91
N ILE B 104 -8.70 47.77 -12.89
CA ILE B 104 -9.14 48.26 -11.59
C ILE B 104 -8.26 49.48 -11.28
N ASN B 105 -8.86 50.68 -11.21
CA ASN B 105 -8.14 51.94 -10.99
C ASN B 105 -6.97 52.11 -11.94
N LYS B 106 -7.19 51.86 -13.23
CA LYS B 106 -6.17 51.95 -14.31
C LYS B 106 -5.11 50.81 -14.28
N ARG B 107 -5.05 50.02 -13.20
CA ARG B 107 -4.13 48.87 -13.16
C ARG B 107 -4.66 47.71 -14.01
N HIS B 108 -3.76 47.05 -14.73
CA HIS B 108 -4.11 45.86 -15.52
C HIS B 108 -4.27 44.72 -14.52
N VAL B 109 -5.41 44.03 -14.58
CA VAL B 109 -5.67 42.91 -13.66
C VAL B 109 -6.31 41.75 -14.37
N VAL B 110 -6.15 40.57 -13.77
CA VAL B 110 -6.97 39.42 -14.14
C VAL B 110 -7.65 39.09 -12.82
N ILE B 111 -8.99 38.99 -12.86
CA ILE B 111 -9.77 38.71 -11.66
C ILE B 111 -10.22 37.25 -11.66
N VAL B 112 -10.27 36.70 -10.45
CA VAL B 112 -10.93 35.43 -10.13
C VAL B 112 -11.98 35.86 -9.11
N ALA B 113 -13.22 36.02 -9.59
CA ALA B 113 -14.30 36.55 -8.79
C ALA B 113 -15.42 35.53 -8.60
N ALA B 114 -16.03 35.55 -7.43
CA ALA B 114 -17.14 34.68 -7.10
C ALA B 114 -18.01 35.21 -5.99
N ASN B 115 -19.16 34.59 -5.80
CA ASN B 115 -19.98 34.92 -4.61
C ASN B 115 -19.50 34.30 -3.32
N SER B 116 -18.84 33.13 -3.39
CA SER B 116 -18.40 32.41 -2.20
C SER B 116 -16.91 32.15 -2.25
N ASP B 117 -16.34 31.78 -1.13
CA ASP B 117 -14.91 31.50 -1.08
C ASP B 117 -14.59 30.22 -1.87
N VAL B 118 -15.49 29.25 -1.84
CA VAL B 118 -15.27 28.01 -2.62
C VAL B 118 -15.31 28.28 -4.13
N GLY B 119 -16.15 29.21 -4.55
CA GLY B 119 -16.19 29.64 -5.93
C GLY B 119 -14.84 30.22 -6.34
N VAL B 120 -14.24 31.03 -5.47
CA VAL B 120 -12.91 31.57 -5.70
C VAL B 120 -11.89 30.43 -5.85
N LEU B 121 -11.97 29.43 -4.96
CA LEU B 121 -11.09 28.26 -5.04
C LEU B 121 -11.20 27.53 -6.38
N TYR B 122 -12.43 27.23 -6.79
CA TYR B 122 -12.65 26.56 -8.08
C TYR B 122 -12.15 27.40 -9.27
N GLY B 123 -12.44 28.70 -9.24
CA GLY B 123 -11.98 29.62 -10.24
C GLY B 123 -10.45 29.70 -10.31
N SER B 124 -9.80 29.62 -9.15
CA SER B 124 -8.32 29.66 -9.05
C SER B 124 -7.73 28.43 -9.73
N PHE B 125 -8.34 27.27 -9.51
CA PHE B 125 -7.89 26.07 -10.22
C PHE B 125 -8.12 26.17 -11.73
N HIS B 126 -9.24 26.76 -12.14
CA HIS B 126 -9.45 26.94 -13.58
C HIS B 126 -8.41 27.88 -14.17
N LEU B 127 -8.10 28.97 -13.47
CA LEU B 127 -7.10 29.91 -13.92
C LEU B 127 -5.76 29.17 -14.11
N LEU B 128 -5.36 28.38 -13.11
CA LEU B 128 -4.14 27.58 -13.28
C LEU B 128 -4.23 26.61 -14.48
N ARG B 129 -5.39 25.99 -14.62
CA ARG B 129 -5.59 25.04 -15.72
C ARG B 129 -5.45 25.74 -17.09
N LEU B 130 -5.91 26.99 -17.20
CA LEU B 130 -5.72 27.73 -18.45
C LEU B 130 -4.25 27.87 -18.80
N ILE B 131 -3.45 28.18 -17.79
CA ILE B 131 -1.99 28.30 -17.97
C ILE B 131 -1.36 26.94 -18.23
N GLN B 132 -1.75 25.94 -17.45
CA GLN B 132 -1.27 24.55 -17.63
C GLN B 132 -1.45 23.98 -19.05
N THR B 133 -2.56 24.36 -19.67
CA THR B 133 -2.98 23.88 -20.98
C THR B 133 -2.66 24.91 -22.09
N GLN B 134 -1.84 25.90 -21.74
CA GLN B 134 -1.33 26.88 -22.69
C GLN B 134 -2.38 27.69 -23.43
N HIS B 135 -3.40 28.12 -22.68
CA HIS B 135 -4.44 29.00 -23.22
C HIS B 135 -4.06 30.44 -22.97
N ALA B 136 -4.44 31.30 -23.90
CA ALA B 136 -4.08 32.71 -23.80
C ALA B 136 -4.96 33.41 -22.78
N LEU B 137 -4.36 34.35 -22.05
CA LEU B 137 -5.10 35.13 -21.07
C LEU B 137 -5.60 36.45 -21.65
N GLU B 138 -5.08 36.83 -22.82
CA GLU B 138 -5.51 38.09 -23.40
C GLU B 138 -6.98 38.02 -23.75
N LYS B 139 -7.67 39.07 -23.36
CA LYS B 139 -9.11 39.23 -23.51
C LYS B 139 -9.93 38.16 -22.79
N LEU B 140 -9.33 37.51 -21.78
CA LEU B 140 -10.05 36.46 -21.06
C LEU B 140 -11.31 37.02 -20.46
N SER B 141 -12.40 36.32 -20.68
CA SER B 141 -13.67 36.64 -20.08
C SER B 141 -14.54 35.40 -20.09
N LEU B 142 -14.58 34.72 -18.96
CA LEU B 142 -15.37 33.48 -18.92
C LEU B 142 -15.93 33.26 -17.57
N SER B 143 -17.09 32.61 -17.54
CA SER B 143 -17.72 32.32 -16.28
C SER B 143 -18.17 30.87 -16.32
N SER B 144 -18.24 30.25 -15.16
CA SER B 144 -18.71 28.86 -15.10
C SER B 144 -19.33 28.59 -13.76
N ALA B 145 -20.35 27.76 -13.77
CA ALA B 145 -20.99 27.30 -12.56
C ALA B 145 -21.26 25.81 -12.77
N PRO B 146 -21.18 25.01 -11.71
CA PRO B 146 -21.41 23.57 -11.88
C PRO B 146 -22.88 23.28 -12.17
N ARG B 147 -23.10 22.21 -12.94
CA ARG B 147 -24.44 21.78 -13.39
C ARG B 147 -25.11 20.76 -12.49
N LEU B 148 -24.34 20.19 -11.58
CA LEU B 148 -24.83 19.25 -10.60
C LEU B 148 -24.42 19.67 -9.20
N GLN B 149 -25.33 19.44 -8.25
CA GLN B 149 -25.14 19.90 -6.86
C GLN B 149 -24.09 19.12 -6.07
N HIS B 150 -24.19 17.81 -6.15
CA HIS B 150 -23.36 16.89 -5.38
C HIS B 150 -22.41 16.22 -6.35
N ARG B 151 -21.13 16.54 -6.24
CA ARG B 151 -20.12 16.04 -7.19
C ARG B 151 -19.16 15.30 -6.30
N VAL B 152 -19.34 13.97 -6.28
CA VAL B 152 -18.75 13.19 -5.21
C VAL B 152 -17.90 12.06 -5.70
N VAL B 153 -16.92 11.72 -4.90
CA VAL B 153 -16.13 10.52 -5.13
C VAL B 153 -16.51 9.46 -4.08
N ASN B 154 -16.40 8.19 -4.46
CA ASN B 154 -16.70 7.07 -3.57
C ASN B 154 -15.47 6.18 -3.48
N HIS B 155 -15.22 5.70 -2.28
CA HIS B 155 -14.09 4.85 -1.97
C HIS B 155 -14.65 3.59 -1.32
N TRP B 156 -14.41 2.44 -1.91
CA TRP B 156 -14.91 1.20 -1.35
C TRP B 156 -13.87 0.64 -0.37
N ASP B 157 -13.54 1.41 0.67
CA ASP B 157 -12.42 1.10 1.56
C ASP B 157 -12.90 0.45 2.82
N ASN B 158 -12.25 -0.66 3.14
CA ASN B 158 -12.50 -1.33 4.40
C ASN B 158 -11.61 -0.72 5.46
N LEU B 159 -12.00 -0.86 6.73
CA LEU B 159 -11.27 -0.22 7.83
C LEU B 159 -9.91 -0.86 8.11
N ASN B 160 -9.72 -2.10 7.66
CA ASN B 160 -8.42 -2.72 7.69
C ASN B 160 -7.46 -2.12 6.63
N ARG B 161 -8.00 -1.23 5.81
CA ARG B 161 -7.32 -0.49 4.75
C ARG B 161 -7.18 -1.27 3.44
N VAL B 162 -7.78 -2.46 3.35
CA VAL B 162 -7.89 -3.15 2.05
C VAL B 162 -9.08 -2.50 1.33
N VAL B 163 -8.89 -2.22 0.05
CA VAL B 163 -9.92 -1.59 -0.79
C VAL B 163 -10.59 -2.65 -1.64
N GLU B 164 -11.91 -2.72 -1.56
CA GLU B 164 -12.71 -3.64 -2.36
C GLU B 164 -12.79 -3.11 -3.79
N ARG B 165 -12.29 -3.90 -4.76
CA ARG B 165 -12.17 -3.43 -6.16
C ARG B 165 -11.19 -2.27 -6.21
N GLY B 166 -10.11 -2.47 -5.46
CA GLY B 166 -8.99 -1.50 -5.33
C GLY B 166 -7.71 -2.03 -5.90
N TYR B 167 -7.18 -1.37 -6.93
CA TYR B 167 -6.02 -1.83 -7.66
C TYR B 167 -4.88 -0.84 -7.55
N ALA B 168 -4.98 0.10 -6.58
CA ALA B 168 -4.03 1.18 -6.44
C ALA B 168 -3.41 1.30 -5.05
N GLY B 169 -3.47 0.25 -4.25
CA GLY B 169 -2.80 0.26 -2.97
C GLY B 169 -3.80 0.18 -1.84
N LEU B 170 -3.28 0.33 -0.65
CA LEU B 170 -4.12 0.36 0.54
C LEU B 170 -4.89 1.68 0.61
N SER B 171 -5.94 1.65 1.41
CA SER B 171 -6.74 2.83 1.65
C SER B 171 -5.84 3.97 2.13
N LEU B 172 -6.14 5.17 1.67
CA LEU B 172 -5.40 6.38 2.05
C LEU B 172 -5.52 6.73 3.53
N TRP B 173 -6.59 6.24 4.18
CA TRP B 173 -6.94 6.65 5.53
C TRP B 173 -6.15 5.81 6.54
N ASP B 174 -5.21 6.43 7.24
CA ASP B 174 -4.33 5.68 8.13
C ASP B 174 -4.91 5.69 9.53
N TRP B 175 -5.91 4.86 9.71
CA TRP B 175 -6.69 4.82 10.96
C TRP B 175 -5.86 4.68 12.21
N GLY B 176 -4.79 3.89 12.15
CA GLY B 176 -3.94 3.70 13.31
C GLY B 176 -3.24 4.95 13.84
N SER B 177 -3.05 5.96 12.98
CA SER B 177 -2.43 7.24 13.38
C SER B 177 -3.40 8.39 13.43
N LEU B 178 -4.67 8.18 13.07
CA LEU B 178 -5.69 9.22 13.20
C LEU B 178 -6.28 9.18 14.59
N PRO B 179 -6.75 10.32 15.12
CA PRO B 179 -6.75 11.64 14.51
C PRO B 179 -5.44 12.45 14.66
N ASN B 180 -4.46 11.88 15.37
CA ASN B 180 -3.28 12.62 15.76
C ASN B 180 -2.39 13.11 14.62
N TYR B 181 -2.24 12.26 13.61
CA TYR B 181 -1.38 12.59 12.47
C TYR B 181 -2.16 13.09 11.27
N LEU B 182 -2.02 14.38 11.00
CA LEU B 182 -2.60 15.03 9.84
C LEU B 182 -1.60 14.94 8.68
N ALA B 183 -1.66 13.83 7.96
CA ALA B 183 -0.70 13.55 6.91
C ALA B 183 -0.86 14.55 5.80
N PRO B 184 0.23 15.06 5.26
CA PRO B 184 0.11 15.95 4.08
C PRO B 184 -0.68 15.33 2.94
N ARG B 185 -0.61 14.01 2.76
CA ARG B 185 -1.39 13.40 1.70
C ARG B 185 -2.90 13.64 1.77
N TYR B 186 -3.44 13.83 2.97
CA TYR B 186 -4.85 14.16 3.10
C TYR B 186 -5.15 15.50 2.46
N THR B 187 -4.25 16.46 2.63
CA THR B 187 -4.42 17.75 1.95
C THR B 187 -4.22 17.64 0.44
N ASP B 188 -3.28 16.83 0.01
CA ASP B 188 -3.07 16.65 -1.43
C ASP B 188 -4.27 15.98 -2.07
N TYR B 189 -4.90 15.05 -1.35
CA TYR B 189 -6.12 14.43 -1.80
C TYR B 189 -7.22 15.47 -1.98
N ALA B 190 -7.35 16.35 -1.00
CA ALA B 190 -8.30 17.46 -1.10
C ALA B 190 -8.02 18.38 -2.27
N ARG B 191 -6.75 18.71 -2.47
CA ARG B 191 -6.35 19.54 -3.62
C ARG B 191 -6.72 18.91 -4.94
N ILE B 192 -6.41 17.62 -5.11
CA ILE B 192 -6.73 16.89 -6.36
C ILE B 192 -8.20 16.97 -6.68
N ASN B 193 -9.03 16.69 -5.69
CA ASN B 193 -10.47 16.67 -5.92
C ASN B 193 -11.04 18.08 -6.10
N ALA B 194 -10.58 19.03 -5.28
CA ALA B 194 -11.02 20.41 -5.41
C ALA B 194 -10.64 20.97 -6.76
N SER B 195 -9.52 20.52 -7.34
CA SER B 195 -9.14 21.00 -8.68
C SER B 195 -10.17 20.73 -9.78
N LEU B 196 -11.04 19.75 -9.54
CA LEU B 196 -12.08 19.37 -10.46
C LEU B 196 -13.45 19.87 -10.02
N GLY B 197 -13.49 20.51 -8.86
CA GLY B 197 -14.74 20.97 -8.30
C GLY B 197 -15.50 19.89 -7.57
N ILE B 198 -14.84 18.77 -7.24
CA ILE B 198 -15.51 17.72 -6.47
C ILE B 198 -15.72 18.27 -5.05
N ASN B 199 -16.94 18.15 -4.54
CA ASN B 199 -17.33 18.73 -3.26
C ASN B 199 -17.80 17.76 -2.19
N GLY B 200 -17.54 16.46 -2.39
CA GLY B 200 -17.94 15.45 -1.44
C GLY B 200 -17.16 14.19 -1.65
N THR B 201 -16.96 13.47 -0.55
CA THR B 201 -16.29 12.20 -0.59
C THR B 201 -17.00 11.23 0.36
N VAL B 202 -17.22 10.00 -0.12
CA VAL B 202 -17.68 8.92 0.74
C VAL B 202 -16.43 8.05 0.92
N ILE B 203 -15.91 8.00 2.14
CA ILE B 203 -14.57 7.44 2.36
C ILE B 203 -14.52 5.95 2.57
N ASN B 204 -15.67 5.33 2.85
CA ASN B 204 -15.71 3.93 3.29
C ASN B 204 -16.68 3.07 2.48
N ASN B 205 -16.40 1.79 2.50
CA ASN B 205 -17.06 0.79 1.70
C ASN B 205 -18.56 0.79 1.88
N VAL B 206 -19.25 0.72 0.75
CA VAL B 206 -20.69 0.47 0.68
C VAL B 206 -21.11 -0.82 1.37
N ASN B 207 -20.24 -1.85 1.34
CA ASN B 207 -20.41 -3.03 2.16
C ASN B 207 -19.94 -2.57 3.54
N ALA B 208 -20.88 -1.96 4.28
CA ALA B 208 -20.52 -1.03 5.32
C ALA B 208 -20.23 -1.65 6.67
N ASP B 209 -19.24 -1.06 7.31
CA ASP B 209 -18.75 -1.48 8.64
C ASP B 209 -19.39 -0.54 9.65
N PRO B 210 -20.16 -1.08 10.59
CA PRO B 210 -20.81 -0.23 11.60
C PRO B 210 -19.83 0.57 12.46
N ARG B 211 -18.58 0.13 12.57
CA ARG B 211 -17.59 0.84 13.38
C ARG B 211 -17.34 2.30 12.99
N VAL B 212 -17.60 2.66 11.73
CA VAL B 212 -17.40 4.05 11.33
C VAL B 212 -18.24 5.02 12.11
N LEU B 213 -19.36 4.55 12.66
CA LEU B 213 -20.24 5.38 13.51
C LEU B 213 -19.90 5.43 15.01
N SER B 214 -18.87 4.69 15.43
CA SER B 214 -18.45 4.66 16.82
C SER B 214 -17.75 5.96 17.12
N ASP B 215 -17.76 6.37 18.38
CA ASP B 215 -17.01 7.56 18.80
C ASP B 215 -15.57 7.56 18.41
N GLN B 216 -14.95 6.40 18.62
CA GLN B 216 -13.56 6.16 18.29
C GLN B 216 -13.31 6.58 16.84
N PHE B 217 -14.11 6.06 15.93
CA PHE B 217 -13.90 6.36 14.49
C PHE B 217 -14.42 7.72 14.08
N LEU B 218 -15.47 8.22 14.71
CA LEU B 218 -15.91 9.56 14.35
C LEU B 218 -14.86 10.61 14.65
N GLN B 219 -14.09 10.40 15.72
CA GLN B 219 -13.00 11.31 16.05
C GLN B 219 -11.89 11.25 14.98
N LYS B 220 -11.61 10.03 14.50
CA LYS B 220 -10.65 9.87 13.41
C LYS B 220 -11.13 10.54 12.12
N ILE B 221 -12.39 10.30 11.81
CA ILE B 221 -13.03 10.81 10.59
C ILE B 221 -13.11 12.33 10.61
N ALA B 222 -13.33 12.88 11.81
CA ALA B 222 -13.33 14.33 11.98
C ALA B 222 -12.03 14.99 11.60
N ALA B 223 -10.90 14.33 11.83
CA ALA B 223 -9.60 14.86 11.42
C ALA B 223 -9.51 14.93 9.90
N LEU B 224 -10.03 13.90 9.23
CA LEU B 224 -10.08 13.95 7.76
C LEU B 224 -11.00 15.06 7.26
N ALA B 225 -12.17 15.15 7.86
CA ALA B 225 -13.13 16.20 7.49
C ALA B 225 -12.50 17.60 7.65
N ASP B 226 -11.74 17.78 8.73
CA ASP B 226 -11.03 19.06 8.99
C ASP B 226 -10.03 19.37 7.89
N ALA B 227 -9.31 18.35 7.43
CA ALA B 227 -8.34 18.55 6.35
C ALA B 227 -9.03 18.89 4.99
N PHE B 228 -10.20 18.30 4.76
CA PHE B 228 -10.95 18.47 3.52
C PHE B 228 -11.76 19.75 3.45
N ARG B 229 -12.18 20.23 4.60
CA ARG B 229 -13.06 21.42 4.74
C ARG B 229 -12.62 22.71 4.03
N PRO B 230 -11.37 23.14 4.16
CA PRO B 230 -10.98 24.35 3.41
C PRO B 230 -11.05 24.21 1.89
N TYR B 231 -11.05 22.96 1.39
CA TYR B 231 -11.12 22.67 -0.02
C TYR B 231 -12.53 22.48 -0.52
N GLY B 232 -13.51 22.69 0.37
CA GLY B 232 -14.90 22.62 -0.01
C GLY B 232 -15.51 21.23 -0.09
N ILE B 233 -14.80 20.23 0.44
CA ILE B 233 -15.23 18.84 0.32
C ILE B 233 -15.89 18.40 1.61
N LYS B 234 -17.17 18.08 1.55
CA LYS B 234 -17.89 17.57 2.70
C LYS B 234 -17.66 16.08 2.85
N MET B 235 -17.78 15.65 4.09
CA MET B 235 -17.58 14.26 4.43
C MET B 235 -18.90 13.49 4.42
N TYR B 236 -18.86 12.28 3.87
CA TYR B 236 -20.00 11.38 3.87
C TYR B 236 -19.52 10.01 4.24
N LEU B 237 -20.46 9.20 4.75
CA LEU B 237 -20.16 7.83 5.14
C LEU B 237 -21.16 6.86 4.62
N SER B 238 -20.68 5.71 4.20
CA SER B 238 -21.54 4.58 3.93
C SER B 238 -21.97 4.03 5.28
N ILE B 239 -23.24 3.70 5.38
CA ILE B 239 -23.76 3.16 6.63
C ILE B 239 -24.26 1.73 6.47
N ASN B 240 -24.21 0.99 7.57
CA ASN B 240 -24.75 -0.36 7.65
C ASN B 240 -26.14 -0.21 8.30
N PHE B 241 -27.18 -0.70 7.62
CA PHE B 241 -28.55 -0.46 8.07
C PHE B 241 -28.85 -1.09 9.45
N ASN B 242 -28.14 -2.16 9.75
CA ASN B 242 -28.24 -2.85 11.07
C ASN B 242 -27.42 -2.27 12.20
N SER B 243 -26.85 -1.08 12.02
CA SER B 243 -26.05 -0.45 13.07
C SER B 243 -26.67 -0.43 14.48
N PRO B 244 -27.97 -0.14 14.66
CA PRO B 244 -28.56 -0.18 16.02
C PRO B 244 -28.37 -1.52 16.72
N ARG B 245 -28.42 -2.61 15.95
CA ARG B 245 -28.19 -3.94 16.46
C ARG B 245 -26.74 -4.21 16.67
N ALA B 246 -25.92 -3.85 15.70
CA ALA B 246 -24.45 -4.07 15.81
C ALA B 246 -23.82 -3.42 17.05
N PHE B 247 -24.35 -2.27 17.43
CA PHE B 247 -23.90 -1.54 18.62
C PHE B 247 -24.48 -2.10 19.92
N GLY B 248 -25.39 -3.06 19.78
CA GLY B 248 -26.02 -3.69 20.94
C GLY B 248 -27.00 -2.79 21.64
N ASP B 249 -27.51 -1.77 20.95
CA ASP B 249 -28.43 -0.79 21.55
C ASP B 249 -29.91 -1.09 21.34
N VAL B 250 -30.24 -1.71 20.21
CA VAL B 250 -31.62 -2.07 19.86
C VAL B 250 -31.64 -3.47 19.32
N ASP B 251 -32.71 -4.23 19.61
CA ASP B 251 -32.81 -5.61 19.16
C ASP B 251 -33.41 -5.78 17.76
N THR B 252 -33.61 -4.66 17.07
CA THR B 252 -34.07 -4.66 15.70
C THR B 252 -33.50 -3.42 15.00
N ALA B 253 -33.57 -3.42 13.68
CA ALA B 253 -33.23 -2.24 12.84
C ALA B 253 -34.42 -1.79 12.00
N ASP B 254 -35.61 -2.32 12.29
CA ASP B 254 -36.82 -1.93 11.60
C ASP B 254 -37.01 -0.41 11.62
N PRO B 255 -37.05 0.25 10.45
CA PRO B 255 -37.15 1.72 10.44
C PRO B 255 -38.46 2.30 10.98
N LEU B 256 -39.49 1.49 11.14
CA LEU B 256 -40.73 2.00 11.74
C LEU B 256 -40.73 1.82 13.23
N ASP B 257 -39.70 1.18 13.81
CA ASP B 257 -39.61 1.04 15.26
C ASP B 257 -39.13 2.38 15.85
N PRO B 258 -39.88 3.04 16.75
CA PRO B 258 -39.40 4.29 17.35
C PRO B 258 -37.99 4.27 17.99
N ARG B 259 -37.59 3.15 18.58
CA ARG B 259 -36.25 3.05 19.21
C ARG B 259 -35.17 3.14 18.11
N VAL B 260 -35.49 2.57 16.94
CA VAL B 260 -34.55 2.64 15.78
C VAL B 260 -34.47 4.05 15.25
N GLN B 261 -35.64 4.66 15.09
CA GLN B 261 -35.71 6.05 14.62
C GLN B 261 -34.91 6.92 15.57
N GLN B 262 -35.05 6.68 16.87
CA GLN B 262 -34.32 7.46 17.85
C GLN B 262 -32.80 7.20 17.84
N TRP B 263 -32.41 5.94 17.65
CA TRP B 263 -31.00 5.56 17.61
C TRP B 263 -30.31 6.41 16.52
N TRP B 264 -30.89 6.48 15.33
CA TRP B 264 -30.26 7.22 14.22
C TRP B 264 -30.24 8.74 14.51
N LYS B 265 -31.30 9.23 15.16
CA LYS B 265 -31.35 10.65 15.50
C LYS B 265 -30.22 11.00 16.47
N THR B 266 -30.05 10.19 17.50
CA THR B 266 -28.94 10.38 18.45
C THR B 266 -27.59 10.23 17.79
N ARG B 267 -27.48 9.26 16.89
CA ARG B 267 -26.21 9.04 16.19
C ARG B 267 -25.86 10.22 15.27
N ALA B 268 -26.87 10.78 14.61
CA ALA B 268 -26.67 11.97 13.79
C ALA B 268 -26.20 13.14 14.68
N GLN B 269 -26.80 13.31 15.85
CA GLN B 269 -26.36 14.33 16.78
C GLN B 269 -24.89 14.16 17.15
N LYS B 270 -24.49 12.90 17.38
CA LYS B 270 -23.09 12.61 17.69
C LYS B 270 -22.20 12.97 16.49
N ILE B 271 -22.61 12.56 15.30
CA ILE B 271 -21.79 12.89 14.12
C ILE B 271 -21.55 14.39 13.97
N TYR B 272 -22.66 15.15 14.05
CA TYR B 272 -22.57 16.58 13.80
C TYR B 272 -21.84 17.34 14.92
N SER B 273 -21.76 16.75 16.10
CA SER B 273 -20.97 17.32 17.19
C SER B 273 -19.48 17.28 16.83
N TYR B 274 -19.06 16.25 16.11
CA TYR B 274 -17.67 16.17 15.63
C TYR B 274 -17.42 16.85 14.27
N ILE B 275 -18.44 16.83 13.40
CA ILE B 275 -18.33 17.27 11.99
C ILE B 275 -19.55 18.10 11.68
N PRO B 276 -19.52 19.40 12.01
CA PRO B 276 -20.74 20.22 11.96
C PRO B 276 -21.37 20.44 10.60
N ASP B 277 -20.60 20.19 9.54
CA ASP B 277 -21.03 20.32 8.16
C ASP B 277 -21.05 18.97 7.42
N PHE B 278 -21.19 17.90 8.18
CA PHE B 278 -21.23 16.53 7.65
C PHE B 278 -22.26 16.48 6.56
N GLY B 279 -21.86 15.85 5.45
CA GLY B 279 -22.71 15.76 4.30
C GLY B 279 -23.90 14.82 4.40
N GLY B 280 -23.68 13.64 4.97
CA GLY B 280 -24.71 12.64 5.04
C GLY B 280 -24.23 11.24 4.76
N PHE B 281 -25.17 10.39 4.37
CA PHE B 281 -24.95 8.97 4.23
C PHE B 281 -25.09 8.42 2.82
N LEU B 282 -24.26 7.42 2.50
CA LEU B 282 -24.40 6.58 1.33
C LEU B 282 -24.94 5.26 1.84
N VAL B 283 -25.92 4.68 1.15
CA VAL B 283 -26.51 3.41 1.60
C VAL B 283 -26.64 2.33 0.56
N LYS B 284 -25.93 1.23 0.82
CA LYS B 284 -26.16 -0.01 0.11
C LYS B 284 -26.94 -0.92 1.07
N ALA B 285 -28.19 -1.15 0.72
CA ALA B 285 -29.15 -1.91 1.52
C ALA B 285 -29.94 -2.93 0.71
N ASP B 286 -30.21 -4.07 1.35
CA ASP B 286 -30.98 -5.18 0.73
C ASP B 286 -30.42 -5.58 -0.63
N SER B 287 -29.09 -5.72 -0.66
CA SER B 287 -28.36 -6.02 -1.89
C SER B 287 -27.11 -6.82 -1.55
N GLU B 288 -26.92 -7.97 -2.22
CA GLU B 288 -25.71 -8.80 -2.06
C GLU B 288 -25.41 -9.17 -0.61
N GLY B 289 -26.48 -9.43 0.16
CA GLY B 289 -26.36 -9.76 1.57
C GLY B 289 -26.24 -8.62 2.57
N GLN B 290 -26.21 -7.37 2.09
CA GLN B 290 -26.15 -6.23 2.97
C GLN B 290 -27.56 -6.02 3.55
N PRO B 291 -27.63 -5.74 4.84
CA PRO B 291 -28.92 -5.54 5.49
C PRO B 291 -29.67 -4.32 5.03
N GLY B 292 -30.96 -4.30 5.29
CA GLY B 292 -31.77 -3.22 4.84
C GLY B 292 -33.20 -3.31 5.33
N PRO B 293 -34.02 -2.33 4.97
CA PRO B 293 -35.43 -2.32 5.40
C PRO B 293 -36.23 -3.56 4.99
N GLN B 294 -35.95 -4.13 3.83
CA GLN B 294 -36.66 -5.34 3.38
C GLN B 294 -36.44 -6.53 4.31
N GLY B 295 -35.30 -6.55 5.02
CA GLY B 295 -35.03 -7.49 6.09
C GLY B 295 -36.01 -7.44 7.28
N TYR B 296 -36.72 -6.34 7.41
CA TYR B 296 -37.75 -6.12 8.41
C TYR B 296 -39.14 -5.99 7.80
N GLY B 297 -39.25 -6.40 6.53
CA GLY B 297 -40.47 -6.33 5.75
C GLY B 297 -40.96 -4.93 5.41
N ARG B 298 -40.03 -3.97 5.40
CA ARG B 298 -40.31 -2.59 5.04
C ARG B 298 -39.75 -2.29 3.68
N ASP B 299 -40.16 -1.16 3.12
CA ASP B 299 -39.69 -0.80 1.77
C ASP B 299 -38.55 0.18 1.80
N HIS B 300 -37.98 0.40 0.62
CA HIS B 300 -36.81 1.27 0.52
C HIS B 300 -37.07 2.72 0.89
N ALA B 301 -38.30 3.19 0.64
CA ALA B 301 -38.61 4.58 1.05
C ALA B 301 -38.76 4.67 2.58
N GLU B 302 -39.34 3.66 3.21
CA GLU B 302 -39.42 3.63 4.68
C GLU B 302 -38.03 3.66 5.33
N GLY B 303 -37.09 2.91 4.74
CA GLY B 303 -35.75 2.93 5.28
C GLY B 303 -34.99 4.24 5.02
N ALA B 304 -35.08 4.73 3.78
CA ALA B 304 -34.41 5.96 3.42
C ALA B 304 -34.92 7.17 4.17
N ASN B 305 -36.24 7.24 4.30
CA ASN B 305 -36.86 8.35 4.98
C ASN B 305 -36.57 8.38 6.46
N MET B 306 -36.38 7.19 7.06
CA MET B 306 -36.02 7.12 8.47
C MET B 306 -34.65 7.77 8.68
N LEU B 307 -33.68 7.37 7.84
CA LEU B 307 -32.36 7.99 7.89
C LEU B 307 -32.42 9.47 7.57
N ALA B 308 -33.19 9.83 6.57
CA ALA B 308 -33.29 11.22 6.13
C ALA B 308 -33.89 12.10 7.24
N ALA B 309 -34.82 11.55 8.00
CA ALA B 309 -35.38 12.34 9.11
C ALA B 309 -34.36 12.61 10.24
N ALA B 310 -33.44 11.66 10.46
CA ALA B 310 -32.34 11.84 11.39
C ALA B 310 -31.38 12.95 10.93
N LEU B 311 -31.13 13.03 9.62
CA LEU B 311 -30.21 14.02 9.06
C LEU B 311 -30.80 15.42 8.82
N LYS B 312 -32.09 15.47 8.63
CA LYS B 312 -32.78 16.70 8.20
C LYS B 312 -32.49 17.93 9.05
N PRO B 313 -32.50 17.83 10.37
CA PRO B 313 -32.23 19.01 11.23
C PRO B 313 -30.85 19.60 11.08
N PHE B 314 -29.92 18.81 10.54
CA PHE B 314 -28.53 19.19 10.37
C PHE B 314 -28.18 19.46 8.93
N GLY B 315 -29.15 19.35 8.01
CA GLY B 315 -28.90 19.63 6.62
C GLY B 315 -28.23 18.50 5.83
N GLY B 316 -28.28 17.30 6.39
CA GLY B 316 -27.66 16.11 5.80
C GLY B 316 -28.58 15.49 4.77
N VAL B 317 -27.98 14.74 3.85
CA VAL B 317 -28.74 14.06 2.82
CA VAL B 317 -28.71 14.08 2.79
C VAL B 317 -28.37 12.59 2.79
N VAL B 318 -29.29 11.78 2.28
CA VAL B 318 -29.13 10.36 2.11
C VAL B 318 -29.00 10.07 0.62
N PHE B 319 -27.87 9.46 0.25
CA PHE B 319 -27.66 8.94 -1.09
C PHE B 319 -28.04 7.46 -1.01
N TRP B 320 -29.26 7.13 -1.42
CA TRP B 320 -29.77 5.76 -1.30
C TRP B 320 -29.50 5.04 -2.60
N ARG B 321 -28.67 3.99 -2.57
CA ARG B 321 -28.34 3.31 -3.83
C ARG B 321 -29.45 2.40 -4.35
N ALA B 322 -29.62 2.45 -5.66
CA ALA B 322 -30.59 1.63 -6.39
C ALA B 322 -30.03 0.31 -6.89
N PHE B 323 -28.79 -0.01 -6.51
CA PHE B 323 -28.14 -1.26 -6.92
C PHE B 323 -28.67 -2.42 -6.10
N VAL B 324 -29.84 -2.89 -6.49
CA VAL B 324 -30.59 -3.92 -5.76
C VAL B 324 -31.16 -4.88 -6.79
N TYR B 325 -31.16 -6.17 -6.49
CA TYR B 325 -31.65 -7.19 -7.45
C TYR B 325 -31.79 -8.50 -6.73
N HIS B 326 -33.03 -9.00 -6.68
CA HIS B 326 -33.31 -10.27 -6.00
C HIS B 326 -32.98 -11.44 -6.91
N PRO B 327 -32.50 -12.55 -6.35
CA PRO B 327 -32.10 -13.69 -7.21
C PRO B 327 -33.26 -14.45 -7.80
N ASP B 328 -34.49 -14.28 -7.31
CA ASP B 328 -35.63 -15.06 -7.83
C ASP B 328 -36.49 -14.39 -8.87
N ILE B 329 -36.01 -13.29 -9.44
CA ILE B 329 -36.75 -12.62 -10.51
C ILE B 329 -36.35 -13.21 -11.82
N GLU B 330 -37.17 -12.98 -12.83
CA GLU B 330 -36.92 -13.56 -14.15
C GLU B 330 -35.65 -13.00 -14.82
N ASP B 331 -35.46 -11.69 -14.71
CA ASP B 331 -34.42 -11.00 -15.45
C ASP B 331 -33.79 -9.92 -14.60
N ARG B 332 -32.53 -10.12 -14.23
CA ARG B 332 -31.82 -9.12 -13.40
C ARG B 332 -31.85 -7.71 -14.01
N PHE B 333 -31.85 -7.63 -15.33
CA PHE B 333 -31.92 -6.36 -16.04
C PHE B 333 -33.12 -5.50 -15.59
N ARG B 334 -34.21 -6.17 -15.26
CA ARG B 334 -35.42 -5.50 -14.84
C ARG B 334 -35.44 -5.06 -13.38
N GLY B 335 -34.50 -5.55 -12.58
CA GLY B 335 -34.53 -5.46 -11.14
C GLY B 335 -34.69 -4.11 -10.47
N ALA B 336 -33.80 -3.20 -10.74
CA ALA B 336 -33.84 -1.90 -10.05
C ALA B 336 -35.11 -1.13 -10.37
N TYR B 337 -35.49 -1.12 -11.64
CA TYR B 337 -36.67 -0.42 -12.11
C TYR B 337 -37.91 -0.97 -11.44
N ASP B 338 -38.04 -2.30 -11.40
CA ASP B 338 -39.22 -2.92 -10.76
C ASP B 338 -39.23 -2.70 -9.22
N GLU B 339 -38.05 -2.57 -8.62
CA GLU B 339 -37.96 -2.29 -7.18
C GLU B 339 -38.34 -0.86 -6.81
N PHE B 340 -37.90 0.11 -7.63
CA PHE B 340 -38.02 1.53 -7.27
C PHE B 340 -39.16 2.30 -7.92
N MET B 341 -39.57 1.92 -9.12
CA MET B 341 -40.69 2.61 -9.75
C MET B 341 -41.93 2.71 -8.89
N PRO B 342 -42.33 1.66 -8.16
CA PRO B 342 -43.49 1.83 -7.29
C PRO B 342 -43.32 2.84 -6.14
N LEU B 343 -42.08 3.26 -5.87
CA LEU B 343 -41.77 4.18 -4.78
C LEU B 343 -41.54 5.62 -5.28
N ASP B 344 -41.75 5.88 -6.57
CA ASP B 344 -41.52 7.19 -7.11
C ASP B 344 -42.44 8.19 -6.37
N GLY B 345 -41.84 9.24 -5.82
CA GLY B 345 -42.58 10.25 -5.06
C GLY B 345 -42.72 9.96 -3.57
N LYS B 346 -42.28 8.79 -3.11
CA LYS B 346 -42.40 8.42 -1.70
C LYS B 346 -41.19 8.75 -0.88
N PHE B 347 -40.12 9.24 -1.51
CA PHE B 347 -38.90 9.55 -0.81
C PHE B 347 -38.93 11.01 -0.37
N ALA B 348 -38.35 11.25 0.79
CA ALA B 348 -38.19 12.61 1.29
C ALA B 348 -37.28 13.43 0.40
N ASP B 349 -37.38 14.75 0.48
CA ASP B 349 -36.61 15.60 -0.42
C ASP B 349 -35.10 15.65 -0.15
N ASN B 350 -34.66 15.23 1.05
CA ASN B 350 -33.24 15.03 1.33
C ASN B 350 -32.76 13.57 1.10
N VAL B 351 -33.52 12.83 0.32
CA VAL B 351 -33.06 11.53 -0.21
C VAL B 351 -32.81 11.71 -1.69
N ILE B 352 -31.70 11.15 -2.17
CA ILE B 352 -31.37 11.15 -3.58
C ILE B 352 -31.07 9.69 -3.90
N LEU B 353 -31.73 9.19 -4.94
CA LEU B 353 -31.48 7.83 -5.40
C LEU B 353 -30.27 7.76 -6.26
N GLN B 354 -29.25 6.99 -5.83
CA GLN B 354 -27.98 6.89 -6.55
C GLN B 354 -28.01 5.65 -7.42
N ILE B 355 -27.95 5.88 -8.73
CA ILE B 355 -28.21 4.84 -9.75
C ILE B 355 -27.00 4.65 -10.63
N LYS B 356 -26.55 3.41 -10.79
CA LYS B 356 -25.47 3.13 -11.72
C LYS B 356 -25.87 3.48 -13.14
N ASN B 357 -24.88 3.74 -13.99
CA ASN B 357 -25.19 4.08 -15.36
C ASN B 357 -26.10 3.11 -16.09
N GLY B 358 -25.90 1.83 -15.84
CA GLY B 358 -26.68 0.77 -16.42
C GLY B 358 -27.31 -0.15 -15.38
N PRO B 359 -28.23 -1.00 -15.83
CA PRO B 359 -29.01 -1.82 -14.95
C PRO B 359 -28.34 -3.08 -14.41
N ILE B 360 -27.16 -3.44 -14.91
CA ILE B 360 -26.48 -4.63 -14.45
C ILE B 360 -25.39 -4.22 -13.47
N ASP B 361 -24.16 -3.96 -13.92
CA ASP B 361 -23.09 -3.73 -12.96
C ASP B 361 -21.81 -3.26 -13.63
N PHE B 362 -21.81 -2.01 -14.08
CA PHE B 362 -20.60 -1.36 -14.59
C PHE B 362 -19.86 -2.12 -15.75
N GLN B 363 -20.61 -2.90 -16.51
CA GLN B 363 -20.02 -3.72 -17.59
C GLN B 363 -19.49 -2.83 -18.74
N PRO B 364 -18.56 -3.30 -19.55
CA PRO B 364 -17.92 -2.39 -20.50
C PRO B 364 -18.82 -1.56 -21.40
N ARG B 365 -19.95 -2.11 -21.79
CA ARG B 365 -21.05 -1.29 -22.30
C ARG B 365 -22.38 -1.83 -21.76
N GLU B 366 -23.20 -0.92 -21.25
CA GLU B 366 -24.55 -1.24 -20.84
C GLU B 366 -25.50 -0.15 -21.38
N PRO B 367 -26.72 -0.52 -21.67
CA PRO B 367 -27.73 0.51 -22.00
C PRO B 367 -28.00 1.30 -20.72
N PHE B 368 -28.60 2.46 -20.89
CA PHE B 368 -28.88 3.32 -19.74
C PHE B 368 -29.89 2.69 -18.79
N SER B 369 -29.69 2.95 -17.49
CA SER B 369 -30.63 2.50 -16.47
C SER B 369 -32.02 3.12 -16.70
N ALA B 370 -33.02 2.27 -16.89
CA ALA B 370 -34.38 2.72 -17.17
C ALA B 370 -34.89 3.61 -16.07
N LEU B 371 -34.49 3.39 -14.82
CA LEU B 371 -34.90 4.32 -13.75
C LEU B 371 -34.70 5.80 -14.08
N PHE B 372 -33.64 6.15 -14.80
CA PHE B 372 -33.38 7.55 -15.10
C PHE B 372 -34.51 8.19 -15.89
N ALA B 373 -35.15 7.43 -16.76
CA ALA B 373 -36.26 7.95 -17.60
C ALA B 373 -37.65 7.72 -17.01
N GLY B 374 -37.72 6.99 -15.91
CA GLY B 374 -38.98 6.61 -15.30
C GLY B 374 -39.36 7.30 -14.02
N MET B 375 -38.38 7.70 -13.20
CA MET B 375 -38.65 8.31 -11.89
C MET B 375 -38.81 9.80 -12.07
N SER B 376 -40.04 10.29 -11.99
CA SER B 376 -40.29 11.69 -12.25
C SER B 376 -40.56 12.56 -11.01
N ARG B 377 -40.61 11.96 -9.84
CA ARG B 377 -40.92 12.64 -8.58
C ARG B 377 -39.94 12.28 -7.48
N THR B 378 -38.72 11.93 -7.89
CA THR B 378 -37.68 11.47 -6.99
C THR B 378 -36.38 12.06 -7.44
N ASN B 379 -35.60 12.56 -6.47
CA ASN B 379 -34.28 13.04 -6.77
C ASN B 379 -33.40 11.84 -7.19
N MET B 380 -32.56 12.06 -8.18
CA MET B 380 -31.64 11.03 -8.69
C MET B 380 -30.24 11.60 -8.85
N MET B 381 -29.24 10.71 -8.83
CA MET B 381 -27.84 11.03 -9.09
C MET B 381 -27.24 9.79 -9.75
N MET B 382 -26.23 10.00 -10.57
CA MET B 382 -25.55 8.96 -11.31
C MET B 382 -24.40 8.38 -10.49
N GLU B 383 -24.14 7.10 -10.71
CA GLU B 383 -22.96 6.44 -10.17
C GLU B 383 -22.18 5.81 -11.32
N PHE B 384 -20.97 6.31 -11.53
CA PHE B 384 -20.03 5.79 -12.49
C PHE B 384 -18.87 5.08 -11.77
N GLN B 385 -18.26 4.13 -12.46
CA GLN B 385 -17.08 3.44 -11.96
C GLN B 385 -15.82 3.92 -12.69
N ILE B 386 -14.80 4.29 -11.91
CA ILE B 386 -13.51 4.72 -12.46
C ILE B 386 -12.49 3.60 -12.27
N THR B 387 -12.42 3.09 -11.04
CA THR B 387 -11.60 1.93 -10.77
C THR B 387 -11.95 0.84 -11.78
N GLN B 388 -10.96 0.13 -12.28
CA GLN B 388 -11.13 -0.76 -13.44
C GLN B 388 -11.44 -2.19 -13.05
N GLU B 389 -12.52 -2.31 -12.27
CA GLU B 389 -13.00 -3.62 -11.89
C GLU B 389 -13.24 -4.51 -13.10
N TYR B 390 -13.81 -3.91 -14.15
CA TYR B 390 -14.21 -4.63 -15.36
C TYR B 390 -13.37 -4.26 -16.60
N PHE B 391 -12.37 -3.40 -16.39
CA PHE B 391 -11.51 -2.89 -17.47
C PHE B 391 -10.02 -3.20 -17.24
N GLY B 392 -9.75 -4.18 -16.37
CA GLY B 392 -8.40 -4.72 -16.25
C GLY B 392 -7.52 -4.24 -15.12
N PHE B 393 -8.15 -3.87 -14.00
CA PHE B 393 -7.44 -3.61 -12.76
C PHE B 393 -6.41 -2.48 -12.98
N ALA B 394 -5.13 -2.68 -12.60
CA ALA B 394 -4.11 -1.65 -12.80
C ALA B 394 -3.18 -1.92 -13.97
N THR B 395 -3.47 -2.91 -14.81
CA THR B 395 -2.54 -3.26 -15.89
C THR B 395 -3.04 -2.93 -17.28
N HIS B 396 -4.34 -2.66 -17.45
CA HIS B 396 -4.90 -2.28 -18.74
C HIS B 396 -5.13 -0.78 -18.83
N LEU B 397 -4.79 -0.21 -19.99
CA LEU B 397 -5.02 1.19 -20.30
C LEU B 397 -6.46 1.31 -20.82
N ALA B 398 -7.33 2.04 -20.07
CA ALA B 398 -8.75 2.14 -20.41
C ALA B 398 -9.30 3.47 -19.91
N TYR B 399 -9.05 4.53 -20.67
CA TYR B 399 -9.65 5.84 -20.36
C TYR B 399 -11.18 5.71 -20.40
N GLN B 400 -11.85 6.11 -19.31
CA GLN B 400 -13.29 5.92 -19.18
C GLN B 400 -14.11 7.09 -19.65
N GLY B 401 -13.47 8.19 -20.03
CA GLY B 401 -14.18 9.36 -20.55
C GLY B 401 -15.24 9.00 -21.59
N PRO B 402 -14.92 8.15 -22.57
CA PRO B 402 -15.91 7.79 -23.58
C PRO B 402 -17.11 7.06 -23.06
N LEU B 403 -16.94 6.27 -22.02
CA LEU B 403 -18.05 5.59 -21.39
C LEU B 403 -18.99 6.61 -20.69
N PHE B 404 -18.39 7.56 -19.97
CA PHE B 404 -19.15 8.57 -19.25
C PHE B 404 -19.89 9.48 -20.22
N GLU B 405 -19.18 9.94 -21.24
CA GLU B 405 -19.79 10.81 -22.24
C GLU B 405 -20.95 10.09 -22.97
N GLU B 406 -20.69 8.86 -23.41
CA GLU B 406 -21.71 8.05 -24.08
C GLU B 406 -22.99 7.99 -23.23
N SER B 407 -22.82 7.70 -21.95
CA SER B 407 -23.94 7.68 -21.03
C SER B 407 -24.62 9.05 -20.91
N LEU B 408 -23.86 10.10 -20.64
CA LEU B 408 -24.43 11.42 -20.40
C LEU B 408 -25.15 12.01 -21.59
N LYS B 409 -24.67 11.71 -22.80
CA LYS B 409 -25.28 12.23 -24.01
C LYS B 409 -26.33 11.29 -24.60
N THR B 410 -26.63 10.18 -23.91
CA THR B 410 -27.65 9.27 -24.40
C THR B 410 -29.02 9.93 -24.37
N GLU B 411 -29.72 9.90 -25.50
CA GLU B 411 -31.08 10.41 -25.57
C GLU B 411 -32.01 9.35 -25.06
N THR B 412 -32.81 9.69 -24.04
CA THR B 412 -33.81 8.76 -23.51
C THR B 412 -35.21 8.92 -24.05
N HIS B 413 -35.50 10.06 -24.63
CA HIS B 413 -36.86 10.41 -25.04
C HIS B 413 -37.90 10.42 -23.91
N ALA B 414 -37.46 10.61 -22.67
CA ALA B 414 -38.38 10.56 -21.53
C ALA B 414 -39.46 11.61 -21.62
N ARG B 415 -39.08 12.80 -22.05
CA ARG B 415 -40.02 13.94 -22.16
C ARG B 415 -39.57 14.84 -23.32
N GLY B 416 -39.73 14.29 -24.53
CA GLY B 416 -39.33 14.92 -25.77
C GLY B 416 -37.86 14.78 -26.08
N GLU B 417 -37.46 15.25 -27.24
CA GLU B 417 -36.04 15.27 -27.62
C GLU B 417 -35.26 16.17 -26.66
N GLY B 418 -34.02 15.83 -26.39
CA GLY B 418 -33.23 16.55 -25.43
C GLY B 418 -33.32 15.96 -24.04
N SER B 419 -33.99 14.81 -23.89
CA SER B 419 -34.09 14.15 -22.60
C SER B 419 -32.88 13.27 -22.43
N THR B 420 -31.71 13.89 -22.51
CA THR B 420 -30.47 13.13 -22.34
C THR B 420 -30.28 12.80 -20.88
N ILE B 421 -29.48 11.78 -20.61
CA ILE B 421 -29.14 11.44 -19.26
C ILE B 421 -28.60 12.67 -18.50
N GLY B 422 -27.69 13.42 -19.12
CA GLY B 422 -27.12 14.62 -18.54
C GLY B 422 -28.21 15.63 -18.17
N ASN B 423 -29.14 15.85 -19.08
CA ASN B 423 -30.25 16.80 -18.80
C ASN B 423 -31.15 16.30 -17.69
N ILE B 424 -31.34 14.98 -17.62
CA ILE B 424 -32.14 14.40 -16.55
C ILE B 424 -31.42 14.63 -15.23
N LEU B 425 -30.14 14.28 -15.20
CA LEU B 425 -29.33 14.50 -14.00
C LEU B 425 -29.35 15.96 -13.54
N GLU B 426 -29.28 16.91 -14.48
CA GLU B 426 -29.28 18.31 -14.14
C GLU B 426 -30.57 18.75 -13.43
N GLY B 427 -31.63 17.97 -13.64
CA GLY B 427 -32.92 18.20 -12.99
C GLY B 427 -33.93 18.89 -13.91
N LYS B 428 -33.54 19.22 -15.14
CA LYS B 428 -34.38 20.00 -16.09
C LYS B 428 -35.53 19.23 -16.72
N VAL B 429 -35.38 17.90 -16.81
CA VAL B 429 -36.41 17.08 -17.44
C VAL B 429 -37.61 16.88 -16.51
N PHE B 430 -37.35 16.42 -15.30
CA PHE B 430 -38.39 16.09 -14.33
C PHE B 430 -38.63 17.12 -13.26
N LYS B 431 -37.80 18.15 -13.24
CA LYS B 431 -37.91 19.27 -12.29
C LYS B 431 -37.64 18.86 -10.87
N THR B 432 -36.40 18.50 -10.63
CA THR B 432 -35.86 18.26 -9.30
C THR B 432 -34.66 19.20 -9.20
N ARG B 433 -34.24 19.47 -7.98
CA ARG B 433 -33.09 20.35 -7.75
C ARG B 433 -31.94 19.70 -7.01
N HIS B 434 -32.19 18.59 -6.29
CA HIS B 434 -31.12 17.89 -5.61
C HIS B 434 -30.57 16.83 -6.56
N THR B 435 -29.38 17.13 -7.06
CA THR B 435 -28.77 16.45 -8.21
C THR B 435 -27.32 16.08 -7.92
N GLY B 436 -26.78 15.18 -8.73
CA GLY B 436 -25.42 14.76 -8.51
C GLY B 436 -24.88 13.67 -9.37
N MET B 437 -23.58 13.43 -9.18
CA MET B 437 -22.85 12.34 -9.82
C MET B 437 -21.81 11.88 -8.82
N ALA B 438 -21.68 10.57 -8.71
CA ALA B 438 -20.72 9.92 -7.85
C ALA B 438 -19.83 9.04 -8.68
N GLY B 439 -18.55 9.00 -8.33
CA GLY B 439 -17.56 8.24 -9.05
C GLY B 439 -16.75 7.35 -8.13
N VAL B 440 -16.80 6.05 -8.42
CA VAL B 440 -16.11 5.07 -7.60
C VAL B 440 -14.67 5.03 -8.08
N ILE B 441 -13.80 5.71 -7.35
CA ILE B 441 -12.42 5.93 -7.79
C ILE B 441 -11.44 4.93 -7.21
N ASN B 442 -11.69 4.48 -5.98
CA ASN B 442 -10.82 3.49 -5.30
C ASN B 442 -9.29 3.66 -5.44
N PRO B 443 -8.79 4.87 -5.22
CA PRO B 443 -7.34 5.06 -5.28
C PRO B 443 -6.72 4.48 -4.01
N GLY B 444 -5.41 4.49 -3.96
CA GLY B 444 -4.73 3.93 -2.79
C GLY B 444 -3.39 4.56 -2.58
N THR B 445 -2.59 3.93 -1.71
CA THR B 445 -1.31 4.47 -1.29
C THR B 445 -0.19 4.37 -2.32
N ASP B 446 -0.43 3.72 -3.46
CA ASP B 446 0.54 3.76 -4.55
C ASP B 446 0.95 5.23 -4.79
N ARG B 447 2.21 5.42 -5.15
CA ARG B 447 2.78 6.77 -5.29
C ARG B 447 2.00 7.64 -6.26
N ASN B 448 1.52 7.03 -7.32
CA ASN B 448 0.72 7.72 -8.34
C ASN B 448 -0.81 7.63 -8.11
N TRP B 449 -1.24 7.20 -6.91
CA TRP B 449 -2.64 7.17 -6.48
C TRP B 449 -3.54 6.12 -7.13
N THR B 450 -3.34 5.84 -8.44
CA THR B 450 -4.25 5.02 -9.24
C THR B 450 -3.66 3.74 -9.79
N GLY B 451 -2.38 3.49 -9.56
CA GLY B 451 -1.72 2.28 -10.05
C GLY B 451 -1.28 2.47 -11.47
N HIS B 452 -2.23 2.31 -12.38
CA HIS B 452 -2.01 2.58 -13.80
C HIS B 452 -2.07 4.11 -13.99
N PRO B 453 -1.04 4.76 -14.55
CA PRO B 453 -1.09 6.20 -14.76
C PRO B 453 -2.37 6.72 -15.45
N PHE B 454 -2.90 5.96 -16.41
CA PHE B 454 -4.07 6.39 -17.19
C PHE B 454 -5.40 6.29 -16.44
N VAL B 455 -5.44 5.60 -15.29
CA VAL B 455 -6.66 5.68 -14.46
C VAL B 455 -6.81 7.12 -13.94
N GLN B 456 -5.71 7.87 -13.82
CA GLN B 456 -5.82 9.29 -13.44
C GLN B 456 -6.70 10.05 -14.45
N SER B 457 -6.61 9.68 -15.72
CA SER B 457 -7.41 10.34 -16.76
C SER B 457 -8.89 10.14 -16.59
N SER B 458 -9.25 8.96 -16.13
CA SER B 458 -10.66 8.62 -15.84
C SER B 458 -11.21 9.38 -14.65
N TRP B 459 -10.42 9.48 -13.58
CA TRP B 459 -10.80 10.31 -12.42
C TRP B 459 -10.96 11.77 -12.90
N TYR B 460 -10.05 12.23 -13.75
CA TYR B 460 -10.06 13.59 -14.25
C TYR B 460 -11.36 13.87 -15.04
N ALA B 461 -11.64 13.01 -16.01
CA ALA B 461 -12.83 13.16 -16.86
C ALA B 461 -14.08 13.14 -16.00
N PHE B 462 -14.13 12.20 -15.04
CA PHE B 462 -15.29 12.13 -14.16
C PHE B 462 -15.57 13.46 -13.44
N GLY B 463 -14.53 14.08 -12.85
CA GLY B 463 -14.74 15.31 -12.14
C GLY B 463 -15.13 16.46 -13.07
N ARG B 464 -14.51 16.52 -14.25
CA ARG B 464 -14.86 17.55 -15.22
C ARG B 464 -16.32 17.42 -15.65
N MET B 465 -16.75 16.20 -15.92
CA MET B 465 -18.11 15.93 -16.33
C MET B 465 -19.13 16.11 -15.20
N ALA B 466 -18.74 15.91 -13.95
CA ALA B 466 -19.63 16.20 -12.82
C ALA B 466 -19.87 17.71 -12.71
N TRP B 467 -18.88 18.48 -13.12
CA TRP B 467 -19.02 19.95 -13.18
C TRP B 467 -19.87 20.37 -14.39
N ASP B 468 -19.60 19.79 -15.55
CA ASP B 468 -20.34 20.10 -16.80
C ASP B 468 -20.50 18.82 -17.60
N HIS B 469 -21.72 18.24 -17.53
CA HIS B 469 -22.01 16.95 -18.15
C HIS B 469 -21.97 16.90 -19.68
N GLN B 470 -21.85 18.07 -20.33
CA GLN B 470 -21.68 18.14 -21.76
C GLN B 470 -20.21 18.16 -22.19
N ILE B 471 -19.27 18.18 -21.25
CA ILE B 471 -17.84 18.13 -21.60
C ILE B 471 -17.56 16.77 -22.24
N SER B 472 -16.86 16.78 -23.37
CA SER B 472 -16.61 15.55 -24.10
C SER B 472 -15.39 14.81 -23.53
N ALA B 473 -15.30 13.53 -23.83
CA ALA B 473 -14.16 12.70 -23.47
C ALA B 473 -12.89 13.27 -24.11
N ALA B 474 -13.04 13.75 -25.34
CA ALA B 474 -11.91 14.36 -26.06
C ALA B 474 -11.40 15.62 -25.40
N THR B 475 -12.30 16.49 -24.99
CA THR B 475 -11.91 17.73 -24.32
C THR B 475 -11.16 17.43 -23.03
N ALA B 476 -11.73 16.52 -22.24
CA ALA B 476 -11.13 16.18 -20.97
C ALA B 476 -9.74 15.54 -21.16
N ALA B 477 -9.62 14.70 -22.17
CA ALA B 477 -8.33 14.08 -22.47
C ALA B 477 -7.30 15.10 -22.93
N ASP B 478 -7.73 16.07 -23.71
CA ASP B 478 -6.84 17.11 -24.19
C ASP B 478 -6.29 17.87 -22.99
N GLU B 479 -7.14 18.26 -22.05
CA GLU B 479 -6.67 18.97 -20.87
C GLU B 479 -5.71 18.10 -20.05
N TRP B 480 -6.12 16.86 -19.84
CA TRP B 480 -5.40 15.98 -18.94
C TRP B 480 -4.02 15.68 -19.47
N LEU B 481 -3.94 15.48 -20.78
CA LEU B 481 -2.65 15.18 -21.42
C LEU B 481 -1.68 16.36 -21.31
N ARG B 482 -2.20 17.55 -21.55
CA ARG B 482 -1.42 18.79 -21.41
C ARG B 482 -0.92 18.97 -19.98
N MET B 483 -1.80 18.70 -19.02
CA MET B 483 -1.48 18.92 -17.62
C MET B 483 -0.52 17.84 -17.09
N THR B 484 -0.64 16.63 -17.60
CA THR B 484 0.04 15.47 -17.04
C THR B 484 1.33 15.13 -17.74
N PHE B 485 1.41 15.40 -19.03
CA PHE B 485 2.55 14.95 -19.83
C PHE B 485 3.21 16.02 -20.69
N SER B 486 2.47 16.66 -21.58
CA SER B 486 3.09 17.50 -22.57
C SER B 486 2.06 18.31 -23.34
N ASN B 487 2.48 19.51 -23.74
CA ASN B 487 1.68 20.38 -24.58
C ASN B 487 2.06 20.29 -26.06
N GLN B 488 2.96 19.36 -26.41
CA GLN B 488 3.39 19.20 -27.79
C GLN B 488 2.24 18.65 -28.64
N PRO B 489 1.81 19.38 -29.69
CA PRO B 489 0.71 18.86 -30.50
C PRO B 489 0.95 17.50 -31.14
N ALA B 490 2.20 17.19 -31.48
CA ALA B 490 2.49 15.90 -32.09
C ALA B 490 2.31 14.76 -31.13
N PHE B 491 2.39 15.07 -29.84
CA PHE B 491 2.10 14.08 -28.76
C PHE B 491 0.62 14.00 -28.45
N ILE B 492 0.00 15.15 -28.26
CA ILE B 492 -1.39 15.21 -27.86
C ILE B 492 -2.32 14.44 -28.80
N GLU B 493 -2.19 14.70 -30.09
CA GLU B 493 -3.13 14.13 -31.03
C GLU B 493 -3.13 12.59 -30.99
N PRO B 494 -1.99 11.92 -31.24
CA PRO B 494 -2.06 10.46 -31.27
C PRO B 494 -2.41 9.84 -29.91
N VAL B 495 -1.93 10.43 -28.83
CA VAL B 495 -2.23 9.89 -27.48
C VAL B 495 -3.68 10.10 -27.10
N LYS B 496 -4.26 11.24 -27.49
CA LYS B 496 -5.67 11.49 -27.27
C LYS B 496 -6.50 10.42 -28.00
N GLN B 497 -6.12 10.13 -29.25
CA GLN B 497 -6.87 9.15 -30.02
C GLN B 497 -6.71 7.75 -29.42
N MET B 498 -5.50 7.42 -28.96
CA MET B 498 -5.22 6.16 -28.25
C MET B 498 -6.15 6.04 -27.01
N MET B 499 -6.23 7.12 -26.24
CA MET B 499 -7.13 7.15 -25.07
C MET B 499 -8.56 6.95 -25.47
N LEU B 500 -8.97 7.62 -26.54
CA LEU B 500 -10.35 7.52 -26.96
C LEU B 500 -10.75 6.17 -27.46
N VAL B 501 -9.84 5.40 -28.04
CA VAL B 501 -10.16 4.06 -28.53
C VAL B 501 -10.04 3.00 -27.42
N SER B 502 -9.29 3.32 -26.37
CA SER B 502 -9.00 2.32 -25.31
C SER B 502 -10.25 1.69 -24.65
N ARG B 503 -11.28 2.51 -24.43
CA ARG B 503 -12.51 1.97 -23.88
C ARG B 503 -13.07 0.92 -24.83
N GLU B 504 -13.17 1.27 -26.10
CA GLU B 504 -13.77 0.36 -27.07
C GLU B 504 -12.94 -0.88 -27.22
N ALA B 505 -11.62 -0.76 -27.19
CA ALA B 505 -10.76 -1.97 -27.21
C ALA B 505 -11.15 -2.95 -26.07
N GLY B 506 -11.36 -2.40 -24.87
CA GLY B 506 -11.77 -3.12 -23.66
C GLY B 506 -13.12 -3.82 -23.76
N VAL B 507 -14.02 -3.22 -24.53
CA VAL B 507 -15.29 -3.86 -24.87
C VAL B 507 -14.99 -5.00 -25.86
N ASN B 508 -14.24 -4.66 -26.89
CA ASN B 508 -14.05 -5.63 -28.00
C ASN B 508 -13.39 -6.95 -27.65
N TYR B 509 -12.33 -6.94 -26.83
CA TYR B 509 -11.69 -8.22 -26.43
C TYR B 509 -12.35 -8.92 -25.26
N ARG B 510 -13.42 -8.35 -24.71
CA ARG B 510 -14.14 -8.98 -23.62
C ARG B 510 -15.56 -9.45 -23.95
N SER B 511 -16.36 -8.54 -24.52
CA SER B 511 -17.79 -8.79 -24.68
C SER B 511 -18.42 -7.74 -25.58
N PRO B 512 -18.19 -7.87 -26.88
CA PRO B 512 -18.78 -6.95 -27.85
C PRO B 512 -20.23 -7.31 -28.18
N LEU B 513 -20.84 -6.45 -28.98
CA LEU B 513 -22.17 -6.70 -29.60
C LEU B 513 -23.34 -6.83 -28.64
N GLY B 514 -23.18 -6.33 -27.41
CA GLY B 514 -24.21 -6.51 -26.39
C GLY B 514 -23.99 -7.67 -25.44
N LEU B 515 -22.95 -8.47 -25.68
CA LEU B 515 -22.56 -9.41 -24.69
C LEU B 515 -22.13 -8.68 -23.42
N THR B 516 -22.15 -9.43 -22.34
CA THR B 516 -21.85 -8.87 -21.02
C THR B 516 -21.60 -9.96 -19.99
N HIS B 517 -20.94 -9.58 -18.92
CA HIS B 517 -20.84 -10.44 -17.72
C HIS B 517 -20.15 -11.77 -17.99
N LEU B 518 -19.08 -11.71 -18.75
CA LEU B 518 -18.28 -12.90 -19.12
C LEU B 518 -17.04 -13.12 -18.29
N TYR B 519 -16.95 -12.45 -17.15
CA TYR B 519 -15.76 -12.46 -16.30
C TYR B 519 -15.68 -13.66 -15.38
N SER B 520 -14.44 -13.95 -15.02
CA SER B 520 -14.17 -14.85 -13.93
C SER B 520 -14.87 -14.37 -12.68
N GLN B 521 -15.54 -15.26 -11.97
CA GLN B 521 -16.24 -14.88 -10.75
C GLN B 521 -15.52 -15.38 -9.55
N GLY B 522 -15.43 -14.63 -8.46
CA GLY B 522 -15.98 -13.30 -8.21
C GLY B 522 -14.91 -12.20 -8.34
N ASP B 523 -13.70 -12.57 -8.78
CA ASP B 523 -12.58 -11.63 -8.84
C ASP B 523 -12.66 -10.68 -10.01
N HIS B 524 -13.28 -11.11 -11.11
CA HIS B 524 -13.45 -10.28 -12.31
C HIS B 524 -12.23 -9.92 -13.11
N TYR B 525 -11.14 -10.66 -12.94
CA TYR B 525 -9.96 -10.25 -13.64
C TYR B 525 -9.84 -10.76 -15.09
N GLY B 526 -10.12 -12.03 -15.28
CA GLY B 526 -9.95 -12.61 -16.60
C GLY B 526 -11.24 -13.13 -17.18
N PRO B 527 -11.15 -13.79 -18.34
CA PRO B 527 -12.33 -14.38 -18.97
C PRO B 527 -12.85 -15.65 -18.32
N ALA B 528 -14.16 -15.81 -18.27
CA ALA B 528 -14.80 -17.08 -17.94
C ALA B 528 -16.22 -17.12 -18.50
N PRO B 529 -16.38 -17.06 -19.82
CA PRO B 529 -17.73 -17.05 -20.41
C PRO B 529 -18.51 -18.35 -20.26
N TRP B 530 -17.84 -19.41 -19.82
CA TRP B 530 -18.45 -20.72 -19.56
C TRP B 530 -19.10 -20.78 -18.19
N THR B 531 -18.84 -19.77 -17.35
CA THR B 531 -19.28 -19.79 -15.95
C THR B 531 -20.77 -20.11 -15.79
N ASP B 532 -21.05 -21.17 -15.05
CA ASP B 532 -22.40 -21.61 -14.76
C ASP B 532 -22.36 -22.20 -13.33
N ASP B 533 -23.48 -22.71 -12.83
CA ASP B 533 -23.47 -23.38 -11.52
C ASP B 533 -22.84 -22.57 -10.36
N LEU B 534 -23.37 -21.38 -10.13
CA LEU B 534 -23.06 -20.60 -8.94
C LEU B 534 -24.36 -20.60 -8.11
N PRO B 535 -24.29 -20.28 -6.81
CA PRO B 535 -25.49 -20.19 -5.97
C PRO B 535 -26.56 -19.26 -6.51
N ARG B 536 -26.17 -18.20 -7.20
CA ARG B 536 -27.17 -17.42 -7.90
C ARG B 536 -26.85 -17.38 -9.40
N ALA B 537 -27.82 -17.81 -10.21
CA ALA B 537 -27.70 -17.84 -11.69
C ALA B 537 -27.35 -16.48 -12.30
N ASP B 538 -27.89 -15.42 -11.73
CA ASP B 538 -27.56 -14.07 -12.18
C ASP B 538 -26.12 -13.60 -11.88
N TRP B 539 -25.30 -14.43 -11.22
CA TRP B 539 -23.87 -14.15 -11.07
C TRP B 539 -23.03 -14.95 -12.08
N THR B 540 -23.67 -15.78 -12.90
CA THR B 540 -22.98 -16.58 -13.94
C THR B 540 -22.86 -15.85 -15.25
N ALA B 541 -22.16 -16.46 -16.19
CA ALA B 541 -22.01 -15.89 -17.54
C ALA B 541 -23.08 -16.40 -18.50
N VAL B 542 -23.35 -17.71 -18.42
CA VAL B 542 -24.32 -18.30 -19.34
C VAL B 542 -25.72 -17.69 -19.22
N TYR B 543 -26.08 -17.23 -18.01
CA TYR B 543 -27.35 -16.55 -17.77
C TYR B 543 -27.56 -15.39 -18.75
N TYR B 544 -26.47 -14.64 -19.01
CA TYR B 544 -26.51 -13.44 -19.84
C TYR B 544 -26.45 -13.67 -21.34
N HIS B 545 -25.58 -14.59 -21.79
CA HIS B 545 -25.38 -14.80 -23.23
C HIS B 545 -26.33 -15.80 -23.88
N ARG B 546 -26.75 -16.81 -23.13
CA ARG B 546 -27.68 -17.84 -23.58
C ARG B 546 -27.25 -18.45 -24.92
N ALA B 547 -25.94 -18.59 -25.10
CA ALA B 547 -25.42 -19.15 -26.33
C ALA B 547 -25.81 -20.62 -26.48
N SER B 548 -26.14 -20.97 -27.71
CA SER B 548 -26.46 -22.35 -28.09
C SER B 548 -25.94 -22.60 -29.50
N LYS B 549 -26.18 -23.82 -30.00
CA LYS B 549 -25.80 -24.16 -31.35
C LYS B 549 -26.48 -23.30 -32.43
N THR B 550 -27.67 -22.78 -32.15
CA THR B 550 -28.41 -22.04 -33.14
C THR B 550 -28.28 -20.51 -32.99
N GLY B 551 -27.93 -20.02 -31.80
CA GLY B 551 -27.85 -18.57 -31.63
C GLY B 551 -27.30 -18.05 -30.33
N ILE B 552 -27.45 -16.75 -30.12
CA ILE B 552 -26.91 -16.13 -28.91
C ILE B 552 -27.69 -14.84 -28.64
N GLY B 553 -27.68 -14.40 -27.39
CA GLY B 553 -28.34 -13.16 -27.02
C GLY B 553 -29.47 -13.38 -26.07
N PHE B 554 -29.97 -12.31 -25.44
CA PHE B 554 -31.01 -12.41 -24.38
C PHE B 554 -32.22 -11.61 -24.85
N ASN B 555 -33.37 -12.27 -24.97
CA ASN B 555 -34.57 -11.67 -25.51
C ASN B 555 -35.23 -10.85 -24.42
N ARG B 556 -35.15 -9.55 -24.56
CA ARG B 556 -35.75 -8.58 -23.65
C ARG B 556 -36.85 -7.79 -24.32
N THR B 557 -37.32 -8.31 -25.45
CA THR B 557 -38.44 -7.68 -26.16
C THR B 557 -39.74 -8.20 -25.54
N LYS B 558 -40.86 -7.75 -26.10
CA LYS B 558 -42.20 -8.24 -25.71
C LYS B 558 -42.38 -9.75 -25.71
N THR B 559 -41.64 -10.46 -26.54
CA THR B 559 -41.73 -11.91 -26.59
C THR B 559 -40.77 -12.63 -25.62
N GLY B 560 -39.97 -11.84 -24.91
CA GLY B 560 -39.03 -12.34 -23.93
C GLY B 560 -39.33 -11.78 -22.56
N SER B 561 -38.36 -11.14 -21.90
CA SER B 561 -38.56 -10.62 -20.53
C SER B 561 -39.30 -9.26 -20.52
N ASN B 562 -39.43 -8.67 -21.70
CA ASN B 562 -40.07 -7.37 -21.91
C ASN B 562 -39.51 -6.23 -21.08
N ALA B 563 -38.21 -6.29 -20.82
CA ALA B 563 -37.52 -5.19 -20.16
C ALA B 563 -37.58 -3.93 -21.03
N LEU B 564 -37.74 -4.07 -22.34
CA LEU B 564 -37.86 -2.92 -23.20
C LEU B 564 -39.05 -2.03 -22.86
N ALA B 565 -40.11 -2.62 -22.30
CA ALA B 565 -41.29 -1.89 -21.85
C ALA B 565 -41.04 -1.01 -20.62
N GLN B 566 -39.88 -1.16 -19.99
CA GLN B 566 -39.46 -0.29 -18.88
C GLN B 566 -38.90 1.02 -19.38
N TYR B 567 -38.70 1.14 -20.70
CA TYR B 567 -38.16 2.34 -21.30
C TYR B 567 -39.25 3.17 -21.96
N PRO B 568 -38.97 4.45 -22.20
CA PRO B 568 -39.93 5.26 -22.95
C PRO B 568 -40.20 4.61 -24.32
N GLU B 569 -41.43 4.76 -24.82
CA GLU B 569 -41.83 4.11 -26.07
C GLU B 569 -40.87 4.30 -27.24
N PRO B 570 -40.32 5.50 -27.49
CA PRO B 570 -39.38 5.63 -28.60
C PRO B 570 -38.13 4.78 -28.47
N ILE B 571 -37.67 4.56 -27.24
CA ILE B 571 -36.53 3.67 -27.00
C ILE B 571 -36.96 2.20 -27.20
N ALA B 572 -38.09 1.82 -26.63
CA ALA B 572 -38.60 0.44 -26.79
C ALA B 572 -38.77 0.10 -28.25
N LYS B 573 -39.24 1.07 -29.02
CA LYS B 573 -39.43 0.89 -30.46
C LYS B 573 -38.12 0.74 -31.20
N ALA B 574 -37.20 1.66 -30.94
CA ALA B 574 -35.92 1.69 -31.62
C ALA B 574 -35.11 0.45 -31.32
N TRP B 575 -35.10 0.03 -30.07
CA TRP B 575 -34.29 -1.13 -29.70
C TRP B 575 -34.95 -2.46 -29.94
N GLY B 576 -36.26 -2.48 -30.02
CA GLY B 576 -37.01 -3.71 -30.26
C GLY B 576 -37.06 -4.11 -31.73
N ASP B 577 -36.79 -3.17 -32.62
CA ASP B 577 -36.77 -3.44 -34.06
C ASP B 577 -35.34 -3.70 -34.51
N LEU B 578 -35.12 -4.87 -35.11
CA LEU B 578 -33.78 -5.23 -35.63
C LEU B 578 -33.24 -4.31 -36.67
N ASN B 579 -34.14 -3.59 -37.31
CA ASN B 579 -33.74 -2.65 -38.31
C ASN B 579 -33.11 -1.38 -37.72
N SER B 580 -33.41 -1.05 -36.45
CA SER B 580 -32.92 0.18 -35.82
C SER B 580 -32.06 0.01 -34.55
N VAL B 581 -32.09 -1.18 -33.95
CA VAL B 581 -31.30 -1.40 -32.72
C VAL B 581 -29.79 -1.22 -33.01
N PRO B 582 -29.07 -0.47 -32.20
CA PRO B 582 -27.62 -0.35 -32.44
C PRO B 582 -26.96 -1.71 -32.27
N GLU B 583 -26.08 -2.03 -33.19
CA GLU B 583 -25.33 -3.28 -33.11
C GLU B 583 -24.51 -3.40 -31.86
N ASP B 584 -24.04 -2.27 -31.32
CA ASP B 584 -23.24 -2.33 -30.09
C ASP B 584 -24.05 -2.67 -28.83
N LEU B 585 -25.38 -2.76 -28.95
CA LEU B 585 -26.24 -3.21 -27.86
C LEU B 585 -27.09 -4.43 -28.20
N ILE B 586 -26.92 -4.98 -29.41
CA ILE B 586 -27.98 -5.85 -29.94
C ILE B 586 -28.29 -7.07 -29.09
N LEU B 587 -27.25 -7.76 -28.58
CA LEU B 587 -27.43 -8.97 -27.79
C LEU B 587 -27.98 -8.76 -26.38
N TRP B 588 -28.10 -7.50 -25.95
CA TRP B 588 -28.80 -7.21 -24.72
C TRP B 588 -30.29 -7.48 -24.84
N PHE B 589 -30.84 -7.35 -26.06
CA PHE B 589 -32.28 -7.39 -26.25
C PHE B 589 -32.81 -8.46 -27.18
N HIS B 590 -31.95 -9.04 -28.01
CA HIS B 590 -32.34 -10.03 -28.99
C HIS B 590 -31.53 -11.28 -28.92
N HIS B 591 -32.23 -12.42 -29.02
CA HIS B 591 -31.57 -13.69 -29.19
C HIS B 591 -31.56 -13.91 -30.70
N LEU B 592 -30.38 -13.97 -31.30
CA LEU B 592 -30.24 -14.02 -32.76
C LEU B 592 -29.57 -15.27 -33.21
N SER B 593 -29.97 -15.71 -34.38
CA SER B 593 -29.30 -16.86 -34.99
C SER B 593 -27.88 -16.45 -35.38
N TRP B 594 -26.97 -17.42 -35.32
CA TRP B 594 -25.59 -17.20 -35.72
C TRP B 594 -25.46 -16.73 -37.18
N ASP B 595 -26.46 -17.05 -38.01
CA ASP B 595 -26.50 -16.57 -39.40
C ASP B 595 -27.05 -15.17 -39.63
N HIS B 596 -27.50 -14.49 -38.59
CA HIS B 596 -27.98 -13.14 -38.75
C HIS B 596 -26.91 -12.26 -39.40
N ARG B 597 -27.25 -11.55 -40.48
CA ARG B 597 -26.24 -10.73 -41.13
C ARG B 597 -26.17 -9.35 -40.57
N MET B 598 -24.95 -8.96 -40.25
CA MET B 598 -24.69 -7.67 -39.67
C MET B 598 -24.43 -6.62 -40.75
N GLN B 599 -24.37 -5.37 -40.33
CA GLN B 599 -24.17 -4.22 -41.24
C GLN B 599 -22.89 -4.36 -42.07
N SER B 600 -21.88 -4.94 -41.47
CA SER B 600 -20.60 -5.25 -42.16
C SER B 600 -20.66 -6.28 -43.30
N GLY B 601 -21.75 -7.05 -43.38
CA GLY B 601 -21.85 -8.17 -44.30
C GLY B 601 -21.47 -9.49 -43.68
N ARG B 602 -20.81 -9.48 -42.53
CA ARG B 602 -20.50 -10.71 -41.84
C ARG B 602 -21.74 -11.25 -41.19
N ASN B 603 -21.79 -12.55 -41.01
CA ASN B 603 -22.85 -13.11 -40.13
C ASN B 603 -22.42 -12.83 -38.66
N LEU B 604 -23.32 -13.13 -37.73
CA LEU B 604 -23.10 -12.83 -36.33
C LEU B 604 -21.89 -13.58 -35.75
N TRP B 605 -21.73 -14.84 -36.12
CA TRP B 605 -20.55 -15.60 -35.65
C TRP B 605 -19.24 -14.92 -36.11
N GLN B 606 -19.22 -14.59 -37.39
CA GLN B 606 -18.07 -13.93 -37.99
C GLN B 606 -17.81 -12.54 -37.40
N GLU B 607 -18.88 -11.80 -37.14
CA GLU B 607 -18.77 -10.49 -36.51
C GLU B 607 -18.26 -10.58 -35.08
N LEU B 608 -18.71 -11.60 -34.34
CA LEU B 608 -18.24 -11.82 -32.98
C LEU B 608 -16.74 -12.08 -32.99
N VAL B 609 -16.31 -12.98 -33.86
CA VAL B 609 -14.88 -13.27 -33.96
C VAL B 609 -14.09 -12.02 -34.39
N HIS B 610 -14.60 -11.27 -35.36
CA HIS B 610 -13.98 -10.05 -35.85
C HIS B 610 -13.78 -9.05 -34.73
N LYS B 611 -14.81 -8.88 -33.89
CA LYS B 611 -14.70 -7.93 -32.76
C LYS B 611 -13.66 -8.31 -31.73
N TYR B 612 -13.65 -9.56 -31.34
CA TYR B 612 -12.67 -10.08 -30.37
C TYR B 612 -11.25 -9.91 -30.89
N TYR B 613 -11.03 -10.25 -32.17
CA TYR B 613 -9.70 -10.05 -32.75
C TYR B 613 -9.36 -8.55 -32.90
N GLN B 614 -10.34 -7.74 -33.27
CA GLN B 614 -10.15 -6.29 -33.37
C GLN B 614 -9.68 -5.68 -32.04
N GLY B 615 -10.24 -6.13 -30.92
CA GLY B 615 -9.83 -5.60 -29.63
C GLY B 615 -8.35 -5.81 -29.36
N VAL B 616 -7.84 -6.98 -29.68
CA VAL B 616 -6.41 -7.27 -29.51
C VAL B 616 -5.60 -6.39 -30.45
N GLU B 617 -6.06 -6.26 -31.68
CA GLU B 617 -5.36 -5.40 -32.64
C GLU B 617 -5.32 -3.94 -32.18
N GLN B 618 -6.42 -3.50 -31.55
CA GLN B 618 -6.47 -2.16 -31.00
C GLN B 618 -5.43 -2.00 -29.88
N VAL B 619 -5.26 -3.00 -29.03
CA VAL B 619 -4.21 -2.92 -28.02
C VAL B 619 -2.81 -2.84 -28.66
N ARG B 620 -2.60 -3.69 -29.65
CA ARG B 620 -1.33 -3.70 -30.38
C ARG B 620 -1.02 -2.34 -31.02
N ALA B 621 -2.05 -1.70 -31.59
CA ALA B 621 -1.90 -0.37 -32.14
C ALA B 621 -1.63 0.66 -31.05
N MET B 622 -2.22 0.52 -29.87
CA MET B 622 -1.90 1.43 -28.73
C MET B 622 -0.42 1.29 -28.34
N GLN B 623 0.07 0.06 -28.38
CA GLN B 623 1.49 -0.19 -28.11
C GLN B 623 2.38 0.61 -29.06
N ARG B 624 2.07 0.53 -30.34
CA ARG B 624 2.85 1.20 -31.36
C ARG B 624 2.76 2.73 -31.21
N THR B 625 1.57 3.22 -30.96
CA THR B 625 1.36 4.65 -30.69
C THR B 625 2.20 5.09 -29.51
N TRP B 626 2.10 4.39 -28.40
CA TRP B 626 2.87 4.77 -27.22
C TRP B 626 4.39 4.80 -27.49
N ASP B 627 4.90 3.81 -28.19
CA ASP B 627 6.33 3.76 -28.51
C ASP B 627 6.81 4.98 -29.29
N GLN B 628 5.93 5.53 -30.11
CA GLN B 628 6.22 6.76 -30.86
C GLN B 628 6.33 8.04 -30.02
N GLN B 629 6.04 7.97 -28.71
CA GLN B 629 5.99 9.16 -27.86
C GLN B 629 7.17 9.31 -26.94
N GLU B 630 8.17 8.45 -27.12
CA GLU B 630 9.31 8.40 -26.21
C GLU B 630 10.01 9.74 -26.03
N ALA B 631 10.09 10.53 -27.09
CA ALA B 631 10.71 11.85 -26.98
C ALA B 631 9.97 12.88 -26.11
N TYR B 632 8.68 12.69 -25.87
CA TYR B 632 7.82 13.67 -25.21
C TYR B 632 7.49 13.38 -23.77
N VAL B 633 7.81 12.18 -23.30
CA VAL B 633 7.46 11.70 -21.95
C VAL B 633 8.74 11.41 -21.19
N ASP B 634 8.73 11.65 -19.88
CA ASP B 634 9.85 11.28 -19.02
C ASP B 634 10.10 9.79 -19.10
N ALA B 635 11.34 9.38 -18.93
CA ALA B 635 11.73 8.01 -19.12
C ALA B 635 10.99 7.03 -18.17
N ALA B 636 10.71 7.46 -16.93
CA ALA B 636 10.11 6.55 -15.96
C ALA B 636 8.64 6.23 -16.28
N ARG B 637 7.82 7.25 -16.48
CA ARG B 637 6.44 6.96 -16.86
C ARG B 637 6.34 6.33 -18.25
N PHE B 638 7.26 6.69 -19.16
CA PHE B 638 7.30 6.04 -20.48
C PHE B 638 7.47 4.54 -20.35
N ALA B 639 8.46 4.14 -19.58
CA ALA B 639 8.81 2.73 -19.42
C ALA B 639 7.70 1.98 -18.71
N GLN B 640 7.09 2.64 -17.72
CA GLN B 640 6.00 2.01 -17.00
C GLN B 640 4.81 1.73 -17.90
N VAL B 641 4.35 2.74 -18.63
CA VAL B 641 3.20 2.59 -19.52
C VAL B 641 3.52 1.56 -20.65
N LYS B 642 4.74 1.61 -21.20
CA LYS B 642 5.16 0.61 -22.18
C LYS B 642 5.05 -0.83 -21.67
N ALA B 643 5.54 -1.06 -20.46
CA ALA B 643 5.45 -2.35 -19.81
C ALA B 643 4.03 -2.80 -19.53
N LEU B 644 3.22 -1.89 -19.01
CA LEU B 644 1.81 -2.23 -18.74
C LEU B 644 1.05 -2.59 -20.00
N LEU B 645 1.34 -1.90 -21.08
CA LEU B 645 0.72 -2.19 -22.37
C LEU B 645 1.11 -3.59 -22.87
N GLN B 646 2.32 -4.06 -22.56
CA GLN B 646 2.69 -5.44 -22.91
C GLN B 646 1.84 -6.42 -22.11
N VAL B 647 1.66 -6.12 -20.83
CA VAL B 647 0.83 -6.98 -19.97
C VAL B 647 -0.58 -7.02 -20.50
N GLN B 648 -1.09 -5.84 -20.81
CA GLN B 648 -2.42 -5.73 -21.41
C GLN B 648 -2.58 -6.52 -22.71
N GLU B 649 -1.60 -6.45 -23.61
CA GLU B 649 -1.70 -7.17 -24.89
C GLU B 649 -1.75 -8.70 -24.63
N ARG B 650 -0.95 -9.18 -23.67
CA ARG B 650 -0.94 -10.61 -23.33
C ARG B 650 -2.30 -11.05 -22.76
N GLU B 651 -2.82 -10.24 -21.84
CA GLU B 651 -4.12 -10.52 -21.26
C GLU B 651 -5.26 -10.40 -22.25
N ALA B 652 -5.15 -9.47 -23.16
CA ALA B 652 -6.19 -9.29 -24.21
C ALA B 652 -6.21 -10.54 -25.13
N VAL B 653 -5.02 -11.06 -25.44
CA VAL B 653 -4.93 -12.30 -26.19
C VAL B 653 -5.61 -13.46 -25.47
N ARG B 654 -5.37 -13.57 -24.18
CA ARG B 654 -5.98 -14.59 -23.36
C ARG B 654 -7.52 -14.44 -23.37
N TRP B 655 -7.97 -13.19 -23.27
CA TRP B 655 -9.41 -12.92 -23.32
C TRP B 655 -10.01 -13.38 -24.67
N ARG B 656 -9.39 -12.88 -25.75
CA ARG B 656 -9.81 -13.19 -27.10
C ARG B 656 -9.86 -14.71 -27.33
N ASN B 657 -8.75 -15.38 -27.05
CA ASN B 657 -8.68 -16.80 -27.28
C ASN B 657 -9.67 -17.58 -26.44
N SER B 658 -9.80 -17.22 -25.17
CA SER B 658 -10.74 -17.91 -24.28
C SER B 658 -12.19 -17.78 -24.76
N CYS B 659 -12.56 -16.56 -25.13
CA CYS B 659 -13.94 -16.30 -25.51
C CYS B 659 -14.28 -16.85 -26.88
N VAL B 660 -13.38 -16.65 -27.85
CA VAL B 660 -13.60 -17.16 -29.21
C VAL B 660 -13.68 -18.69 -29.21
N LEU B 661 -12.79 -19.34 -28.47
CA LEU B 661 -12.81 -20.80 -28.39
C LEU B 661 -14.03 -21.30 -27.65
N TYR B 662 -14.43 -20.59 -26.59
CA TYR B 662 -15.64 -20.96 -25.89
C TYR B 662 -16.88 -20.87 -26.80
N PHE B 663 -17.11 -19.72 -27.42
CA PHE B 663 -18.25 -19.57 -28.28
C PHE B 663 -18.19 -20.50 -29.49
N GLN B 664 -16.98 -20.79 -29.98
CA GLN B 664 -16.84 -21.79 -31.05
C GLN B 664 -17.33 -23.15 -30.61
N SER B 665 -16.99 -23.52 -29.38
CA SER B 665 -17.39 -24.83 -28.84
C SER B 665 -18.90 -24.98 -28.75
N VAL B 666 -19.58 -23.86 -28.55
CA VAL B 666 -21.03 -23.87 -28.44
C VAL B 666 -21.66 -23.78 -29.84
N ALA B 667 -21.21 -22.86 -30.68
CA ALA B 667 -21.75 -22.65 -32.04
C ALA B 667 -21.36 -23.74 -33.05
N GLY B 668 -20.19 -24.33 -32.87
CA GLY B 668 -19.68 -25.33 -33.79
C GLY B 668 -19.34 -24.76 -35.16
N ARG B 669 -18.76 -23.56 -35.21
CA ARG B 669 -18.39 -22.93 -36.46
C ARG B 669 -16.90 -22.64 -36.45
N PRO B 670 -16.27 -22.60 -37.63
CA PRO B 670 -14.82 -22.41 -37.65
C PRO B 670 -14.47 -20.95 -37.48
N ILE B 671 -13.29 -20.71 -36.92
CA ILE B 671 -12.70 -19.39 -36.90
C ILE B 671 -12.26 -19.14 -38.35
N PRO B 672 -12.68 -18.05 -39.00
CA PRO B 672 -12.22 -17.80 -40.37
C PRO B 672 -10.69 -17.89 -40.52
N ALA B 673 -10.27 -18.44 -41.66
CA ALA B 673 -8.86 -18.76 -41.92
C ALA B 673 -7.86 -17.60 -41.89
N ASN B 674 -8.31 -16.39 -42.22
CA ASN B 674 -7.45 -15.17 -42.16
C ASN B 674 -6.89 -14.81 -40.75
N TYR B 675 -7.56 -15.30 -39.70
CA TYR B 675 -7.16 -15.03 -38.32
C TYR B 675 -6.11 -16.00 -37.85
N GLU B 676 -5.23 -15.52 -36.98
CA GLU B 676 -4.29 -16.40 -36.32
C GLU B 676 -5.10 -17.33 -35.41
N GLN B 677 -4.97 -18.62 -35.65
CA GLN B 677 -5.69 -19.63 -34.89
C GLN B 677 -5.06 -19.74 -33.50
N PRO B 678 -5.85 -19.81 -32.43
CA PRO B 678 -5.27 -20.07 -31.11
C PRO B 678 -4.60 -21.46 -31.16
N GLU B 679 -3.39 -21.55 -30.62
CA GLU B 679 -2.64 -22.80 -30.68
C GLU B 679 -3.09 -23.81 -29.61
N HIS B 680 -3.62 -23.31 -28.50
CA HIS B 680 -4.14 -24.17 -27.45
C HIS B 680 -5.66 -24.24 -27.57
N ASP B 681 -6.21 -25.27 -26.95
CA ASP B 681 -7.64 -25.54 -26.98
C ASP B 681 -8.37 -24.85 -25.81
N LEU B 682 -9.69 -24.97 -25.85
CA LEU B 682 -10.55 -24.42 -24.81
C LEU B 682 -10.21 -24.94 -23.42
N GLU B 683 -9.95 -26.25 -23.26
CA GLU B 683 -9.57 -26.77 -21.94
C GLU B 683 -8.31 -26.08 -21.37
N TYR B 684 -7.38 -25.71 -22.23
CA TYR B 684 -6.19 -25.03 -21.77
C TYR B 684 -6.54 -23.67 -21.17
N TYR B 685 -7.45 -22.96 -21.82
CA TYR B 685 -7.87 -21.64 -21.32
C TYR B 685 -8.71 -21.73 -20.06
N LYS B 686 -9.47 -22.80 -19.93
CA LYS B 686 -10.14 -23.04 -18.67
C LYS B 686 -9.10 -23.26 -17.54
N MET B 687 -7.94 -23.87 -17.84
CA MET B 687 -6.79 -23.99 -16.91
C MET B 687 -6.11 -22.65 -16.65
N LEU B 688 -5.90 -21.82 -17.66
CA LEU B 688 -5.33 -20.48 -17.41
C LEU B 688 -6.28 -19.64 -16.53
N ALA B 689 -7.58 -19.91 -16.59
N ALA B 689 -7.60 -19.88 -16.62
CA ALA B 689 -8.57 -19.21 -15.76
CA ALA B 689 -8.58 -19.22 -15.76
C ALA B 689 -8.57 -19.68 -14.30
C ALA B 689 -8.39 -19.58 -14.29
N ARG B 690 -7.88 -20.77 -14.02
CA ARG B 690 -7.69 -21.20 -12.63
C ARG B 690 -6.33 -20.78 -12.07
N THR B 691 -5.34 -20.61 -12.94
CA THR B 691 -3.93 -20.50 -12.48
C THR B 691 -3.31 -19.10 -12.72
N THR B 692 -4.09 -18.22 -13.39
N THR B 692 -3.96 -18.34 -13.55
CA THR B 692 -3.67 -16.83 -13.64
CA THR B 692 -4.32 -17.07 -13.05
C THR B 692 -3.79 -15.90 -12.40
C THR B 692 -3.78 -15.82 -12.49
N TYR B 693 -2.56 -15.63 -11.97
CA TYR B 693 -2.39 -14.58 -10.94
C TYR B 693 -3.39 -13.45 -11.06
N VAL B 694 -4.30 -13.42 -10.07
CA VAL B 694 -5.28 -12.36 -9.93
C VAL B 694 -4.58 -11.26 -9.13
N PRO B 695 -4.22 -10.16 -9.76
CA PRO B 695 -3.48 -9.06 -9.10
C PRO B 695 -4.35 -8.04 -8.37
N GLU B 696 -4.79 -8.50 -7.20
CA GLU B 696 -5.53 -7.64 -6.29
C GLU B 696 -5.34 -8.15 -4.83
N PRO B 697 -5.10 -7.27 -3.87
CA PRO B 697 -5.02 -7.65 -2.48
C PRO B 697 -6.33 -8.14 -1.87
N TRP B 698 -7.43 -7.44 -2.13
CA TRP B 698 -8.74 -7.87 -1.65
C TRP B 698 -9.18 -9.15 -2.31
N HIS B 699 -9.96 -9.99 -1.68
CA HIS B 699 -10.56 -11.08 -2.51
C HIS B 699 -12.00 -11.39 -2.14
N PRO B 700 -12.78 -11.87 -3.13
CA PRO B 700 -14.22 -11.94 -2.91
C PRO B 700 -14.63 -12.42 -1.50
#